data_4NRJ
#
_entry.id   4NRJ
#
_cell.length_a   83.690
_cell.length_b   128.600
_cell.length_c   211.180
_cell.angle_alpha   90.00
_cell.angle_beta   90.00
_cell.angle_gamma   90.00
#
_symmetry.space_group_name_H-M   'P 21 2 21'
#
loop_
_entity.id
_entity.type
_entity.pdbx_description
1 polymer 'HEMAGGLUTININ HA1 CHAIN'
2 polymer 'HEMAGGLUTININ HA2 CHAIN'
3 branched 2-acetamido-2-deoxy-beta-D-glucopyranose-(1-4)-2-acetamido-2-deoxy-beta-D-glucopyranose
4 branched beta-D-mannopyranose-(1-4)-2-acetamido-2-deoxy-beta-D-glucopyranose-(1-4)-2-acetamido-2-deoxy-beta-D-glucopyranose
5 non-polymer 2-acetamido-2-deoxy-beta-D-glucopyranose
6 water water
#
loop_
_entity_poly.entity_id
_entity_poly.type
_entity_poly.pdbx_seq_one_letter_code
_entity_poly.pdbx_strand_id
1 'polypeptide(L)'
;DRICTGITSSNSPHVVKTATQGEVNVTGVIPLTTTPTRSHFANLKGTQTRGKLCPNCFNCTDLDVALGRPKCMGNIPSAK
VSILHEVKPVTSGCYPIMHDRTKIRQLPNLLRGYENIRLSTSNVINTETAPGGPYKVGTSGSCPNVTNGNGFFNTMAWVI
PKDNNKIAINPVTVEVPYICSEGEDQITVWGFHSDDKTQMERLYGDSNPQKFTSSANGVTTHYVSQIGGFPNQTEDEGLK
QSGRIVVDYMVQKPGKTGTIVYQRGILLPQKVWCASGRSKVIKGSLPLIGEADCLHEKYGGLNKSKPYYTGEHAKAIGNC
PIWVKTPLKLANGTKYRPPAKLLKER
;
A,C,E
2 'polypeptide(L)'
;GFFGAIAGFLEGGWEGMIAGWHGYTSHGAHGVAVAADLKSTQEAINKITKNLNSLSELEVKNLQRLSGAMNELHDEILEL
DEKVDDLRADTISSQIELAVLLSNEGIINSEDEHLLALERKLKKMLGPSAVEIGNGCFETKHKCNQTCLDRIAAGTFNAG
DFSLPTFDSLNITAASGALVPR
;
B,D,F
#
# COMPACT_ATOMS: atom_id res chain seq x y z
N ASP A 1 -11.96 22.54 60.23
CA ASP A 1 -11.14 22.97 59.10
C ASP A 1 -11.71 22.44 57.78
N ARG A 2 -11.17 22.93 56.67
CA ARG A 2 -11.58 22.47 55.35
C ARG A 2 -10.47 21.71 54.64
N ILE A 3 -10.75 20.44 54.33
CA ILE A 3 -9.80 19.58 53.63
C ILE A 3 -10.27 19.32 52.20
N CYS A 4 -9.40 19.58 51.23
CA CYS A 4 -9.78 19.47 49.83
C CYS A 4 -8.84 18.57 49.05
N THR A 5 -9.31 18.05 47.92
CA THR A 5 -8.44 17.36 46.98
C THR A 5 -7.80 18.38 46.05
N GLY A 6 -6.53 18.16 45.70
CA GLY A 6 -5.83 19.09 44.84
C GLY A 6 -4.80 18.47 43.91
N ILE A 7 -4.36 19.24 42.93
CA ILE A 7 -3.35 18.80 41.98
C ILE A 7 -2.15 19.74 42.07
N THR A 8 -0.95 19.19 41.90
CA THR A 8 0.29 19.96 41.98
C THR A 8 0.36 21.08 40.94
N SER A 9 1.32 21.98 41.13
CA SER A 9 1.63 23.01 40.15
C SER A 9 3.14 23.13 39.97
N SER A 10 3.61 22.90 38.75
CA SER A 10 5.04 22.91 38.48
C SER A 10 5.33 23.49 37.10
N ASN A 11 6.61 23.71 36.81
CA ASN A 11 7.05 24.17 35.51
C ASN A 11 6.63 23.17 34.42
N SER A 12 5.90 23.66 33.42
CA SER A 12 5.33 22.77 32.41
C SER A 12 5.68 23.21 30.99
N PRO A 13 6.94 22.96 30.58
CA PRO A 13 7.40 23.39 29.25
C PRO A 13 7.02 22.44 28.12
N HIS A 14 6.64 21.21 28.46
CA HIS A 14 6.33 20.20 27.44
C HIS A 14 4.88 20.31 26.97
N VAL A 15 4.66 20.06 25.69
CA VAL A 15 3.34 20.17 25.10
C VAL A 15 2.90 18.89 24.39
N VAL A 16 1.67 18.46 24.65
CA VAL A 16 1.07 17.36 23.92
C VAL A 16 -0.30 17.74 23.38
N LYS A 17 -0.74 17.06 22.32
CA LYS A 17 -2.06 17.30 21.77
C LYS A 17 -3.09 16.36 22.38
N THR A 18 -4.30 16.88 22.56
CA THR A 18 -5.43 16.07 23.02
C THR A 18 -6.58 16.18 22.03
N ALA A 19 -7.54 15.28 22.13
CA ALA A 19 -8.71 15.33 21.27
C ALA A 19 -9.68 16.45 21.67
N THR A 20 -9.87 16.64 22.98
CA THR A 20 -10.93 17.50 23.46
C THR A 20 -10.47 18.78 24.15
N GLN A 21 -9.15 18.94 24.32
CA GLN A 21 -8.64 20.13 25.00
C GLN A 21 -7.54 20.83 24.20
N GLY A 22 -7.34 20.42 22.97
CA GLY A 22 -6.31 21.00 22.12
C GLY A 22 -4.92 20.70 22.64
N GLU A 23 -3.98 21.60 22.39
CA GLU A 23 -2.62 21.45 22.93
C GLU A 23 -2.58 21.88 24.39
N VAL A 24 -1.90 21.10 25.21
CA VAL A 24 -1.78 21.42 26.63
C VAL A 24 -0.35 21.26 27.15
N ASN A 25 0.01 22.11 28.09
CA ASN A 25 1.29 21.99 28.79
C ASN A 25 1.21 20.92 29.88
N VAL A 26 2.32 20.22 30.11
CA VAL A 26 2.36 19.18 31.13
C VAL A 26 3.67 19.22 31.91
N THR A 27 3.66 18.63 33.10
CA THR A 27 4.81 18.68 33.99
C THR A 27 5.91 17.74 33.52
N GLY A 28 5.53 16.73 32.75
CA GLY A 28 6.48 15.74 32.28
C GLY A 28 5.98 14.95 31.09
N VAL A 29 6.91 14.53 30.24
CA VAL A 29 6.59 13.69 29.10
C VAL A 29 7.58 12.52 29.00
N ILE A 30 7.13 11.44 28.36
CA ILE A 30 8.04 10.39 27.94
C ILE A 30 8.22 10.48 26.43
N PRO A 31 9.42 10.87 25.99
CA PRO A 31 9.66 10.99 24.54
C PRO A 31 9.57 9.63 23.85
N LEU A 32 8.89 9.59 22.71
CA LEU A 32 8.69 8.35 21.99
C LEU A 32 9.55 8.26 20.73
N THR A 33 10.22 9.37 20.40
CA THR A 33 11.02 9.41 19.18
C THR A 33 12.44 9.94 19.41
N THR A 34 13.33 9.59 18.48
CA THR A 34 14.62 10.25 18.35
C THR A 34 14.90 10.51 16.88
N THR A 35 15.85 11.39 16.60
CA THR A 35 16.39 11.49 15.25
C THR A 35 17.74 10.81 15.22
N PRO A 36 17.84 9.70 14.49
CA PRO A 36 19.10 8.95 14.40
C PRO A 36 20.19 9.76 13.73
N THR A 37 21.44 9.39 13.96
CA THR A 37 22.55 10.01 13.24
C THR A 37 23.15 9.01 12.28
N ARG A 38 23.64 9.52 11.16
CA ARG A 38 24.22 8.68 10.12
C ARG A 38 25.43 7.93 10.66
N SER A 39 25.45 6.62 10.46
CA SER A 39 26.54 5.79 10.95
C SER A 39 27.04 4.82 9.88
N HIS A 40 28.14 4.15 10.17
CA HIS A 40 28.65 3.09 9.31
C HIS A 40 27.65 1.94 9.28
N PHE A 41 27.64 1.18 8.19
CA PHE A 41 26.79 -0.01 8.14
C PHE A 41 27.42 -1.15 8.93
N ALA A 42 26.62 -2.18 9.21
CA ALA A 42 27.04 -3.22 10.13
C ALA A 42 26.36 -4.54 9.81
N ASN A 43 26.72 -5.58 10.54
CA ASN A 43 26.02 -6.85 10.46
C ASN A 43 24.69 -6.75 11.21
N LEU A 44 23.64 -7.31 10.63
CA LEU A 44 22.35 -7.33 11.30
C LEU A 44 22.42 -8.34 12.43
N LYS A 45 22.13 -7.87 13.64
CA LYS A 45 22.17 -8.73 14.82
C LYS A 45 21.29 -9.96 14.65
N GLY A 46 21.87 -11.14 14.85
CA GLY A 46 21.11 -12.38 14.77
C GLY A 46 20.88 -12.87 13.36
N THR A 47 21.54 -12.24 12.39
CA THR A 47 21.35 -12.61 10.99
C THR A 47 22.61 -12.36 10.15
N GLN A 48 23.14 -13.43 9.56
CA GLN A 48 24.29 -13.33 8.68
C GLN A 48 24.01 -12.37 7.52
N THR A 49 24.90 -11.40 7.32
CA THR A 49 24.64 -10.29 6.43
C THR A 49 25.61 -10.29 5.27
N ARG A 50 25.09 -10.36 4.05
CA ARG A 50 25.93 -10.45 2.87
C ARG A 50 26.40 -9.07 2.38
N GLY A 51 27.70 -8.95 2.19
CA GLY A 51 28.27 -7.77 1.55
C GLY A 51 28.75 -8.18 0.17
N LYS A 52 30.03 -8.49 0.06
CA LYS A 52 30.57 -9.11 -1.13
C LYS A 52 29.94 -10.48 -1.33
N LEU A 53 29.63 -10.83 -2.57
CA LEU A 53 29.11 -12.17 -2.89
C LEU A 53 30.05 -13.25 -2.37
N CYS A 54 31.32 -13.12 -2.72
CA CYS A 54 32.34 -14.08 -2.31
C CYS A 54 33.39 -13.41 -1.43
N PRO A 55 33.22 -13.53 -0.10
CA PRO A 55 34.11 -12.91 0.87
C PRO A 55 35.57 -13.33 0.73
N ASN A 56 35.78 -14.59 0.36
CA ASN A 56 37.13 -15.15 0.29
C ASN A 56 37.81 -14.95 -1.07
N CYS A 57 37.10 -14.36 -2.01
CA CYS A 57 37.69 -14.02 -3.30
C CYS A 57 38.28 -12.61 -3.26
N PHE A 58 39.55 -12.52 -2.84
CA PHE A 58 40.19 -11.23 -2.65
C PHE A 58 40.57 -10.56 -3.96
N ASN A 59 40.42 -9.25 -3.98
CA ASN A 59 40.66 -8.40 -5.15
C ASN A 59 39.72 -8.78 -6.30
N CYS A 60 38.52 -9.24 -5.94
CA CYS A 60 37.51 -9.60 -6.91
C CYS A 60 36.23 -8.80 -6.64
N THR A 61 35.70 -8.16 -7.68
CA THR A 61 34.42 -7.47 -7.55
C THR A 61 33.28 -8.47 -7.67
N ASP A 62 32.10 -8.06 -7.23
CA ASP A 62 30.92 -8.93 -7.30
C ASP A 62 30.60 -9.34 -8.73
N LEU A 63 30.78 -8.42 -9.68
CA LEU A 63 30.54 -8.71 -11.08
C LEU A 63 31.58 -9.66 -11.64
N ASP A 64 32.83 -9.52 -11.19
CA ASP A 64 33.88 -10.49 -11.53
C ASP A 64 33.45 -11.91 -11.18
N VAL A 65 32.96 -12.07 -9.95
CA VAL A 65 32.55 -13.37 -9.44
C VAL A 65 31.37 -13.91 -10.23
N ALA A 66 30.40 -13.03 -10.51
CA ALA A 66 29.17 -13.43 -11.18
C ALA A 66 29.44 -13.91 -12.61
N LEU A 67 30.47 -13.34 -13.24
CA LEU A 67 30.85 -13.72 -14.59
C LEU A 67 31.79 -14.92 -14.60
N GLY A 68 32.27 -15.30 -13.42
CA GLY A 68 33.17 -16.44 -13.31
C GLY A 68 34.58 -16.14 -13.79
N ARG A 69 35.02 -14.90 -13.55
CA ARG A 69 36.40 -14.53 -13.83
C ARG A 69 37.37 -15.48 -13.14
N PRO A 70 38.41 -15.93 -13.87
CA PRO A 70 39.41 -16.82 -13.27
C PRO A 70 40.04 -16.21 -12.03
N LYS A 71 40.32 -17.05 -11.03
CA LYS A 71 40.80 -16.65 -9.70
C LYS A 71 39.69 -16.07 -8.84
N CYS A 72 38.51 -15.87 -9.42
CA CYS A 72 37.39 -15.31 -8.67
C CYS A 72 36.28 -16.33 -8.49
N MET A 73 36.67 -17.59 -8.29
CA MET A 73 35.72 -18.62 -7.92
C MET A 73 35.93 -18.94 -6.45
N GLY A 74 34.83 -19.19 -5.74
CA GLY A 74 34.90 -19.46 -4.32
C GLY A 74 33.53 -19.64 -3.71
N ASN A 75 33.50 -19.90 -2.41
CA ASN A 75 32.24 -20.07 -1.70
C ASN A 75 31.41 -18.80 -1.67
N ILE A 76 30.13 -18.92 -2.03
CA ILE A 76 29.19 -17.83 -1.87
C ILE A 76 28.19 -18.21 -0.79
N PRO A 77 28.42 -17.73 0.44
CA PRO A 77 27.58 -18.05 1.59
C PRO A 77 26.13 -17.61 1.39
N SER A 78 25.20 -18.41 1.89
CA SER A 78 23.81 -18.00 1.94
C SER A 78 23.63 -16.88 2.95
N ALA A 79 22.62 -16.04 2.73
CA ALA A 79 22.33 -14.93 3.63
C ALA A 79 20.89 -14.48 3.46
N LYS A 80 20.20 -14.28 4.58
CA LYS A 80 18.82 -13.84 4.55
C LYS A 80 18.74 -12.32 4.43
N VAL A 81 19.89 -11.66 4.59
CA VAL A 81 19.97 -10.21 4.45
C VAL A 81 21.21 -9.83 3.65
N SER A 82 21.03 -8.92 2.67
CA SER A 82 22.13 -8.54 1.79
C SER A 82 22.19 -7.02 1.61
N ILE A 83 23.39 -6.50 1.47
CA ILE A 83 23.61 -5.08 1.24
C ILE A 83 23.99 -4.82 -0.22
N LEU A 84 23.21 -3.96 -0.88
CA LEU A 84 23.53 -3.54 -2.24
C LEU A 84 24.44 -2.32 -2.21
N HIS A 85 25.74 -2.55 -2.44
CA HIS A 85 26.74 -1.50 -2.31
C HIS A 85 27.22 -0.96 -3.66
N GLU A 86 26.76 -1.58 -4.74
CA GLU A 86 27.06 -1.10 -6.09
C GLU A 86 25.78 -0.95 -6.91
N VAL A 87 25.34 0.29 -7.12
CA VAL A 87 24.15 0.53 -7.93
C VAL A 87 24.43 0.19 -9.40
N LYS A 88 25.70 0.32 -9.79
CA LYS A 88 26.14 -0.08 -11.13
C LYS A 88 27.47 -0.83 -11.06
N PRO A 89 27.40 -2.14 -10.78
CA PRO A 89 28.58 -2.98 -10.54
C PRO A 89 29.61 -2.95 -11.67
N VAL A 90 30.88 -2.99 -11.32
CA VAL A 90 31.96 -2.94 -12.29
C VAL A 90 32.82 -4.20 -12.25
N THR A 91 33.48 -4.49 -13.37
CA THR A 91 34.50 -5.54 -13.39
C THR A 91 35.86 -4.91 -13.10
N SER A 92 36.83 -5.74 -12.75
CA SER A 92 38.18 -5.25 -12.48
C SER A 92 39.24 -6.16 -13.09
N GLY A 93 38.90 -6.84 -14.18
CA GLY A 93 39.84 -7.72 -14.84
C GLY A 93 39.30 -8.43 -16.07
N CYS A 94 40.11 -9.36 -16.58
CA CYS A 94 39.73 -10.25 -17.68
C CYS A 94 39.46 -9.49 -18.98
N TYR A 95 38.78 -10.14 -19.91
CA TYR A 95 38.61 -9.62 -21.27
C TYR A 95 37.64 -8.45 -21.29
N PRO A 96 37.96 -7.40 -22.07
CA PRO A 96 37.18 -6.16 -22.12
C PRO A 96 35.73 -6.36 -22.57
N ILE A 97 34.81 -5.94 -21.71
CA ILE A 97 33.38 -6.03 -21.98
C ILE A 97 32.81 -4.66 -22.35
N MET A 98 31.89 -4.63 -23.30
CA MET A 98 31.09 -3.43 -23.54
C MET A 98 29.80 -3.50 -22.72
N HIS A 99 29.96 -3.18 -21.43
CA HIS A 99 28.93 -3.42 -20.41
C HIS A 99 27.55 -2.84 -20.69
N ASP A 100 27.50 -1.59 -21.14
CA ASP A 100 26.24 -0.86 -21.18
C ASP A 100 25.38 -1.21 -22.39
N ARG A 101 25.82 -2.19 -23.17
CA ARG A 101 25.05 -2.63 -24.32
C ARG A 101 24.07 -3.74 -23.93
N THR A 102 24.17 -4.19 -22.69
CA THR A 102 23.21 -5.13 -22.12
C THR A 102 22.91 -4.78 -20.66
N LYS A 103 22.15 -5.65 -20.00
CA LYS A 103 21.78 -5.49 -18.61
C LYS A 103 22.75 -6.18 -17.66
N ILE A 104 23.86 -6.67 -18.21
CA ILE A 104 24.77 -7.55 -17.50
C ILE A 104 25.31 -7.02 -16.17
N ARG A 105 25.44 -5.69 -16.05
CA ARG A 105 25.99 -5.11 -14.83
C ARG A 105 25.19 -5.47 -13.58
N GLN A 106 23.88 -5.64 -13.74
CA GLN A 106 23.00 -5.86 -12.59
C GLN A 106 22.96 -7.31 -12.14
N LEU A 107 23.64 -8.19 -12.88
CA LEU A 107 23.66 -9.62 -12.58
C LEU A 107 24.04 -9.96 -11.11
N PRO A 108 25.13 -9.38 -10.58
CA PRO A 108 25.41 -9.70 -9.17
C PRO A 108 24.36 -9.13 -8.22
N ASN A 109 23.71 -8.04 -8.62
CA ASN A 109 22.65 -7.45 -7.81
C ASN A 109 21.40 -8.33 -7.85
N LEU A 110 21.19 -8.98 -9.00
CA LEU A 110 20.13 -9.95 -9.15
C LEU A 110 20.37 -11.17 -8.27
N LEU A 111 21.62 -11.66 -8.28
CA LEU A 111 21.99 -12.84 -7.50
C LEU A 111 21.82 -12.61 -6.01
N ARG A 112 22.23 -11.45 -5.52
CA ARG A 112 22.21 -11.16 -4.09
C ARG A 112 20.79 -11.06 -3.55
N GLY A 113 19.81 -11.01 -4.45
CA GLY A 113 18.40 -10.99 -4.06
C GLY A 113 17.93 -12.36 -3.62
N TYR A 114 18.71 -13.38 -3.92
CA TYR A 114 18.43 -14.74 -3.49
C TYR A 114 19.15 -15.05 -2.17
N GLU A 115 18.56 -15.92 -1.36
CA GLU A 115 19.24 -16.37 -0.16
C GLU A 115 20.42 -17.27 -0.53
N ASN A 116 20.18 -18.25 -1.39
CA ASN A 116 21.21 -19.22 -1.79
C ASN A 116 21.72 -18.99 -3.20
N ILE A 117 23.04 -18.91 -3.34
CA ILE A 117 23.67 -18.73 -4.65
C ILE A 117 24.78 -19.76 -4.84
N ARG A 118 24.68 -20.57 -5.90
CA ARG A 118 25.75 -21.51 -6.22
C ARG A 118 25.97 -21.63 -7.73
N LEU A 119 27.22 -21.84 -8.12
CA LEU A 119 27.55 -22.11 -9.51
C LEU A 119 27.45 -23.61 -9.79
N SER A 120 26.89 -23.97 -10.94
CA SER A 120 26.77 -25.38 -11.33
C SER A 120 28.15 -26.00 -11.54
N THR A 121 28.25 -27.30 -11.31
CA THR A 121 29.52 -28.01 -11.47
C THR A 121 29.68 -28.56 -12.89
N SER A 122 28.55 -28.82 -13.55
CA SER A 122 28.58 -29.27 -14.95
C SER A 122 28.26 -28.13 -15.91
N ASN A 123 28.65 -28.30 -17.17
CA ASN A 123 28.32 -27.33 -18.21
C ASN A 123 26.93 -27.55 -18.77
N VAL A 124 26.24 -26.46 -19.08
CA VAL A 124 24.85 -26.54 -19.53
C VAL A 124 24.81 -26.89 -21.02
N ILE A 125 25.92 -26.65 -21.70
CA ILE A 125 26.04 -27.00 -23.12
C ILE A 125 27.42 -27.60 -23.41
N ASN A 126 27.43 -28.71 -24.16
CA ASN A 126 28.68 -29.30 -24.62
C ASN A 126 29.16 -28.62 -25.90
N THR A 127 30.29 -27.94 -25.81
CA THR A 127 30.85 -27.20 -26.94
C THR A 127 31.22 -28.13 -28.11
N GLU A 128 31.43 -29.40 -27.82
CA GLU A 128 31.87 -30.36 -28.81
C GLU A 128 30.72 -30.91 -29.63
N THR A 129 29.49 -30.63 -29.21
CA THR A 129 28.30 -31.04 -29.95
C THR A 129 27.40 -29.86 -30.27
N ALA A 130 27.86 -28.67 -29.91
CA ALA A 130 27.07 -27.45 -30.11
C ALA A 130 26.98 -27.12 -31.60
N PRO A 131 25.79 -26.67 -32.05
CA PRO A 131 25.52 -26.29 -33.43
C PRO A 131 26.55 -25.30 -33.99
N GLY A 132 26.89 -25.46 -35.26
CA GLY A 132 27.77 -24.54 -35.95
C GLY A 132 29.17 -25.10 -36.17
N GLY A 133 29.23 -26.31 -36.71
CA GLY A 133 30.50 -26.97 -36.98
C GLY A 133 31.33 -27.24 -35.74
N PRO A 134 32.50 -27.85 -35.92
CA PRO A 134 33.39 -28.17 -34.80
C PRO A 134 34.13 -26.93 -34.27
N TYR A 135 34.37 -26.90 -32.96
CA TYR A 135 34.95 -25.72 -32.34
C TYR A 135 36.22 -26.05 -31.58
N LYS A 136 37.04 -25.03 -31.37
CA LYS A 136 38.03 -25.05 -30.31
C LYS A 136 37.68 -23.92 -29.36
N VAL A 137 38.04 -24.06 -28.09
CA VAL A 137 37.71 -23.02 -27.12
C VAL A 137 38.84 -22.01 -27.02
N GLY A 138 38.49 -20.73 -27.06
CA GLY A 138 39.49 -19.69 -27.00
C GLY A 138 39.81 -19.28 -25.58
N THR A 139 41.01 -18.80 -25.37
CA THR A 139 41.44 -18.28 -24.08
C THR A 139 42.19 -16.97 -24.32
N SER A 140 42.56 -16.28 -23.25
CA SER A 140 43.19 -14.97 -23.40
C SER A 140 44.20 -14.69 -22.30
N GLY A 141 45.18 -13.85 -22.63
CA GLY A 141 46.17 -13.42 -21.67
C GLY A 141 45.56 -12.49 -20.65
N SER A 142 44.42 -11.90 -21.02
CA SER A 142 43.68 -11.02 -20.14
C SER A 142 43.05 -11.80 -18.99
N CYS A 143 42.94 -13.12 -19.16
CA CYS A 143 42.26 -13.94 -18.16
C CYS A 143 43.14 -15.06 -17.58
N PRO A 144 44.21 -14.69 -16.87
CA PRO A 144 45.10 -15.71 -16.31
C PRO A 144 44.40 -16.52 -15.23
N ASN A 145 44.47 -17.85 -15.25
CA ASN A 145 43.80 -18.63 -14.23
C ASN A 145 44.72 -18.85 -13.03
N VAL A 146 44.38 -19.82 -12.18
CA VAL A 146 45.07 -20.00 -10.90
C VAL A 146 46.52 -20.46 -11.04
N THR A 147 46.88 -20.95 -12.22
CA THR A 147 48.28 -21.22 -12.53
C THR A 147 48.78 -20.27 -13.62
N ASN A 148 48.08 -19.16 -13.77
CA ASN A 148 48.45 -18.06 -14.66
C ASN A 148 48.50 -18.44 -16.14
N GLY A 149 47.87 -19.55 -16.51
CA GLY A 149 47.71 -19.88 -17.90
C GLY A 149 46.54 -19.11 -18.49
N ASN A 150 46.54 -18.91 -19.81
CA ASN A 150 45.46 -18.21 -20.49
C ASN A 150 44.10 -18.88 -20.31
N GLY A 151 43.10 -18.12 -19.92
CA GLY A 151 41.78 -18.66 -19.66
C GLY A 151 40.67 -17.77 -20.15
N PHE A 152 39.50 -17.92 -19.54
CA PHE A 152 38.31 -17.18 -19.93
C PHE A 152 37.26 -17.29 -18.82
N PHE A 153 36.25 -16.43 -18.87
CA PHE A 153 35.11 -16.51 -17.94
C PHE A 153 34.56 -17.93 -17.84
N ASN A 154 34.57 -18.48 -16.64
CA ASN A 154 34.12 -19.86 -16.43
C ASN A 154 32.64 -20.07 -16.68
N THR A 155 31.87 -18.98 -16.75
CA THR A 155 30.44 -19.09 -17.04
C THR A 155 30.19 -19.26 -18.53
N MET A 156 31.23 -19.07 -19.33
CA MET A 156 31.08 -19.09 -20.78
C MET A 156 32.20 -19.86 -21.47
N ALA A 157 31.95 -20.22 -22.73
CA ALA A 157 32.99 -20.83 -23.56
C ALA A 157 33.14 -20.06 -24.86
N TRP A 158 34.30 -19.44 -25.05
CA TRP A 158 34.61 -18.76 -26.29
C TRP A 158 34.92 -19.79 -27.37
N VAL A 159 33.89 -20.17 -28.15
CA VAL A 159 34.09 -21.19 -29.17
C VAL A 159 34.54 -20.56 -30.49
N ILE A 160 35.60 -21.13 -31.04
CA ILE A 160 36.19 -20.64 -32.28
C ILE A 160 36.26 -21.78 -33.29
N PRO A 161 35.73 -21.56 -34.50
CA PRO A 161 35.73 -22.60 -35.54
C PRO A 161 37.12 -23.13 -35.82
N LYS A 162 37.23 -24.45 -36.01
CA LYS A 162 38.50 -25.07 -36.32
C LYS A 162 39.03 -24.56 -37.66
N ASP A 163 40.33 -24.75 -37.90
CA ASP A 163 40.99 -24.20 -39.08
C ASP A 163 40.36 -24.65 -40.39
N ASN A 164 39.67 -25.80 -40.36
CA ASN A 164 38.94 -26.30 -41.52
C ASN A 164 37.48 -25.85 -41.54
N ASN A 165 37.10 -24.96 -40.63
CA ASN A 165 35.69 -24.62 -40.44
C ASN A 165 35.49 -23.10 -40.42
N LYS A 166 36.49 -22.37 -40.89
CA LYS A 166 36.43 -20.92 -40.94
C LYS A 166 35.41 -20.46 -41.99
N ILE A 167 34.13 -20.51 -41.65
CA ILE A 167 33.09 -20.17 -42.60
C ILE A 167 31.87 -19.54 -41.92
N ALA A 168 31.21 -18.64 -42.64
CA ALA A 168 29.97 -18.04 -42.18
C ALA A 168 28.87 -19.07 -41.99
N ILE A 169 27.98 -18.83 -41.03
CA ILE A 169 26.83 -19.70 -40.84
C ILE A 169 25.55 -18.89 -40.74
N ASN A 170 24.45 -19.49 -41.17
CA ASN A 170 23.13 -18.98 -40.83
C ASN A 170 22.97 -19.06 -39.32
N PRO A 171 22.10 -18.21 -38.75
CA PRO A 171 21.90 -18.30 -37.29
C PRO A 171 21.38 -19.67 -36.87
N VAL A 172 22.10 -20.32 -35.97
CA VAL A 172 21.70 -21.63 -35.49
C VAL A 172 21.13 -21.53 -34.08
N THR A 173 20.26 -22.47 -33.73
CA THR A 173 19.56 -22.42 -32.45
C THR A 173 20.05 -23.50 -31.51
N VAL A 174 20.31 -23.11 -30.26
CA VAL A 174 20.61 -24.08 -29.22
C VAL A 174 19.63 -23.93 -28.06
N GLU A 175 19.14 -25.06 -27.56
CA GLU A 175 18.31 -25.05 -26.37
C GLU A 175 19.18 -25.12 -25.12
N VAL A 176 18.95 -24.20 -24.20
CA VAL A 176 19.67 -24.20 -22.93
C VAL A 176 18.82 -24.92 -21.89
N PRO A 177 19.21 -26.15 -21.54
CA PRO A 177 18.44 -26.98 -20.61
C PRO A 177 18.45 -26.43 -19.19
N TYR A 178 17.41 -26.74 -18.44
CA TYR A 178 17.38 -26.44 -17.02
C TYR A 178 18.11 -27.56 -16.27
N ILE A 179 19.23 -27.23 -15.65
CA ILE A 179 20.04 -28.24 -14.97
C ILE A 179 20.10 -28.05 -13.46
N CYS A 180 19.30 -27.12 -12.94
CA CYS A 180 19.31 -26.85 -11.51
C CYS A 180 18.36 -27.77 -10.75
N SER A 181 18.44 -27.72 -9.42
CA SER A 181 17.64 -28.59 -8.56
C SER A 181 16.26 -28.01 -8.26
N GLU A 182 15.38 -28.84 -7.70
CA GLU A 182 14.01 -28.48 -7.34
C GLU A 182 13.87 -27.07 -6.76
N GLY A 183 13.10 -26.22 -7.43
CA GLY A 183 12.78 -24.91 -6.91
C GLY A 183 13.78 -23.81 -7.20
N GLU A 184 14.93 -24.16 -7.77
CA GLU A 184 15.97 -23.17 -8.04
C GLU A 184 15.76 -22.43 -9.35
N ASP A 185 16.05 -21.14 -9.36
CA ASP A 185 16.14 -20.39 -10.59
C ASP A 185 17.49 -20.64 -11.23
N GLN A 186 17.51 -20.75 -12.56
CA GLN A 186 18.76 -20.84 -13.26
C GLN A 186 19.04 -19.52 -13.95
N ILE A 187 20.21 -18.96 -13.70
CA ILE A 187 20.61 -17.72 -14.37
C ILE A 187 21.74 -18.05 -15.34
N THR A 188 21.43 -17.96 -16.62
CA THR A 188 22.34 -18.38 -17.66
C THR A 188 23.12 -17.20 -18.21
N VAL A 189 24.45 -17.28 -18.15
CA VAL A 189 25.30 -16.22 -18.67
C VAL A 189 25.83 -16.63 -20.03
N TRP A 190 25.78 -15.69 -20.97
CA TRP A 190 26.20 -15.96 -22.34
C TRP A 190 26.55 -14.64 -23.01
N GLY A 191 27.09 -14.70 -24.21
CA GLY A 191 27.41 -13.50 -24.94
C GLY A 191 28.02 -13.76 -26.30
N PHE A 192 28.69 -12.75 -26.84
CA PHE A 192 29.38 -12.91 -28.11
C PHE A 192 30.61 -12.01 -28.23
N HIS A 193 31.67 -12.59 -28.81
CA HIS A 193 32.90 -11.88 -29.09
C HIS A 193 32.86 -11.26 -30.48
N SER A 194 33.46 -10.08 -30.62
CA SER A 194 33.63 -9.46 -31.92
C SER A 194 35.00 -8.80 -32.02
N ASP A 195 35.39 -8.46 -33.23
CA ASP A 195 36.74 -7.91 -33.47
C ASP A 195 36.73 -7.04 -34.73
N ASP A 196 37.89 -6.52 -35.09
CA ASP A 196 37.98 -5.75 -36.34
C ASP A 196 37.87 -6.71 -37.53
N LYS A 197 37.73 -6.14 -38.72
CA LYS A 197 37.47 -6.93 -39.92
C LYS A 197 38.52 -8.02 -40.15
N THR A 198 39.77 -7.69 -39.88
CA THR A 198 40.88 -8.62 -40.11
C THR A 198 40.82 -9.83 -39.20
N GLN A 199 40.71 -9.59 -37.89
CA GLN A 199 40.65 -10.67 -36.91
C GLN A 199 39.38 -11.51 -37.06
N MET A 200 38.28 -10.86 -37.42
CA MET A 200 37.01 -11.54 -37.64
C MET A 200 37.17 -12.61 -38.71
N GLU A 201 37.80 -12.24 -39.81
CA GLU A 201 38.07 -13.17 -40.89
C GLU A 201 39.04 -14.28 -40.47
N ARG A 202 40.10 -13.91 -39.77
CA ARG A 202 41.04 -14.89 -39.23
C ARG A 202 40.36 -15.88 -38.28
N LEU A 203 39.62 -15.34 -37.31
CA LEU A 203 38.99 -16.18 -36.28
C LEU A 203 37.76 -16.94 -36.78
N TYR A 204 36.94 -16.29 -37.59
CA TYR A 204 35.60 -16.81 -37.87
C TYR A 204 35.31 -17.03 -39.35
N GLY A 205 36.14 -16.46 -40.21
CA GLY A 205 35.96 -16.59 -41.65
C GLY A 205 34.79 -15.75 -42.15
N ASP A 206 34.44 -14.73 -41.38
CA ASP A 206 33.35 -13.83 -41.71
C ASP A 206 33.59 -12.50 -41.00
N SER A 207 33.48 -11.40 -41.74
CA SER A 207 33.71 -10.08 -41.17
C SER A 207 32.45 -9.23 -41.20
N ASN A 208 31.32 -9.86 -41.51
CA ASN A 208 30.02 -9.18 -41.42
C ASN A 208 29.55 -9.15 -39.97
N PRO A 209 28.67 -8.19 -39.63
CA PRO A 209 28.07 -8.19 -38.29
C PRO A 209 27.33 -9.49 -38.03
N GLN A 210 27.50 -10.05 -36.83
CA GLN A 210 26.82 -11.28 -36.47
C GLN A 210 25.61 -10.96 -35.59
N LYS A 211 24.61 -11.82 -35.64
CA LYS A 211 23.35 -11.55 -34.95
C LYS A 211 23.04 -12.64 -33.92
N PHE A 212 22.48 -12.21 -32.79
CA PHE A 212 22.24 -13.11 -31.67
C PHE A 212 20.88 -12.84 -31.04
N THR A 213 20.15 -13.91 -30.74
CA THR A 213 18.80 -13.79 -30.21
C THR A 213 18.55 -14.81 -29.11
N SER A 214 18.07 -14.33 -27.97
CA SER A 214 17.76 -15.21 -26.84
C SER A 214 16.27 -15.15 -26.51
N SER A 215 15.74 -16.25 -25.99
CA SER A 215 14.35 -16.30 -25.56
C SER A 215 14.17 -17.15 -24.31
N ALA A 216 13.55 -16.57 -23.28
CA ALA A 216 13.27 -17.29 -22.05
C ALA A 216 12.14 -16.62 -21.30
N ASN A 217 11.19 -17.43 -20.82
CA ASN A 217 10.02 -16.96 -20.11
C ASN A 217 9.31 -15.79 -20.81
N GLY A 218 9.22 -15.89 -22.15
CA GLY A 218 8.53 -14.90 -22.93
C GLY A 218 9.36 -13.66 -23.21
N VAL A 219 10.54 -13.60 -22.62
CA VAL A 219 11.44 -12.47 -22.86
C VAL A 219 12.42 -12.76 -23.99
N THR A 220 12.32 -11.98 -25.05
CA THR A 220 13.26 -12.09 -26.17
C THR A 220 14.18 -10.88 -26.27
N THR A 221 15.46 -11.13 -26.55
CA THR A 221 16.42 -10.05 -26.75
C THR A 221 17.19 -10.28 -28.05
N HIS A 222 17.44 -9.21 -28.78
CA HIS A 222 18.12 -9.31 -30.05
C HIS A 222 19.32 -8.38 -30.12
N TYR A 223 20.46 -8.92 -30.54
CA TYR A 223 21.70 -8.16 -30.62
C TYR A 223 22.33 -8.29 -32.00
N VAL A 224 22.97 -7.20 -32.45
CA VAL A 224 23.79 -7.23 -33.65
C VAL A 224 25.19 -6.74 -33.31
N SER A 225 26.20 -7.50 -33.72
CA SER A 225 27.57 -7.22 -33.32
C SER A 225 28.15 -6.00 -34.05
N GLN A 226 29.29 -5.51 -33.55
CA GLN A 226 29.99 -4.39 -34.15
C GLN A 226 31.38 -4.81 -34.63
N ILE A 227 31.72 -4.43 -35.86
CA ILE A 227 33.03 -4.76 -36.42
C ILE A 227 34.00 -3.58 -36.35
N GLY A 228 34.93 -3.65 -35.40
CA GLY A 228 35.93 -2.61 -35.25
C GLY A 228 35.36 -1.28 -34.77
N GLY A 229 36.24 -0.31 -34.58
CA GLY A 229 35.84 1.01 -34.12
C GLY A 229 35.25 0.95 -32.72
N PHE A 230 35.81 0.08 -31.89
CA PHE A 230 35.29 -0.14 -30.54
C PHE A 230 35.65 1.04 -29.64
N PRO A 231 34.84 1.26 -28.60
CA PRO A 231 35.20 2.18 -27.50
C PRO A 231 36.41 1.66 -26.74
N ASN A 232 37.11 2.51 -25.98
CA ASN A 232 38.28 2.05 -25.26
C ASN A 232 38.00 0.98 -24.21
N GLN A 233 38.96 0.10 -24.03
CA GLN A 233 38.90 -0.94 -23.01
C GLN A 233 38.74 -0.29 -21.65
N THR A 234 37.85 -0.83 -20.83
CA THR A 234 37.67 -0.34 -19.48
C THR A 234 37.29 -1.47 -18.54
N GLU A 235 37.64 -1.32 -17.28
CA GLU A 235 37.29 -2.28 -16.23
C GLU A 235 37.78 -3.70 -16.55
N ASP A 236 38.89 -3.79 -17.29
CA ASP A 236 39.44 -5.09 -17.67
C ASP A 236 40.84 -5.32 -17.10
N GLU A 237 41.56 -6.28 -17.67
CA GLU A 237 42.85 -6.68 -17.11
C GLU A 237 43.95 -5.67 -17.41
N GLY A 238 43.76 -4.87 -18.44
CA GLY A 238 44.73 -3.85 -18.79
C GLY A 238 45.61 -4.28 -19.96
N LEU A 239 45.50 -5.55 -20.32
CA LEU A 239 46.24 -6.06 -21.48
C LEU A 239 45.50 -5.64 -22.74
N LYS A 240 46.21 -4.99 -23.65
CA LYS A 240 45.60 -4.42 -24.83
C LYS A 240 45.00 -5.52 -25.73
N GLN A 241 43.78 -5.30 -26.18
CA GLN A 241 43.08 -6.27 -27.00
C GLN A 241 42.37 -5.54 -28.14
N SER A 242 42.25 -6.20 -29.29
CA SER A 242 41.61 -5.57 -30.44
C SER A 242 40.12 -5.89 -30.48
N GLY A 243 39.74 -6.96 -29.79
CA GLY A 243 38.34 -7.38 -29.76
C GLY A 243 37.61 -6.97 -28.50
N ARG A 244 36.29 -7.08 -28.55
CA ARG A 244 35.44 -6.83 -27.39
C ARG A 244 34.41 -7.93 -27.29
N ILE A 245 33.94 -8.22 -26.09
CA ILE A 245 32.81 -9.11 -25.94
C ILE A 245 31.60 -8.37 -25.38
N VAL A 246 30.42 -8.88 -25.72
CA VAL A 246 29.18 -8.39 -25.15
C VAL A 246 28.59 -9.52 -24.33
N VAL A 247 28.17 -9.24 -23.10
CA VAL A 247 27.70 -10.30 -22.22
C VAL A 247 26.29 -9.98 -21.74
N ASP A 248 25.47 -11.02 -21.63
CA ASP A 248 24.09 -10.88 -21.21
C ASP A 248 23.76 -12.05 -20.28
N TYR A 249 22.67 -11.95 -19.54
CA TYR A 249 22.22 -13.10 -18.77
C TYR A 249 20.79 -13.45 -19.13
N MET A 250 20.41 -14.67 -18.79
CA MET A 250 19.11 -15.20 -19.16
C MET A 250 18.53 -15.95 -17.97
N VAL A 251 17.40 -15.48 -17.46
CA VAL A 251 16.79 -16.11 -16.30
C VAL A 251 15.86 -17.24 -16.72
N GLN A 252 16.09 -18.42 -16.15
CA GLN A 252 15.23 -19.56 -16.41
C GLN A 252 14.57 -20.04 -15.13
N LYS A 253 13.25 -19.90 -15.07
CA LYS A 253 12.47 -20.31 -13.92
C LYS A 253 12.50 -21.84 -13.83
N PRO A 254 12.11 -22.42 -12.67
CA PRO A 254 12.26 -23.87 -12.49
C PRO A 254 11.66 -24.71 -13.62
N GLY A 255 12.47 -25.62 -14.16
CA GLY A 255 12.03 -26.50 -15.22
C GLY A 255 11.89 -25.84 -16.58
N LYS A 256 12.32 -24.60 -16.70
CA LYS A 256 12.20 -23.88 -17.96
C LYS A 256 13.48 -23.90 -18.77
N THR A 257 13.35 -24.18 -20.07
CA THR A 257 14.48 -24.09 -20.97
C THR A 257 14.49 -22.72 -21.63
N GLY A 258 15.66 -22.31 -22.10
CA GLY A 258 15.78 -21.10 -22.90
C GLY A 258 16.41 -21.45 -24.23
N THR A 259 16.35 -20.52 -25.18
CA THR A 259 17.05 -20.74 -26.44
C THR A 259 17.96 -19.56 -26.74
N ILE A 260 19.05 -19.87 -27.43
CA ILE A 260 19.92 -18.84 -27.98
C ILE A 260 20.17 -19.12 -29.45
N VAL A 261 19.79 -18.17 -30.29
CA VAL A 261 20.08 -18.27 -31.71
C VAL A 261 21.32 -17.43 -31.99
N TYR A 262 22.31 -18.02 -32.65
CA TYR A 262 23.60 -17.36 -32.78
C TYR A 262 24.33 -17.66 -34.08
N GLN A 263 25.35 -16.84 -34.35
CA GLN A 263 26.24 -17.05 -35.48
C GLN A 263 27.67 -17.16 -34.99
N ARG A 264 28.58 -16.39 -35.61
CA ARG A 264 30.00 -16.49 -35.26
C ARG A 264 30.38 -15.56 -34.12
N GLY A 265 31.25 -16.05 -33.24
CA GLY A 265 31.74 -15.27 -32.12
C GLY A 265 31.00 -15.55 -30.82
N ILE A 266 30.05 -16.48 -30.89
CA ILE A 266 29.21 -16.81 -29.75
C ILE A 266 30.01 -17.26 -28.52
N LEU A 267 29.62 -16.75 -27.36
CA LEU A 267 30.13 -17.26 -26.10
C LEU A 267 29.06 -18.15 -25.47
N LEU A 268 29.16 -19.45 -25.71
CA LEU A 268 28.16 -20.39 -25.20
C LEU A 268 28.22 -20.47 -23.69
N PRO A 269 27.05 -20.54 -23.05
CA PRO A 269 27.00 -20.72 -21.59
C PRO A 269 27.63 -22.04 -21.17
N GLN A 270 28.31 -22.03 -20.04
CA GLN A 270 28.89 -23.25 -19.49
C GLN A 270 28.35 -23.47 -18.08
N LYS A 271 29.08 -22.98 -17.09
CA LYS A 271 28.60 -23.05 -15.72
C LYS A 271 27.51 -22.00 -15.53
N VAL A 272 26.41 -22.42 -14.90
CA VAL A 272 25.30 -21.51 -14.69
C VAL A 272 25.04 -21.31 -13.21
N TRP A 273 24.41 -20.19 -12.87
CA TRP A 273 24.06 -19.94 -11.48
C TRP A 273 22.75 -20.63 -11.12
N CYS A 274 22.74 -21.26 -9.95
CA CYS A 274 21.50 -21.81 -9.40
C CYS A 274 21.19 -21.09 -8.10
N ALA A 275 20.00 -20.53 -8.02
CA ALA A 275 19.65 -19.64 -6.91
C ALA A 275 18.25 -19.92 -6.41
N SER A 276 18.08 -19.82 -5.09
CA SER A 276 16.79 -20.07 -4.46
C SER A 276 16.62 -19.23 -3.21
N GLY A 277 15.38 -19.17 -2.71
CA GLY A 277 15.07 -18.38 -1.53
C GLY A 277 15.14 -16.90 -1.81
N ARG A 278 14.73 -16.09 -0.83
CA ARG A 278 14.86 -14.64 -0.96
C ARG A 278 15.73 -14.04 0.13
N SER A 279 16.62 -13.15 -0.28
CA SER A 279 17.40 -12.36 0.66
C SER A 279 16.79 -10.96 0.76
N LYS A 280 16.76 -10.41 1.97
CA LYS A 280 16.24 -9.06 2.17
C LYS A 280 17.33 -8.06 1.83
N VAL A 281 17.06 -7.19 0.86
CA VAL A 281 18.09 -6.32 0.30
C VAL A 281 17.80 -4.84 0.54
N ILE A 282 18.81 -4.10 0.99
CA ILE A 282 18.76 -2.64 1.03
C ILE A 282 20.08 -2.06 0.54
N LYS A 283 20.07 -0.81 0.11
CA LYS A 283 21.30 -0.11 -0.24
C LYS A 283 22.13 0.21 0.99
N GLY A 284 23.45 0.07 0.86
CA GLY A 284 24.35 0.39 1.94
C GLY A 284 25.78 0.50 1.42
N SER A 285 26.73 0.55 2.33
CA SER A 285 28.13 0.65 1.95
C SER A 285 28.98 -0.34 2.74
N LEU A 286 30.18 -0.58 2.25
CA LEU A 286 31.11 -1.51 2.89
C LEU A 286 32.28 -0.71 3.45
N PRO A 287 32.95 -1.23 4.49
CA PRO A 287 32.72 -2.53 5.15
C PRO A 287 31.62 -2.50 6.19
N LEU A 288 31.12 -3.69 6.53
CA LEU A 288 30.17 -3.83 7.62
C LEU A 288 30.93 -3.81 8.94
N ILE A 289 30.72 -2.78 9.73
CA ILE A 289 31.47 -2.61 10.98
C ILE A 289 30.61 -2.88 12.20
N GLY A 290 30.88 -4.00 12.87
CA GLY A 290 30.20 -4.31 14.11
C GLY A 290 28.83 -4.92 13.92
N GLU A 291 27.95 -4.69 14.89
CA GLU A 291 26.63 -5.29 14.91
C GLU A 291 25.57 -4.24 15.21
N ALA A 292 24.37 -4.42 14.66
CA ALA A 292 23.28 -3.48 14.89
C ALA A 292 21.92 -4.16 14.88
N ASP A 293 20.96 -3.59 15.60
CA ASP A 293 19.60 -4.09 15.62
C ASP A 293 18.94 -3.91 14.27
N CYS A 294 19.36 -2.85 13.57
CA CYS A 294 18.63 -2.36 12.42
C CYS A 294 19.57 -1.76 11.39
N LEU A 295 19.33 -2.08 10.12
CA LEU A 295 20.06 -1.46 9.03
C LEU A 295 19.14 -0.52 8.26
N HIS A 296 19.59 0.71 8.09
CA HIS A 296 18.76 1.77 7.52
C HIS A 296 19.54 2.41 6.39
N GLU A 297 18.91 2.59 5.23
CA GLU A 297 19.62 3.03 4.03
C GLU A 297 20.26 4.41 4.20
N LYS A 298 19.67 5.24 5.06
CA LYS A 298 20.20 6.58 5.29
C LYS A 298 21.11 6.67 6.51
N TYR A 299 20.78 5.94 7.57
CA TYR A 299 21.48 6.09 8.83
C TYR A 299 22.44 4.93 9.09
N GLY A 300 22.43 3.95 8.20
CA GLY A 300 23.28 2.79 8.36
C GLY A 300 22.83 1.93 9.52
N GLY A 301 23.78 1.38 10.25
CA GLY A 301 23.46 0.60 11.43
C GLY A 301 23.01 1.49 12.55
N LEU A 302 21.93 1.10 13.23
CA LEU A 302 21.45 1.82 14.39
C LEU A 302 20.80 0.86 15.37
N ASN A 303 20.91 1.15 16.66
CA ASN A 303 20.28 0.31 17.67
C ASN A 303 18.96 0.92 18.13
N LYS A 304 18.05 0.06 18.57
CA LYS A 304 16.69 0.51 18.89
C LYS A 304 16.53 0.89 20.36
N SER A 305 16.10 2.11 20.59
CA SER A 305 15.75 2.58 21.93
C SER A 305 14.27 2.95 21.95
N LYS A 306 13.96 4.16 21.49
CA LYS A 306 12.58 4.60 21.30
C LYS A 306 11.85 3.70 20.30
N PRO A 307 10.53 3.56 20.47
CA PRO A 307 9.73 2.74 19.55
C PRO A 307 9.60 3.40 18.18
N TYR A 308 9.77 4.71 18.13
CA TYR A 308 9.61 5.47 16.89
C TYR A 308 10.84 6.31 16.60
N TYR A 309 10.95 6.81 15.37
CA TYR A 309 11.99 7.78 15.04
C TYR A 309 11.48 8.83 14.06
N THR A 310 12.08 10.01 14.10
CA THR A 310 11.78 11.06 13.14
C THR A 310 12.98 11.29 12.25
N GLY A 311 12.77 11.89 11.09
CA GLY A 311 13.86 12.16 10.18
C GLY A 311 13.62 11.59 8.80
N GLU A 312 14.69 11.10 8.18
CA GLU A 312 14.62 10.64 6.81
C GLU A 312 14.12 9.20 6.71
N HIS A 313 12.89 9.03 6.24
CA HIS A 313 12.37 7.70 6.02
C HIS A 313 13.07 7.04 4.84
N ALA A 314 13.37 5.75 4.99
CA ALA A 314 14.00 4.98 3.94
C ALA A 314 13.80 3.50 4.21
N LYS A 315 14.12 2.67 3.22
CA LYS A 315 14.08 1.23 3.41
C LYS A 315 14.95 0.82 4.60
N ALA A 316 14.43 -0.09 5.41
CA ALA A 316 15.17 -0.55 6.59
C ALA A 316 14.75 -1.96 6.97
N ILE A 317 15.71 -2.76 7.42
CA ILE A 317 15.44 -4.14 7.82
C ILE A 317 15.96 -4.46 9.22
N GLY A 318 15.25 -5.34 9.91
CA GLY A 318 15.65 -5.76 11.24
C GLY A 318 14.72 -5.26 12.33
N ASN A 319 15.25 -5.15 13.54
CA ASN A 319 14.48 -4.65 14.66
C ASN A 319 14.56 -3.13 14.70
N CYS A 320 13.68 -2.48 13.95
CA CYS A 320 13.79 -1.05 13.69
C CYS A 320 12.69 -0.25 14.38
N PRO A 321 12.99 1.01 14.72
CA PRO A 321 11.94 1.93 15.17
C PRO A 321 11.04 2.31 14.00
N ILE A 322 9.78 2.60 14.28
CA ILE A 322 8.84 2.93 13.22
C ILE A 322 8.83 4.44 12.95
N TRP A 323 8.93 4.81 11.68
CA TRP A 323 8.98 6.21 11.29
C TRP A 323 7.67 6.96 11.57
N VAL A 324 7.81 8.18 12.09
CA VAL A 324 6.66 9.06 12.30
C VAL A 324 6.97 10.47 11.80
N LYS A 325 5.91 11.19 11.42
CA LYS A 325 6.03 12.53 10.87
C LYS A 325 6.52 13.57 11.86
N THR A 326 6.18 13.39 13.15
CA THR A 326 6.46 14.39 14.17
C THR A 326 7.02 13.75 15.44
N PRO A 327 7.77 14.53 16.24
CA PRO A 327 8.33 13.99 17.49
C PRO A 327 7.28 13.80 18.58
N LEU A 328 6.65 12.63 18.59
CA LEU A 328 5.57 12.32 19.52
C LEU A 328 6.05 12.20 20.96
N LYS A 329 5.24 12.71 21.88
CA LYS A 329 5.51 12.56 23.30
C LYS A 329 4.34 11.85 23.99
N LEU A 330 4.64 11.01 24.97
CA LEU A 330 3.61 10.46 25.82
C LEU A 330 3.54 11.28 27.11
N ALA A 331 2.34 11.76 27.44
CA ALA A 331 2.17 12.55 28.64
C ALA A 331 2.54 11.73 29.88
N ASN A 332 3.41 12.29 30.70
CA ASN A 332 3.80 11.64 31.94
C ASN A 332 3.85 12.65 33.08
N GLY A 333 2.68 13.16 33.44
CA GLY A 333 2.53 14.19 34.44
C GLY A 333 1.12 14.74 34.40
N THR A 334 0.95 15.99 34.82
CA THR A 334 -0.38 16.59 34.89
C THR A 334 -0.45 17.85 34.04
N LYS A 335 -1.64 18.18 33.58
CA LYS A 335 -1.85 19.42 32.81
C LYS A 335 -1.45 20.62 33.67
N TYR A 336 -0.81 21.60 33.05
CA TYR A 336 -0.30 22.76 33.77
C TYR A 336 -1.39 23.48 34.55
N ARG A 337 -1.06 23.84 35.79
CA ARG A 337 -1.95 24.67 36.61
C ARG A 337 -1.20 25.84 37.22
N PRO A 338 -1.76 27.05 37.08
CA PRO A 338 -1.20 28.20 37.79
C PRO A 338 -1.28 28.01 39.30
N PRO A 339 -0.32 28.57 40.06
CA PRO A 339 -0.29 28.47 41.52
C PRO A 339 -1.57 28.98 42.17
N ALA A 340 -2.05 28.26 43.18
CA ALA A 340 -3.35 28.54 43.78
C ALA A 340 -3.35 29.89 44.48
N LYS A 341 -4.42 30.65 44.27
CA LYS A 341 -4.57 31.98 44.84
C LYS A 341 -4.60 31.94 46.37
N GLY B 1 -10.47 19.15 34.45
CA GLY B 1 -10.97 19.34 33.10
C GLY B 1 -12.37 19.94 33.11
N PHE B 2 -13.21 19.45 32.20
CA PHE B 2 -14.58 19.97 32.08
C PHE B 2 -15.40 19.63 33.33
N PHE B 3 -15.13 18.46 33.93
CA PHE B 3 -15.83 18.05 35.13
C PHE B 3 -15.55 19.03 36.27
N GLY B 4 -14.28 19.17 36.60
CA GLY B 4 -13.84 20.10 37.63
C GLY B 4 -14.32 21.52 37.41
N ALA B 5 -14.30 21.95 36.15
CA ALA B 5 -14.72 23.30 35.80
C ALA B 5 -16.21 23.51 36.10
N ILE B 6 -17.02 22.51 35.78
CA ILE B 6 -18.45 22.58 36.05
C ILE B 6 -18.74 22.33 37.53
N ALA B 7 -18.00 21.40 38.13
CA ALA B 7 -18.25 21.00 39.51
C ALA B 7 -17.72 22.02 40.50
N GLY B 8 -16.96 23.00 40.01
CA GLY B 8 -16.38 24.01 40.88
C GLY B 8 -15.11 23.58 41.60
N PHE B 9 -14.45 22.54 41.09
CA PHE B 9 -13.14 22.15 41.61
C PHE B 9 -12.15 23.29 41.41
N LEU B 10 -11.17 23.40 42.31
CA LEU B 10 -10.14 24.43 42.20
C LEU B 10 -9.34 24.27 40.90
N GLU B 11 -9.27 25.34 40.12
CA GLU B 11 -8.60 25.30 38.82
C GLU B 11 -7.10 25.55 38.96
N GLY B 12 -6.69 26.14 40.08
CA GLY B 12 -5.28 26.35 40.34
C GLY B 12 -4.62 25.08 40.82
N GLY B 13 -3.35 25.19 41.21
CA GLY B 13 -2.62 24.04 41.70
C GLY B 13 -1.69 24.41 42.83
N TRP B 14 -1.07 23.41 43.45
CA TRP B 14 -0.27 23.64 44.65
C TRP B 14 1.20 23.31 44.43
N GLU B 15 2.03 24.35 44.35
CA GLU B 15 3.47 24.20 44.19
C GLU B 15 4.14 23.38 45.27
N GLY B 16 3.55 23.35 46.46
CA GLY B 16 4.12 22.61 47.57
C GLY B 16 3.96 21.11 47.42
N MET B 17 3.08 20.71 46.52
CA MET B 17 2.86 19.29 46.23
C MET B 17 3.95 18.79 45.30
N ILE B 18 5.09 18.40 45.87
CA ILE B 18 6.27 18.06 45.07
C ILE B 18 6.51 16.55 45.05
N ALA B 19 5.99 15.84 46.04
CA ALA B 19 6.25 14.41 46.17
C ALA B 19 5.29 13.59 45.31
N GLY B 20 4.34 14.28 44.69
CA GLY B 20 3.32 13.60 43.90
C GLY B 20 2.55 14.55 43.00
N TRP B 21 1.64 13.99 42.21
CA TRP B 21 0.87 14.77 41.25
C TRP B 21 -0.46 15.17 41.87
N HIS B 22 -0.94 14.31 42.77
CA HIS B 22 -2.28 14.41 43.32
C HIS B 22 -2.19 14.38 44.83
N GLY B 23 -3.12 15.02 45.52
CA GLY B 23 -3.22 14.86 46.96
C GLY B 23 -4.24 15.75 47.64
N TYR B 24 -3.89 16.23 48.83
CA TYR B 24 -4.85 16.95 49.67
C TYR B 24 -4.29 18.28 50.16
N THR B 25 -5.20 19.24 50.37
CA THR B 25 -4.86 20.46 51.09
C THR B 25 -5.81 20.64 52.28
N SER B 26 -5.33 21.31 53.32
CA SER B 26 -6.14 21.62 54.49
C SER B 26 -6.08 23.10 54.81
N HIS B 27 -7.23 23.69 55.10
CA HIS B 27 -7.31 25.13 55.36
C HIS B 27 -7.92 25.43 56.72
N GLY B 28 -7.16 26.15 57.56
CA GLY B 28 -7.60 26.50 58.89
C GLY B 28 -6.79 27.65 59.46
N ALA B 29 -6.63 27.67 60.78
CA ALA B 29 -5.87 28.72 61.45
C ALA B 29 -4.38 28.59 61.12
N HIS B 30 -3.94 27.36 60.88
CA HIS B 30 -2.56 27.06 60.53
C HIS B 30 -2.18 27.62 59.15
N GLY B 31 -3.17 28.08 58.40
CA GLY B 31 -2.97 28.49 57.03
C GLY B 31 -3.40 27.41 56.05
N VAL B 32 -2.48 26.99 55.20
CA VAL B 32 -2.77 25.93 54.24
C VAL B 32 -1.65 24.89 54.21
N ALA B 33 -1.98 23.66 54.60
CA ALA B 33 -1.04 22.56 54.54
C ALA B 33 -1.24 21.78 53.25
N VAL B 34 -0.17 21.18 52.74
CA VAL B 34 -0.24 20.44 51.48
C VAL B 34 0.48 19.10 51.60
N ALA B 35 -0.21 18.04 51.19
CA ALA B 35 0.39 16.71 51.18
C ALA B 35 0.01 15.98 49.90
N ALA B 36 1.00 15.35 49.27
CA ALA B 36 0.76 14.56 48.07
C ALA B 36 0.33 13.15 48.44
N ASP B 37 -0.59 12.59 47.66
CA ASP B 37 -0.98 11.21 47.84
C ASP B 37 -0.16 10.35 46.90
N LEU B 38 0.63 9.45 47.46
CA LEU B 38 1.56 8.65 46.67
C LEU B 38 0.86 7.53 45.92
N LYS B 39 -0.19 6.97 46.52
CA LYS B 39 -0.94 5.90 45.88
C LYS B 39 -1.59 6.39 44.60
N SER B 40 -2.21 7.57 44.65
CA SER B 40 -2.87 8.15 43.50
C SER B 40 -1.88 8.50 42.39
N THR B 41 -0.71 9.01 42.80
CA THR B 41 0.33 9.39 41.85
C THR B 41 0.91 8.14 41.21
N GLN B 42 1.15 7.11 42.01
CA GLN B 42 1.67 5.83 41.54
C GLN B 42 0.73 5.18 40.54
N GLU B 43 -0.56 5.20 40.84
CA GLU B 43 -1.57 4.61 39.96
C GLU B 43 -1.54 5.24 38.58
N ALA B 44 -1.41 6.57 38.54
CA ALA B 44 -1.33 7.30 37.28
C ALA B 44 -0.07 6.92 36.52
N ILE B 45 1.03 6.76 37.25
CA ILE B 45 2.31 6.43 36.64
C ILE B 45 2.31 5.01 36.07
N ASN B 46 1.68 4.08 36.79
CA ASN B 46 1.56 2.70 36.30
C ASN B 46 0.74 2.62 35.02
N LYS B 47 -0.36 3.37 34.97
CA LYS B 47 -1.18 3.45 33.78
C LYS B 47 -0.38 3.98 32.59
N ILE B 48 0.36 5.05 32.81
CA ILE B 48 1.20 5.65 31.77
C ILE B 48 2.28 4.65 31.31
N THR B 49 2.79 3.87 32.24
CA THR B 49 3.82 2.89 31.94
C THR B 49 3.24 1.76 31.09
N LYS B 50 2.06 1.29 31.47
CA LYS B 50 1.36 0.28 30.69
C LYS B 50 1.03 0.79 29.30
N ASN B 51 0.66 2.08 29.22
CA ASN B 51 0.33 2.70 27.94
C ASN B 51 1.56 2.82 27.06
N LEU B 52 2.71 3.03 27.68
CA LEU B 52 3.98 3.11 26.98
C LEU B 52 4.34 1.77 26.38
N ASN B 53 4.17 0.71 27.17
CA ASN B 53 4.45 -0.65 26.72
C ASN B 53 3.51 -1.08 25.60
N SER B 54 2.25 -0.68 25.69
CA SER B 54 1.26 -1.02 24.67
C SER B 54 1.62 -0.40 23.33
N LEU B 55 2.01 0.88 23.35
CA LEU B 55 2.42 1.58 22.15
C LEU B 55 3.70 1.00 21.55
N SER B 56 4.54 0.43 22.42
CA SER B 56 5.84 -0.08 22.00
C SER B 56 5.75 -1.51 21.45
N GLU B 57 4.57 -2.12 21.59
CA GLU B 57 4.38 -3.50 21.15
C GLU B 57 4.10 -3.58 19.65
N LEU B 58 3.75 -2.45 19.06
CA LEU B 58 3.41 -2.41 17.64
C LEU B 58 4.57 -2.87 16.77
N GLU B 59 4.30 -3.86 15.92
CA GLU B 59 5.26 -4.30 14.92
C GLU B 59 4.69 -4.12 13.52
N VAL B 60 5.49 -3.56 12.62
CA VAL B 60 5.11 -3.47 11.22
C VAL B 60 6.18 -4.09 10.33
N LYS B 61 5.78 -4.51 9.13
CA LYS B 61 6.70 -5.14 8.19
C LYS B 61 7.82 -4.20 7.79
N ASN B 62 9.03 -4.74 7.67
CA ASN B 62 10.14 -3.99 7.08
C ASN B 62 9.82 -3.58 5.66
N LEU B 63 10.31 -2.41 5.26
CA LEU B 63 10.31 -2.05 3.86
C LEU B 63 11.71 -2.25 3.32
N GLN B 64 11.87 -3.20 2.40
CA GLN B 64 13.15 -3.40 1.75
C GLN B 64 12.98 -3.35 0.24
N ARG B 65 14.06 -3.62 -0.48
CA ARG B 65 14.05 -3.58 -1.94
C ARG B 65 13.35 -4.81 -2.51
N LEU B 66 12.79 -4.65 -3.71
CA LEU B 66 12.35 -5.79 -4.49
C LEU B 66 13.59 -6.58 -4.91
N SER B 67 13.52 -7.90 -4.81
CA SER B 67 14.66 -8.73 -5.19
C SER B 67 14.82 -8.84 -6.70
N GLY B 68 13.70 -8.76 -7.42
CA GLY B 68 13.71 -8.98 -8.85
C GLY B 68 13.93 -7.73 -9.70
N ALA B 69 13.46 -6.58 -9.21
CA ALA B 69 13.53 -5.35 -9.98
C ALA B 69 14.94 -4.77 -9.97
N MET B 70 15.55 -4.71 -11.15
CA MET B 70 16.92 -4.22 -11.30
C MET B 70 16.96 -2.74 -11.64
N ASN B 71 17.93 -2.04 -11.06
CA ASN B 71 18.20 -0.66 -11.41
C ASN B 71 18.35 -0.47 -12.92
N GLU B 72 17.84 0.65 -13.43
CA GLU B 72 17.88 1.00 -14.85
C GLU B 72 16.90 0.18 -15.69
N LEU B 73 17.03 -1.14 -15.64
CA LEU B 73 16.16 -2.03 -16.40
C LEU B 73 14.69 -1.94 -15.98
N HIS B 74 14.46 -1.74 -14.69
CA HIS B 74 13.10 -1.76 -14.14
C HIS B 74 12.73 -0.50 -13.39
N ASP B 75 13.18 0.65 -13.89
CA ASP B 75 12.99 1.93 -13.20
C ASP B 75 11.53 2.32 -12.99
N GLU B 76 10.67 1.98 -13.94
CA GLU B 76 9.24 2.26 -13.81
C GLU B 76 8.65 1.51 -12.62
N ILE B 77 8.97 0.24 -12.51
CA ILE B 77 8.53 -0.58 -11.37
C ILE B 77 9.09 -0.01 -10.06
N LEU B 78 10.36 0.40 -10.11
CA LEU B 78 11.05 0.92 -8.93
C LEU B 78 10.45 2.23 -8.43
N GLU B 79 9.93 3.03 -9.35
CA GLU B 79 9.25 4.26 -8.97
C GLU B 79 7.97 3.94 -8.21
N LEU B 80 7.27 2.91 -8.65
CA LEU B 80 6.05 2.47 -7.99
C LEU B 80 6.38 1.89 -6.61
N ASP B 81 7.50 1.19 -6.52
CA ASP B 81 7.93 0.61 -5.25
C ASP B 81 8.26 1.71 -4.24
N GLU B 82 8.86 2.80 -4.72
CA GLU B 82 9.13 3.96 -3.89
C GLU B 82 7.82 4.56 -3.37
N LYS B 83 6.82 4.62 -4.23
CA LYS B 83 5.52 5.18 -3.88
C LYS B 83 4.85 4.32 -2.81
N VAL B 84 4.95 3.01 -2.97
CA VAL B 84 4.40 2.07 -1.99
C VAL B 84 5.04 2.25 -0.61
N ASP B 85 6.36 2.43 -0.58
CA ASP B 85 7.07 2.66 0.68
C ASP B 85 6.63 3.97 1.32
N ASP B 86 6.51 5.00 0.49
CA ASP B 86 6.16 6.34 0.97
C ASP B 86 4.75 6.35 1.57
N LEU B 87 3.82 5.68 0.90
CA LEU B 87 2.43 5.61 1.36
C LEU B 87 2.30 4.75 2.62
N ARG B 88 3.07 3.68 2.71
CA ARG B 88 3.10 2.86 3.91
C ARG B 88 3.56 3.71 5.10
N ALA B 89 4.67 4.42 4.90
CA ALA B 89 5.24 5.28 5.92
C ALA B 89 4.22 6.33 6.37
N ASP B 90 3.58 6.96 5.40
CA ASP B 90 2.58 7.99 5.66
C ASP B 90 1.39 7.45 6.47
N THR B 91 0.88 6.29 6.07
CA THR B 91 -0.33 5.72 6.67
C THR B 91 -0.10 5.24 8.09
N ILE B 92 1.00 4.52 8.31
CA ILE B 92 1.31 3.97 9.62
C ILE B 92 1.63 5.11 10.60
N SER B 93 2.29 6.16 10.09
CA SER B 93 2.61 7.32 10.91
C SER B 93 1.36 7.98 11.49
N SER B 94 0.34 8.16 10.64
CA SER B 94 -0.88 8.81 11.07
C SER B 94 -1.68 7.91 12.01
N GLN B 95 -1.54 6.61 11.83
CA GLN B 95 -2.19 5.65 12.71
C GLN B 95 -1.55 5.70 14.10
N ILE B 96 -0.23 5.80 14.13
CA ILE B 96 0.51 5.91 15.38
C ILE B 96 0.19 7.23 16.08
N GLU B 97 0.08 8.29 15.29
CA GLU B 97 -0.27 9.60 15.83
C GLU B 97 -1.64 9.56 16.49
N LEU B 98 -2.56 8.80 15.91
CA LEU B 98 -3.89 8.63 16.48
C LEU B 98 -3.83 7.86 17.80
N ALA B 99 -3.03 6.80 17.83
CA ALA B 99 -2.89 5.97 19.03
C ALA B 99 -2.28 6.76 20.18
N VAL B 100 -1.29 7.59 19.88
CA VAL B 100 -0.63 8.39 20.91
C VAL B 100 -1.57 9.50 21.37
N LEU B 101 -2.33 10.06 20.43
CA LEU B 101 -3.31 11.10 20.75
C LEU B 101 -4.36 10.60 21.74
N LEU B 102 -4.92 9.42 21.45
CA LEU B 102 -5.93 8.83 22.33
C LEU B 102 -5.35 8.48 23.68
N SER B 103 -4.07 8.11 23.71
CA SER B 103 -3.39 7.81 24.96
C SER B 103 -3.28 9.05 25.83
N ASN B 104 -2.78 10.14 25.24
CA ASN B 104 -2.64 11.40 25.94
C ASN B 104 -3.99 11.98 26.36
N GLU B 105 -5.00 11.78 25.51
CA GLU B 105 -6.36 12.17 25.85
C GLU B 105 -6.82 11.50 27.13
N GLY B 106 -6.60 10.19 27.20
CA GLY B 106 -6.92 9.42 28.40
C GLY B 106 -6.19 9.89 29.64
N ILE B 107 -4.89 10.14 29.50
CA ILE B 107 -4.06 10.51 30.64
C ILE B 107 -4.46 11.86 31.24
N ILE B 108 -4.66 12.85 30.37
CA ILE B 108 -5.08 14.17 30.81
C ILE B 108 -6.48 14.13 31.42
N ASN B 109 -7.40 13.44 30.76
CA ASN B 109 -8.79 13.34 31.22
C ASN B 109 -8.93 12.63 32.58
N SER B 110 -7.99 11.76 32.91
CA SER B 110 -8.11 10.94 34.11
C SER B 110 -7.84 11.72 35.39
N GLU B 111 -7.36 12.96 35.26
CA GLU B 111 -7.02 13.79 36.41
C GLU B 111 -8.18 13.97 37.39
N ASP B 112 -9.32 14.44 36.89
CA ASP B 112 -10.47 14.70 37.73
C ASP B 112 -11.02 13.41 38.33
N GLU B 113 -10.80 12.29 37.64
CA GLU B 113 -11.23 11.00 38.14
C GLU B 113 -10.37 10.56 39.31
N HIS B 114 -9.10 10.97 39.30
CA HIS B 114 -8.21 10.75 40.44
C HIS B 114 -8.71 11.54 41.66
N LEU B 115 -9.11 12.79 41.42
CA LEU B 115 -9.63 13.64 42.48
C LEU B 115 -10.90 13.07 43.11
N LEU B 116 -11.77 12.51 42.26
CA LEU B 116 -13.01 11.92 42.73
C LEU B 116 -12.73 10.69 43.58
N ALA B 117 -11.65 9.98 43.26
CA ALA B 117 -11.26 8.81 44.02
C ALA B 117 -10.61 9.20 45.34
N LEU B 118 -9.87 10.30 45.32
CA LEU B 118 -9.23 10.83 46.53
C LEU B 118 -10.29 11.33 47.51
N GLU B 119 -11.43 11.76 46.99
CA GLU B 119 -12.56 12.15 47.81
C GLU B 119 -13.03 11.00 48.67
N ARG B 120 -13.11 9.82 48.06
CA ARG B 120 -13.61 8.62 48.74
C ARG B 120 -12.64 8.14 49.81
N LYS B 121 -11.35 8.29 49.54
CA LYS B 121 -10.32 7.92 50.52
C LYS B 121 -10.40 8.87 51.70
N LEU B 122 -10.51 10.17 51.40
CA LEU B 122 -10.61 11.21 52.41
C LEU B 122 -11.87 11.03 53.25
N LYS B 123 -13.01 10.89 52.60
CA LYS B 123 -14.31 10.78 53.26
C LYS B 123 -14.36 9.66 54.31
N LYS B 124 -13.84 8.49 53.95
CA LYS B 124 -13.89 7.34 54.86
C LYS B 124 -13.04 7.58 56.10
N MET B 125 -11.87 8.18 55.90
CA MET B 125 -10.98 8.49 57.01
C MET B 125 -11.54 9.57 57.93
N LEU B 126 -12.21 10.56 57.35
CA LEU B 126 -12.71 11.69 58.11
C LEU B 126 -13.86 11.33 59.05
N GLY B 127 -14.53 10.22 58.76
CA GLY B 127 -15.62 9.76 59.61
C GLY B 127 -16.94 10.47 59.35
N PRO B 128 -18.03 9.96 59.95
CA PRO B 128 -19.39 10.44 59.71
C PRO B 128 -19.68 11.85 60.24
N SER B 129 -18.74 12.43 60.98
CA SER B 129 -18.95 13.76 61.53
C SER B 129 -18.50 14.87 60.59
N ALA B 130 -17.76 14.49 59.54
CA ALA B 130 -17.31 15.47 58.56
C ALA B 130 -18.41 15.76 57.55
N VAL B 131 -18.39 16.96 56.98
CA VAL B 131 -19.43 17.37 56.04
C VAL B 131 -18.91 17.56 54.62
N GLU B 132 -19.50 16.82 53.68
CA GLU B 132 -19.11 16.87 52.28
C GLU B 132 -19.76 18.04 51.54
N ILE B 133 -18.93 18.91 50.97
CA ILE B 133 -19.41 20.11 50.30
C ILE B 133 -19.82 19.86 48.85
N GLY B 134 -19.03 19.04 48.15
CA GLY B 134 -19.32 18.71 46.77
C GLY B 134 -18.26 19.15 45.79
N ASN B 135 -17.49 20.17 46.15
CA ASN B 135 -16.46 20.70 45.27
C ASN B 135 -15.11 20.04 45.52
N GLY B 136 -15.12 18.88 46.14
CA GLY B 136 -13.90 18.17 46.46
C GLY B 136 -13.41 18.48 47.86
N CYS B 137 -14.19 19.24 48.61
CA CYS B 137 -13.80 19.66 49.94
C CYS B 137 -14.68 19.06 51.03
N PHE B 138 -14.12 18.96 52.23
CA PHE B 138 -14.84 18.48 53.41
C PHE B 138 -14.64 19.45 54.56
N GLU B 139 -15.70 19.72 55.31
CA GLU B 139 -15.60 20.48 56.55
C GLU B 139 -15.47 19.54 57.74
N THR B 140 -14.40 19.69 58.50
CA THR B 140 -14.17 18.85 59.67
C THR B 140 -14.51 19.60 60.95
N LYS B 141 -14.90 18.86 61.98
CA LYS B 141 -15.14 19.45 63.29
C LYS B 141 -13.79 19.76 63.95
N HIS B 142 -12.78 18.99 63.56
CA HIS B 142 -11.46 19.09 64.15
C HIS B 142 -10.49 19.91 63.32
N LYS B 143 -9.34 20.22 63.91
CA LYS B 143 -8.23 20.83 63.20
C LYS B 143 -7.49 19.77 62.41
N CYS B 144 -6.95 20.13 61.25
CA CYS B 144 -6.07 19.23 60.54
C CYS B 144 -4.88 19.96 59.93
N ASN B 145 -3.77 19.98 60.66
CA ASN B 145 -2.55 20.56 60.16
C ASN B 145 -1.63 19.65 59.36
N GLN B 146 -0.46 20.16 59.02
CA GLN B 146 0.47 19.43 58.16
C GLN B 146 0.80 18.05 58.72
N THR B 147 0.92 17.96 60.04
CA THR B 147 1.18 16.68 60.69
C THR B 147 -0.05 15.78 60.51
N CYS B 148 -1.22 16.40 60.62
CA CYS B 148 -2.50 15.71 60.42
C CYS B 148 -2.72 15.31 58.97
N LEU B 149 -2.63 16.29 58.07
CA LEU B 149 -2.78 16.05 56.63
C LEU B 149 -1.88 14.94 56.12
N ASP B 150 -0.65 14.87 56.63
CA ASP B 150 0.29 13.82 56.24
C ASP B 150 -0.24 12.44 56.61
N ARG B 151 -0.96 12.35 57.72
CA ARG B 151 -1.52 11.09 58.18
C ARG B 151 -2.69 10.67 57.29
N ILE B 152 -3.39 11.67 56.75
CA ILE B 152 -4.46 11.42 55.79
C ILE B 152 -3.89 10.84 54.51
N ALA B 153 -2.88 11.51 53.96
CA ALA B 153 -2.19 11.06 52.75
C ALA B 153 -1.59 9.66 52.92
N ALA B 154 -1.14 9.35 54.12
CA ALA B 154 -0.52 8.06 54.40
C ALA B 154 -1.56 6.97 54.67
N GLY B 155 -2.82 7.37 54.78
CA GLY B 155 -3.90 6.43 55.02
C GLY B 155 -3.97 5.94 56.46
N THR B 156 -3.34 6.67 57.36
CA THR B 156 -3.25 6.27 58.76
C THR B 156 -4.15 7.10 59.68
N PHE B 157 -4.70 8.20 59.16
CA PHE B 157 -5.56 9.10 59.92
C PHE B 157 -6.73 8.38 60.59
N ASN B 158 -6.91 8.62 61.88
CA ASN B 158 -8.06 8.09 62.62
C ASN B 158 -8.87 9.23 63.24
N ALA B 159 -10.19 9.12 63.17
CA ALA B 159 -11.07 10.17 63.68
C ALA B 159 -11.18 10.13 65.21
N GLY B 160 -10.88 8.98 65.80
CA GLY B 160 -10.89 8.82 67.24
C GLY B 160 -9.82 9.64 67.94
N ASP B 161 -8.79 10.04 67.19
CA ASP B 161 -7.72 10.86 67.73
C ASP B 161 -8.16 12.30 67.97
N PHE B 162 -9.39 12.61 67.60
CA PHE B 162 -10.01 13.89 67.91
C PHE B 162 -11.34 13.64 68.59
N SER B 163 -11.49 12.43 69.14
CA SER B 163 -12.70 11.99 69.84
C SER B 163 -13.93 12.04 68.93
N LEU B 164 -13.72 11.99 67.62
CA LEU B 164 -14.82 11.96 66.66
C LEU B 164 -15.15 10.52 66.25
N PRO B 165 -16.40 10.28 65.83
CA PRO B 165 -16.83 8.92 65.48
C PRO B 165 -16.21 8.41 64.19
N THR B 166 -16.04 7.10 64.07
CA THR B 166 -15.47 6.50 62.87
C THR B 166 -16.45 5.58 62.18
N PHE B 167 -16.23 5.34 60.89
CA PHE B 167 -16.86 4.22 60.21
C PHE B 167 -16.10 2.98 60.62
N ASP B 168 -16.78 2.01 61.21
CA ASP B 168 -16.08 0.82 61.66
C ASP B 168 -15.63 0.09 60.41
N SER B 169 -14.40 -0.40 60.40
CA SER B 169 -13.83 -1.00 59.19
C SER B 169 -14.15 -2.48 59.03
N LEU B 170 -14.29 -2.90 57.78
CA LEU B 170 -14.65 -4.27 57.45
C LEU B 170 -13.46 -5.04 56.90
N ASP C 1 -38.56 21.44 48.36
CA ASP C 1 -38.74 21.02 46.98
C ASP C 1 -37.65 20.03 46.55
N ARG C 2 -37.83 19.44 45.38
CA ARG C 2 -36.85 18.52 44.83
C ARG C 2 -36.20 19.12 43.58
N ILE C 3 -34.89 19.35 43.66
CA ILE C 3 -34.15 19.92 42.54
C ILE C 3 -33.27 18.85 41.91
N CYS C 4 -33.39 18.68 40.60
CA CYS C 4 -32.70 17.60 39.92
C CYS C 4 -31.87 18.09 38.74
N THR C 5 -30.90 17.27 38.33
CA THR C 5 -30.17 17.50 37.09
C THR C 5 -30.96 16.94 35.92
N GLY C 6 -30.92 17.62 34.79
CA GLY C 6 -31.65 17.15 33.62
C GLY C 6 -30.99 17.46 32.30
N ILE C 7 -31.47 16.79 31.25
CA ILE C 7 -30.97 17.00 29.90
C ILE C 7 -32.13 17.41 29.00
N THR C 8 -31.86 18.29 28.05
CA THR C 8 -32.87 18.81 27.14
C THR C 8 -33.59 17.73 26.32
N SER C 9 -34.68 18.14 25.68
CA SER C 9 -35.39 17.30 24.73
C SER C 9 -35.73 18.14 23.51
N SER C 10 -35.18 17.75 22.36
CA SER C 10 -35.36 18.52 21.14
C SER C 10 -35.47 17.64 19.90
N ASN C 11 -35.80 18.26 18.78
CA ASN C 11 -35.83 17.56 17.49
C ASN C 11 -34.48 16.95 17.16
N SER C 12 -34.45 15.65 16.93
CA SER C 12 -33.20 14.94 16.72
C SER C 12 -33.21 14.09 15.46
N PRO C 13 -33.11 14.74 14.29
CA PRO C 13 -33.18 14.04 13.01
C PRO C 13 -31.84 13.44 12.58
N HIS C 14 -30.75 13.90 13.20
CA HIS C 14 -29.41 13.47 12.83
C HIS C 14 -28.98 12.17 13.51
N VAL C 15 -28.22 11.35 12.79
CA VAL C 15 -27.78 10.06 13.31
C VAL C 15 -26.26 9.92 13.24
N VAL C 16 -25.67 9.46 14.33
CA VAL C 16 -24.26 9.09 14.34
C VAL C 16 -24.09 7.69 14.92
N LYS C 17 -23.00 7.02 14.56
CA LYS C 17 -22.71 5.71 15.11
C LYS C 17 -21.82 5.82 16.34
N THR C 18 -22.05 4.94 17.30
CA THR C 18 -21.19 4.85 18.48
C THR C 18 -20.66 3.43 18.62
N ALA C 19 -19.64 3.27 19.44
CA ALA C 19 -19.07 1.94 19.70
C ALA C 19 -19.99 1.12 20.60
N THR C 20 -20.56 1.75 21.62
CA THR C 20 -21.26 1.00 22.67
C THR C 20 -22.77 1.19 22.70
N GLN C 21 -23.30 2.06 21.83
CA GLN C 21 -24.74 2.29 21.82
C GLN C 21 -25.34 2.19 20.42
N GLY C 22 -24.54 1.72 19.46
CA GLY C 22 -25.01 1.60 18.09
C GLY C 22 -25.30 2.95 17.48
N GLU C 23 -26.25 3.01 16.56
CA GLU C 23 -26.68 4.28 15.98
C GLU C 23 -27.63 4.98 16.94
N VAL C 24 -27.43 6.29 17.10
CA VAL C 24 -28.27 7.10 17.97
C VAL C 24 -28.64 8.42 17.30
N ASN C 25 -29.85 8.91 17.59
CA ASN C 25 -30.24 10.23 17.14
C ASN C 25 -29.63 11.31 18.03
N VAL C 26 -29.32 12.45 17.43
CA VAL C 26 -28.74 13.57 18.18
C VAL C 26 -29.37 14.88 17.73
N THR C 27 -29.29 15.90 18.58
CA THR C 27 -29.96 17.17 18.31
C THR C 27 -29.24 17.99 17.24
N GLY C 28 -27.96 17.74 17.06
CA GLY C 28 -27.18 18.50 16.11
C GLY C 28 -25.89 17.80 15.70
N VAL C 29 -25.48 18.03 14.47
CA VAL C 29 -24.22 17.49 13.96
C VAL C 29 -23.39 18.54 13.24
N ILE C 30 -22.09 18.31 13.20
CA ILE C 30 -21.20 19.06 12.33
C ILE C 30 -20.78 18.16 11.17
N PRO C 31 -21.26 18.47 9.95
CA PRO C 31 -20.87 17.65 8.80
C PRO C 31 -19.38 17.76 8.51
N LEU C 32 -18.73 16.63 8.27
CA LEU C 32 -17.30 16.61 8.04
C LEU C 32 -16.97 16.43 6.57
N THR C 33 -18.00 16.16 5.77
CA THR C 33 -17.81 15.91 4.34
C THR C 33 -18.74 16.72 3.46
N THR C 34 -18.34 16.87 2.20
CA THR C 34 -19.22 17.33 1.13
C THR C 34 -18.97 16.44 -0.08
N THR C 35 -19.90 16.46 -1.04
CA THR C 35 -19.64 15.85 -2.33
C THR C 35 -19.35 16.95 -3.35
N PRO C 36 -18.11 16.97 -3.86
CA PRO C 36 -17.71 17.99 -4.83
C PRO C 36 -18.47 17.87 -6.14
N THR C 37 -18.51 18.96 -6.90
CA THR C 37 -19.09 18.94 -8.24
C THR C 37 -17.99 19.15 -9.28
N ARG C 38 -18.15 18.55 -10.45
CA ARG C 38 -17.16 18.71 -11.51
C ARG C 38 -17.00 20.15 -11.97
N SER C 39 -15.74 20.57 -12.05
CA SER C 39 -15.41 21.93 -12.46
C SER C 39 -14.30 21.90 -13.50
N HIS C 40 -14.04 23.05 -14.10
CA HIS C 40 -12.92 23.20 -15.02
C HIS C 40 -11.62 23.04 -14.24
N PHE C 41 -10.55 22.61 -14.92
CA PHE C 41 -9.26 22.53 -14.26
C PHE C 41 -8.66 23.92 -14.14
N ALA C 42 -7.65 24.06 -13.30
CA ALA C 42 -7.15 25.38 -12.92
C ALA C 42 -5.68 25.33 -12.56
N ASN C 43 -5.12 26.50 -12.26
CA ASN C 43 -3.77 26.57 -11.71
C ASN C 43 -3.76 26.16 -10.24
N LEU C 44 -2.77 25.36 -9.87
CA LEU C 44 -2.60 24.98 -8.47
C LEU C 44 -2.06 26.16 -7.68
N LYS C 45 -2.78 26.54 -6.63
CA LYS C 45 -2.36 27.64 -5.77
C LYS C 45 -0.94 27.41 -5.24
N GLY C 46 -0.08 28.41 -5.43
CA GLY C 46 1.28 28.34 -4.91
C GLY C 46 2.25 27.53 -5.75
N THR C 47 1.81 27.12 -6.94
CA THR C 47 2.66 26.32 -7.82
C THR C 47 2.32 26.54 -9.29
N GLN C 48 3.26 27.06 -10.06
CA GLN C 48 3.07 27.22 -11.51
C GLN C 48 2.83 25.86 -12.16
N THR C 49 1.77 25.79 -12.97
CA THR C 49 1.25 24.52 -13.44
C THR C 49 1.40 24.38 -14.95
N ARG C 50 2.08 23.32 -15.38
CA ARG C 50 2.36 23.10 -16.79
C ARG C 50 1.20 22.44 -17.51
N GLY C 51 0.80 23.04 -18.64
CA GLY C 51 -0.16 22.42 -19.53
C GLY C 51 0.57 21.95 -20.77
N LYS C 52 0.53 22.76 -21.82
CA LYS C 52 1.38 22.53 -22.98
C LYS C 52 2.85 22.66 -22.58
N LEU C 53 3.70 21.80 -23.15
CA LEU C 53 5.14 21.88 -22.91
C LEU C 53 5.67 23.27 -23.22
N CYS C 54 5.38 23.76 -24.42
CA CYS C 54 5.79 25.11 -24.81
C CYS C 54 4.54 25.94 -25.08
N PRO C 55 4.10 26.71 -24.06
CA PRO C 55 2.86 27.49 -24.09
C PRO C 55 2.79 28.49 -25.24
N ASN C 56 3.92 29.10 -25.58
CA ASN C 56 3.97 30.12 -26.60
C ASN C 56 4.19 29.57 -28.03
N CYS C 57 4.32 28.25 -28.16
CA CYS C 57 4.45 27.63 -29.48
C CYS C 57 3.06 27.35 -30.04
N PHE C 58 2.52 28.34 -30.75
CA PHE C 58 1.14 28.27 -31.27
C PHE C 58 1.03 27.37 -32.51
N ASN C 59 -0.10 26.69 -32.61
CA ASN C 59 -0.38 25.72 -33.66
C ASN C 59 0.61 24.55 -33.63
N CYS C 60 1.15 24.28 -32.45
CA CYS C 60 2.09 23.19 -32.23
C CYS C 60 1.57 22.30 -31.10
N THR C 61 1.45 21.00 -31.34
CA THR C 61 1.08 20.06 -30.29
C THR C 61 2.30 19.70 -29.46
N ASP C 62 2.08 19.13 -28.27
CA ASP C 62 3.18 18.73 -27.41
C ASP C 62 4.11 17.73 -28.09
N LEU C 63 3.53 16.85 -28.91
CA LEU C 63 4.31 15.87 -29.65
C LEU C 63 5.14 16.54 -30.74
N ASP C 64 4.59 17.58 -31.38
CA ASP C 64 5.34 18.40 -32.33
C ASP C 64 6.61 18.94 -31.68
N VAL C 65 6.45 19.51 -30.49
CA VAL C 65 7.58 20.10 -29.76
C VAL C 65 8.61 19.04 -29.38
N ALA C 66 8.12 17.90 -28.90
CA ALA C 66 8.99 16.83 -28.41
C ALA C 66 9.84 16.23 -29.53
N LEU C 67 9.30 16.23 -30.74
CA LEU C 67 10.03 15.71 -31.90
C LEU C 67 10.95 16.77 -32.51
N GLY C 68 10.81 18.00 -32.03
CA GLY C 68 11.63 19.10 -32.53
C GLY C 68 11.22 19.57 -33.91
N ARG C 69 9.91 19.54 -34.16
CA ARG C 69 9.35 20.09 -35.39
C ARG C 69 9.78 21.54 -35.58
N PRO C 70 10.23 21.88 -36.79
CA PRO C 70 10.63 23.26 -37.10
C PRO C 70 9.51 24.26 -36.82
N LYS C 71 9.86 25.44 -36.32
CA LYS C 71 8.93 26.50 -35.89
C LYS C 71 8.28 26.17 -34.54
N CYS C 72 8.53 24.98 -34.01
CA CYS C 72 7.94 24.56 -32.75
C CYS C 72 8.99 24.42 -31.65
N MET C 73 9.98 25.32 -31.69
CA MET C 73 10.95 25.41 -30.60
C MET C 73 10.63 26.68 -29.83
N GLY C 74 10.83 26.66 -28.52
CA GLY C 74 10.47 27.81 -27.72
C GLY C 74 10.76 27.59 -26.25
N ASN C 75 10.44 28.58 -25.42
CA ASN C 75 10.68 28.47 -23.99
C ASN C 75 9.83 27.35 -23.40
N ILE C 76 10.48 26.44 -22.69
CA ILE C 76 9.79 25.39 -21.96
C ILE C 76 9.97 25.59 -20.47
N PRO C 77 8.98 26.23 -19.82
CA PRO C 77 9.06 26.53 -18.39
C PRO C 77 9.19 25.27 -17.53
N SER C 78 9.98 25.36 -16.47
CA SER C 78 10.01 24.32 -15.46
C SER C 78 8.69 24.34 -14.68
N ALA C 79 8.30 23.19 -14.14
CA ALA C 79 7.06 23.11 -13.37
C ALA C 79 7.07 21.89 -12.45
N LYS C 80 6.69 22.11 -11.20
CA LYS C 80 6.62 21.03 -10.23
C LYS C 80 5.31 20.27 -10.33
N VAL C 81 4.37 20.83 -11.09
CA VAL C 81 3.07 20.19 -11.31
C VAL C 81 2.68 20.28 -12.79
N SER C 82 2.23 19.17 -13.35
CA SER C 82 1.91 19.11 -14.77
C SER C 82 0.58 18.39 -15.04
N ILE C 83 -0.11 18.84 -16.09
CA ILE C 83 -1.37 18.24 -16.49
C ILE C 83 -1.22 17.37 -17.74
N LEU C 84 -1.61 16.11 -17.65
CA LEU C 84 -1.63 15.23 -18.81
C LEU C 84 -2.99 15.33 -19.50
N HIS C 85 -3.03 16.09 -20.60
CA HIS C 85 -4.27 16.37 -21.30
C HIS C 85 -4.42 15.56 -22.58
N GLU C 86 -3.37 14.82 -22.93
CA GLU C 86 -3.42 13.92 -24.09
C GLU C 86 -2.97 12.52 -23.71
N VAL C 87 -3.93 11.60 -23.59
CA VAL C 87 -3.60 10.22 -23.26
C VAL C 87 -2.88 9.55 -24.44
N LYS C 88 -3.15 10.02 -25.66
CA LYS C 88 -2.44 9.56 -26.84
C LYS C 88 -2.10 10.73 -27.76
N PRO C 89 -0.99 11.44 -27.46
CA PRO C 89 -0.58 12.67 -28.13
C PRO C 89 -0.46 12.53 -29.65
N VAL C 90 -0.85 13.59 -30.37
CA VAL C 90 -0.82 13.59 -31.82
C VAL C 90 0.12 14.66 -32.37
N THR C 91 0.60 14.46 -33.59
CA THR C 91 1.34 15.50 -34.31
C THR C 91 0.38 16.35 -35.14
N SER C 92 0.84 17.52 -35.55
CA SER C 92 0.02 18.40 -36.37
C SER C 92 0.84 19.06 -37.48
N GLY C 93 1.89 18.38 -37.93
CA GLY C 93 2.72 18.91 -38.99
C GLY C 93 3.90 18.03 -39.38
N CYS C 94 4.76 18.57 -40.23
CA CYS C 94 6.03 17.96 -40.61
C CYS C 94 5.83 16.65 -41.37
N TYR C 95 6.89 15.85 -41.47
CA TYR C 95 6.88 14.65 -42.31
C TYR C 95 6.02 13.55 -41.71
N PRO C 96 5.24 12.84 -42.55
CA PRO C 96 4.29 11.81 -42.11
C PRO C 96 4.93 10.65 -41.35
N ILE C 97 4.46 10.45 -40.12
CA ILE C 97 4.94 9.39 -39.26
C ILE C 97 3.93 8.25 -39.18
N MET C 98 4.42 7.01 -39.14
CA MET C 98 3.59 5.87 -38.79
C MET C 98 3.68 5.65 -37.28
N HIS C 99 2.94 6.48 -36.55
CA HIS C 99 3.08 6.63 -35.09
C HIS C 99 2.97 5.34 -34.28
N ASP C 100 1.96 4.52 -34.57
CA ASP C 100 1.61 3.42 -33.69
C ASP C 100 2.49 2.19 -33.88
N ARG C 101 3.53 2.32 -34.69
CA ARG C 101 4.48 1.24 -34.88
C ARG C 101 5.59 1.31 -33.83
N THR C 102 5.57 2.38 -33.03
CA THR C 102 6.45 2.53 -31.88
C THR C 102 5.72 3.14 -30.69
N LYS C 103 6.48 3.43 -29.64
CA LYS C 103 5.94 4.04 -28.42
C LYS C 103 6.02 5.57 -28.46
N ILE C 104 6.41 6.11 -29.62
CA ILE C 104 6.78 7.51 -29.75
C ILE C 104 5.72 8.52 -29.30
N ARG C 105 4.44 8.17 -29.40
CA ARG C 105 3.37 9.08 -29.02
C ARG C 105 3.47 9.57 -27.59
N GLN C 106 3.94 8.72 -26.69
CA GLN C 106 3.97 9.04 -25.27
C GLN C 106 5.18 9.87 -24.86
N LEU C 107 6.07 10.12 -25.81
CA LEU C 107 7.29 10.89 -25.56
C LEU C 107 7.04 12.24 -24.86
N PRO C 108 6.08 13.05 -25.34
CA PRO C 108 5.85 14.30 -24.60
C PRO C 108 5.27 14.09 -23.21
N ASN C 109 4.54 13.00 -23.01
CA ASN C 109 3.99 12.68 -21.70
C ASN C 109 5.09 12.22 -20.74
N LEU C 110 6.10 11.57 -21.30
CA LEU C 110 7.30 11.21 -20.53
C LEU C 110 8.06 12.46 -20.09
N LEU C 111 8.19 13.41 -21.02
CA LEU C 111 8.91 14.65 -20.75
C LEU C 111 8.26 15.47 -19.63
N ARG C 112 6.94 15.57 -19.66
CA ARG C 112 6.22 16.39 -18.68
C ARG C 112 6.32 15.81 -17.27
N GLY C 113 6.82 14.59 -17.16
CA GLY C 113 7.03 13.97 -15.85
C GLY C 113 8.26 14.54 -15.16
N TYR C 114 9.08 15.27 -15.92
CA TYR C 114 10.25 15.94 -15.36
C TYR C 114 9.89 17.38 -14.99
N GLU C 115 10.56 17.93 -13.97
CA GLU C 115 10.39 19.33 -13.65
C GLU C 115 11.03 20.21 -14.73
N ASN C 116 12.29 19.91 -15.06
CA ASN C 116 13.04 20.71 -16.03
C ASN C 116 13.20 19.98 -17.35
N ILE C 117 12.82 20.64 -18.44
CA ILE C 117 12.93 20.07 -19.77
C ILE C 117 13.65 21.05 -20.69
N ARG C 118 14.77 20.63 -21.27
CA ARG C 118 15.47 21.46 -22.24
C ARG C 118 16.07 20.64 -23.38
N LEU C 119 16.11 21.24 -24.56
CA LEU C 119 16.77 20.63 -25.71
C LEU C 119 18.26 20.96 -25.70
N SER C 120 19.09 19.97 -26.03
CA SER C 120 20.53 20.17 -26.12
C SER C 120 20.88 21.15 -27.23
N THR C 121 22.01 21.84 -27.07
CA THR C 121 22.47 22.78 -28.07
C THR C 121 23.38 22.10 -29.08
N SER C 122 24.00 21.01 -28.67
CA SER C 122 24.86 20.24 -29.55
C SER C 122 24.16 19.01 -30.11
N ASN C 123 24.68 18.50 -31.23
CA ASN C 123 24.18 17.25 -31.79
C ASN C 123 24.87 16.09 -31.11
N VAL C 124 24.13 15.03 -30.85
CA VAL C 124 24.67 13.90 -30.10
C VAL C 124 25.47 12.98 -31.03
N ILE C 125 25.21 13.11 -32.32
CA ILE C 125 25.94 12.35 -33.32
C ILE C 125 26.34 13.24 -34.51
N ASN C 126 27.59 13.12 -34.92
CA ASN C 126 28.09 13.84 -36.09
C ASN C 126 27.76 13.09 -37.38
N THR C 127 26.90 13.69 -38.20
CA THR C 127 26.49 13.08 -39.47
C THR C 127 27.66 12.92 -40.43
N GLU C 128 28.69 13.72 -40.24
CA GLU C 128 29.82 13.73 -41.16
C GLU C 128 30.85 12.65 -40.83
N THR C 129 30.69 12.00 -39.68
CA THR C 129 31.57 10.90 -39.30
C THR C 129 30.80 9.63 -38.98
N ALA C 130 29.49 9.66 -39.17
CA ALA C 130 28.65 8.51 -38.84
C ALA C 130 28.91 7.35 -39.80
N PRO C 131 28.96 6.12 -39.25
CA PRO C 131 29.17 4.88 -40.00
C PRO C 131 28.20 4.71 -41.17
N GLY C 132 28.69 4.14 -42.26
CA GLY C 132 27.86 3.84 -43.41
C GLY C 132 28.10 4.77 -44.58
N GLY C 133 29.37 4.94 -44.94
CA GLY C 133 29.76 5.79 -46.04
C GLY C 133 29.41 7.26 -45.81
N PRO C 134 29.74 8.11 -46.78
CA PRO C 134 29.45 9.55 -46.67
C PRO C 134 27.98 9.90 -46.89
N TYR C 135 27.50 10.89 -46.15
CA TYR C 135 26.10 11.27 -46.16
C TYR C 135 25.91 12.74 -46.49
N LYS C 136 24.72 13.10 -46.98
CA LYS C 136 24.25 14.48 -46.91
C LYS C 136 22.99 14.47 -46.07
N VAL C 137 22.66 15.59 -45.43
CA VAL C 137 21.44 15.63 -44.63
C VAL C 137 20.30 16.08 -45.54
N GLY C 138 19.19 15.35 -45.45
CA GLY C 138 18.03 15.61 -46.28
C GLY C 138 17.07 16.60 -45.62
N THR C 139 16.29 17.27 -46.44
CA THR C 139 15.27 18.19 -45.96
C THR C 139 13.99 17.92 -46.72
N SER C 140 12.92 18.57 -46.32
CA SER C 140 11.62 18.33 -46.94
C SER C 140 10.73 19.56 -46.89
N GLY C 141 9.79 19.63 -47.83
CA GLY C 141 8.84 20.73 -47.89
C GLY C 141 7.82 20.68 -46.78
N SER C 142 7.62 19.50 -46.22
CA SER C 142 6.70 19.31 -45.11
C SER C 142 7.22 19.91 -43.80
N CYS C 143 8.52 20.20 -43.73
CA CYS C 143 9.13 20.75 -42.51
C CYS C 143 9.82 22.11 -42.70
N PRO C 144 9.04 23.17 -43.01
CA PRO C 144 9.63 24.49 -43.20
C PRO C 144 10.24 25.04 -41.90
N ASN C 145 11.46 25.56 -41.96
CA ASN C 145 12.12 26.07 -40.75
C ASN C 145 11.86 27.54 -40.45
N VAL C 146 12.66 28.11 -39.54
CA VAL C 146 12.43 29.46 -39.02
C VAL C 146 12.71 30.57 -40.04
N THR C 147 13.43 30.25 -41.10
CA THR C 147 13.60 31.17 -42.21
C THR C 147 12.86 30.61 -43.41
N ASN C 148 11.90 29.73 -43.10
CA ASN C 148 10.95 29.17 -44.05
C ASN C 148 11.61 28.32 -45.14
N GLY C 149 12.86 27.92 -44.93
CA GLY C 149 13.50 26.93 -45.80
C GLY C 149 13.21 25.48 -45.44
N ASN C 150 13.37 24.59 -46.41
CA ASN C 150 13.13 23.18 -46.17
C ASN C 150 14.03 22.61 -45.08
N GLY C 151 13.41 21.93 -44.11
CA GLY C 151 14.10 21.38 -42.95
C GLY C 151 13.60 20.02 -42.52
N PHE C 152 13.79 19.74 -41.23
CA PHE C 152 13.44 18.45 -40.67
C PHE C 152 13.40 18.56 -39.14
N PHE C 153 12.85 17.54 -38.49
CA PHE C 153 12.85 17.47 -37.03
C PHE C 153 14.23 17.74 -36.47
N ASN C 154 14.34 18.75 -35.61
CA ASN C 154 15.63 19.13 -35.04
C ASN C 154 16.25 18.06 -34.15
N THR C 155 15.43 17.09 -33.73
CA THR C 155 15.93 15.99 -32.91
C THR C 155 16.62 14.93 -33.75
N MET C 156 16.47 15.03 -35.07
CA MET C 156 16.99 13.99 -35.96
C MET C 156 17.69 14.55 -37.19
N ALA C 157 18.48 13.72 -37.85
CA ALA C 157 19.10 14.07 -39.12
C ALA C 157 18.79 13.03 -40.17
N TRP C 158 18.03 13.44 -41.19
CA TRP C 158 17.73 12.58 -42.32
C TRP C 158 18.95 12.47 -43.24
N VAL C 159 19.78 11.47 -43.02
CA VAL C 159 21.00 11.32 -43.82
C VAL C 159 20.73 10.49 -45.08
N ILE C 160 21.19 11.02 -46.21
CA ILE C 160 21.00 10.38 -47.50
C ILE C 160 22.37 10.16 -48.12
N PRO C 161 22.66 8.91 -48.52
CA PRO C 161 23.98 8.57 -49.09
C PRO C 161 24.37 9.42 -50.29
N LYS C 162 25.61 9.86 -50.31
CA LYS C 162 26.16 10.63 -51.42
C LYS C 162 26.21 9.75 -52.68
N ASP C 163 26.33 10.40 -53.84
CA ASP C 163 26.30 9.70 -55.13
C ASP C 163 27.37 8.62 -55.27
N ASN C 164 28.44 8.71 -54.49
CA ASN C 164 29.46 7.68 -54.49
C ASN C 164 29.16 6.59 -53.46
N ASN C 165 27.97 6.65 -52.86
CA ASN C 165 27.64 5.76 -51.74
C ASN C 165 26.25 5.11 -51.91
N LYS C 166 25.70 5.19 -53.11
CA LYS C 166 24.39 4.58 -53.36
C LYS C 166 24.50 3.06 -53.40
N ILE C 167 24.65 2.44 -52.24
CA ILE C 167 24.81 1.00 -52.16
C ILE C 167 24.29 0.43 -50.84
N ALA C 168 23.84 -0.82 -50.86
CA ALA C 168 23.43 -1.52 -49.65
C ALA C 168 24.59 -1.63 -48.66
N ILE C 169 24.28 -1.63 -47.36
CA ILE C 169 25.30 -1.82 -46.34
C ILE C 169 24.88 -2.86 -45.30
N ASN C 170 25.87 -3.53 -44.71
CA ASN C 170 25.64 -4.29 -43.49
C ASN C 170 25.21 -3.35 -42.39
N PRO C 171 24.47 -3.86 -41.39
CA PRO C 171 24.07 -3.00 -40.28
C PRO C 171 25.28 -2.44 -39.55
N VAL C 172 25.39 -1.12 -39.45
CA VAL C 172 26.51 -0.50 -38.76
C VAL C 172 26.07 0.05 -37.41
N THR C 173 27.01 0.15 -36.49
CA THR C 173 26.71 0.56 -35.12
C THR C 173 27.26 1.94 -34.80
N VAL C 174 26.41 2.76 -34.17
CA VAL C 174 26.87 4.03 -33.64
C VAL C 174 26.60 4.07 -32.14
N GLU C 175 27.59 4.52 -31.37
CA GLU C 175 27.40 4.71 -29.94
C GLU C 175 26.86 6.11 -29.70
N VAL C 176 25.75 6.20 -28.98
CA VAL C 176 25.16 7.49 -28.66
C VAL C 176 25.61 7.95 -27.27
N PRO C 177 26.50 8.94 -27.23
CA PRO C 177 27.10 9.44 -26.00
C PRO C 177 26.11 10.21 -25.12
N TYR C 178 26.37 10.21 -23.82
CA TYR C 178 25.62 11.03 -22.88
C TYR C 178 26.23 12.44 -22.87
N ILE C 179 25.47 13.43 -23.34
CA ILE C 179 25.97 14.80 -23.42
C ILE C 179 25.22 15.79 -22.51
N CYS C 180 24.35 15.29 -21.66
CA CYS C 180 23.56 16.14 -20.77
C CYS C 180 24.31 16.46 -19.47
N SER C 181 23.75 17.37 -18.68
CA SER C 181 24.41 17.83 -17.46
C SER C 181 24.11 16.91 -16.28
N GLU C 182 24.94 17.04 -15.23
CA GLU C 182 24.84 16.23 -14.01
C GLU C 182 23.42 16.05 -13.48
N GLY C 183 23.02 14.78 -13.38
CA GLY C 183 21.74 14.43 -12.78
C GLY C 183 20.59 14.44 -13.77
N GLU C 184 20.87 14.90 -14.98
CA GLU C 184 19.83 14.98 -16.01
C GLU C 184 19.69 13.65 -16.74
N ASP C 185 18.46 13.27 -17.04
CA ASP C 185 18.22 12.17 -17.95
C ASP C 185 18.37 12.67 -19.38
N GLN C 186 18.93 11.83 -20.25
CA GLN C 186 18.97 12.17 -21.66
C GLN C 186 17.93 11.34 -22.41
N ILE C 187 17.05 12.00 -23.14
CA ILE C 187 16.07 11.30 -23.94
C ILE C 187 16.39 11.50 -25.42
N THR C 188 16.84 10.41 -26.05
CA THR C 188 17.34 10.46 -27.41
C THR C 188 16.27 10.05 -28.42
N VAL C 189 16.00 10.93 -29.37
CA VAL C 189 15.04 10.64 -30.42
C VAL C 189 15.72 10.22 -31.72
N TRP C 190 15.19 9.19 -32.36
CA TRP C 190 15.78 8.63 -33.57
C TRP C 190 14.70 7.89 -34.35
N GLY C 191 15.04 7.45 -35.55
CA GLY C 191 14.11 6.69 -36.35
C GLY C 191 14.67 6.27 -37.69
N PHE C 192 13.79 5.93 -38.62
CA PHE C 192 14.23 5.58 -39.97
C PHE C 192 13.19 5.92 -41.03
N HIS C 193 13.68 6.42 -42.17
CA HIS C 193 12.84 6.72 -43.31
C HIS C 193 12.71 5.53 -44.23
N SER C 194 11.54 5.37 -44.83
CA SER C 194 11.33 4.35 -45.86
C SER C 194 10.46 4.91 -46.97
N ASP C 195 10.45 4.22 -48.10
CA ASP C 195 9.75 4.70 -49.29
C ASP C 195 9.38 3.51 -50.18
N ASP C 196 8.75 3.79 -51.31
CA ASP C 196 8.48 2.75 -52.28
C ASP C 196 9.78 2.31 -52.97
N LYS C 197 9.71 1.22 -53.74
CA LYS C 197 10.89 0.61 -54.34
C LYS C 197 11.75 1.56 -55.17
N THR C 198 11.10 2.41 -55.96
CA THR C 198 11.81 3.33 -56.85
C THR C 198 12.61 4.37 -56.07
N GLN C 199 11.94 5.04 -55.14
CA GLN C 199 12.56 6.08 -54.35
C GLN C 199 13.66 5.56 -53.42
N MET C 200 13.49 4.34 -52.92
CA MET C 200 14.48 3.71 -52.06
C MET C 200 15.83 3.60 -52.74
N GLU C 201 15.85 3.10 -53.97
CA GLU C 201 17.07 2.99 -54.75
C GLU C 201 17.66 4.33 -55.15
N ARG C 202 16.82 5.28 -55.55
CA ARG C 202 17.30 6.64 -55.84
C ARG C 202 18.00 7.22 -54.62
N LEU C 203 17.35 7.12 -53.46
CA LEU C 203 17.90 7.68 -52.23
C LEU C 203 19.03 6.83 -51.64
N TYR C 204 18.87 5.52 -51.65
CA TYR C 204 19.73 4.66 -50.83
C TYR C 204 20.46 3.57 -51.61
N GLY C 205 20.02 3.31 -52.84
CA GLY C 205 20.64 2.28 -53.66
C GLY C 205 20.29 0.88 -53.18
N ASP C 206 19.17 0.77 -52.46
CA ASP C 206 18.70 -0.50 -51.94
C ASP C 206 17.20 -0.43 -51.72
N SER C 207 16.47 -1.40 -52.24
CA SER C 207 15.01 -1.41 -52.11
C SER C 207 14.51 -2.59 -51.29
N ASN C 208 15.43 -3.30 -50.65
CA ASN C 208 15.05 -4.34 -49.69
C ASN C 208 14.70 -3.72 -48.34
N PRO C 209 13.92 -4.43 -47.52
CA PRO C 209 13.65 -3.93 -46.17
C PRO C 209 14.93 -3.73 -45.37
N GLN C 210 15.00 -2.61 -44.65
CA GLN C 210 16.17 -2.29 -43.83
C GLN C 210 15.88 -2.61 -42.36
N LYS C 211 16.93 -2.91 -41.60
CA LYS C 211 16.76 -3.35 -40.22
C LYS C 211 17.46 -2.42 -39.24
N PHE C 212 16.81 -2.21 -38.09
CA PHE C 212 17.31 -1.25 -37.11
C PHE C 212 17.18 -1.77 -35.69
N THR C 213 18.21 -1.56 -34.88
CA THR C 213 18.24 -2.09 -33.52
C THR C 213 18.84 -1.07 -32.54
N SER C 214 18.13 -0.84 -31.44
CA SER C 214 18.62 0.07 -30.40
C SER C 214 18.82 -0.69 -29.09
N SER C 215 19.78 -0.23 -28.28
CA SER C 215 20.02 -0.82 -26.98
C SER C 215 20.38 0.23 -25.94
N ALA C 216 19.63 0.24 -24.84
CA ALA C 216 19.88 1.16 -23.74
C ALA C 216 19.26 0.64 -22.45
N ASN C 217 20.02 0.70 -21.37
CA ASN C 217 19.59 0.21 -20.06
C ASN C 217 19.02 -1.20 -20.09
N GLY C 218 19.65 -2.07 -20.86
CA GLY C 218 19.25 -3.46 -20.93
C GLY C 218 18.05 -3.72 -21.82
N VAL C 219 17.47 -2.65 -22.35
CA VAL C 219 16.33 -2.74 -23.24
C VAL C 219 16.75 -2.72 -24.71
N THR C 220 16.43 -3.79 -25.43
CA THR C 220 16.69 -3.84 -26.86
C THR C 220 15.38 -3.78 -27.64
N THR C 221 15.38 -3.03 -28.72
CA THR C 221 14.22 -2.94 -29.60
C THR C 221 14.66 -3.16 -31.04
N HIS C 222 13.87 -3.90 -31.80
CA HIS C 222 14.24 -4.25 -33.16
C HIS C 222 13.12 -3.92 -34.16
N TYR C 223 13.49 -3.26 -35.25
CA TYR C 223 12.52 -2.86 -36.27
C TYR C 223 12.96 -3.32 -37.66
N VAL C 224 11.99 -3.67 -38.49
CA VAL C 224 12.24 -3.93 -39.91
C VAL C 224 11.35 -3.03 -40.74
N SER C 225 11.94 -2.34 -41.70
CA SER C 225 11.21 -1.33 -42.47
C SER C 225 10.24 -1.95 -43.47
N GLN C 226 9.37 -1.11 -44.01
CA GLN C 226 8.40 -1.54 -45.01
C GLN C 226 8.65 -0.81 -46.33
N ILE C 227 8.66 -1.56 -47.43
CA ILE C 227 8.86 -0.96 -48.75
C ILE C 227 7.54 -0.78 -49.48
N GLY C 228 7.05 0.46 -49.53
CA GLY C 228 5.81 0.78 -50.21
C GLY C 228 4.56 0.22 -49.55
N GLY C 229 3.40 0.56 -50.12
CA GLY C 229 2.12 0.13 -49.61
C GLY C 229 1.78 0.69 -48.25
N PHE C 230 2.16 1.94 -48.02
CA PHE C 230 2.00 2.60 -46.72
C PHE C 230 0.56 3.01 -46.43
N PRO C 231 0.20 3.09 -45.13
CA PRO C 231 -1.04 3.77 -44.75
C PRO C 231 -0.91 5.25 -45.10
N ASN C 232 -2.03 5.93 -45.30
CA ASN C 232 -1.98 7.34 -45.70
C ASN C 232 -1.51 8.26 -44.60
N GLN C 233 -0.90 9.35 -45.05
CA GLN C 233 -0.39 10.38 -44.18
C GLN C 233 -1.47 10.87 -43.24
N THR C 234 -1.12 11.03 -41.98
CA THR C 234 -2.02 11.55 -40.98
C THR C 234 -1.23 12.36 -39.97
N GLU C 235 -1.88 13.35 -39.37
CA GLU C 235 -1.27 14.16 -38.34
C GLU C 235 0.02 14.83 -38.82
N ASP C 236 0.09 15.13 -40.12
CA ASP C 236 1.28 15.73 -40.71
C ASP C 236 1.04 17.11 -41.31
N GLU C 237 1.97 17.56 -42.15
CA GLU C 237 1.94 18.92 -42.69
C GLU C 237 0.88 19.07 -43.78
N GLY C 238 0.51 17.95 -44.40
CA GLY C 238 -0.50 17.95 -45.43
C GLY C 238 0.02 17.88 -46.86
N LEU C 239 1.32 18.05 -47.02
CA LEU C 239 1.95 17.92 -48.33
C LEU C 239 2.16 16.46 -48.69
N LYS C 240 1.69 16.06 -49.87
CA LYS C 240 1.73 14.66 -50.28
C LYS C 240 3.16 14.14 -50.35
N GLN C 241 3.37 12.95 -49.78
CA GLN C 241 4.67 12.33 -49.73
C GLN C 241 4.54 10.85 -50.05
N SER C 242 5.56 10.27 -50.68
CA SER C 242 5.54 8.86 -51.04
C SER C 242 6.15 8.02 -49.93
N GLY C 243 6.95 8.65 -49.08
CA GLY C 243 7.60 7.95 -47.99
C GLY C 243 6.94 8.15 -46.63
N ARG C 244 7.36 7.32 -45.68
CA ARG C 244 6.91 7.43 -44.30
C ARG C 244 8.13 7.28 -43.40
N ILE C 245 8.10 7.90 -42.23
CA ILE C 245 9.15 7.64 -41.25
C ILE C 245 8.59 6.94 -40.02
N VAL C 246 9.45 6.18 -39.36
CA VAL C 246 9.14 5.58 -38.07
C VAL C 246 10.05 6.22 -37.05
N VAL C 247 9.49 6.65 -35.92
CA VAL C 247 10.27 7.38 -34.93
C VAL C 247 10.17 6.69 -33.58
N ASP C 248 11.27 6.67 -32.84
CA ASP C 248 11.33 6.04 -31.54
C ASP C 248 12.13 6.92 -30.61
N TYR C 249 12.04 6.68 -29.31
CA TYR C 249 12.92 7.37 -28.38
C TYR C 249 13.68 6.39 -27.52
N MET C 250 14.78 6.87 -26.95
CA MET C 250 15.69 6.04 -26.20
C MET C 250 16.12 6.80 -24.94
N VAL C 251 15.78 6.27 -23.78
CA VAL C 251 16.09 6.95 -22.53
C VAL C 251 17.47 6.56 -22.04
N GLN C 252 18.30 7.56 -21.78
CA GLN C 252 19.64 7.31 -21.25
C GLN C 252 19.81 7.96 -19.88
N LYS C 253 19.97 7.12 -18.86
CA LYS C 253 20.16 7.58 -17.50
C LYS C 253 21.54 8.24 -17.42
N PRO C 254 21.81 9.02 -16.35
CA PRO C 254 23.07 9.78 -16.29
C PRO C 254 24.33 8.93 -16.51
N GLY C 255 25.17 9.39 -17.43
CA GLY C 255 26.43 8.73 -17.74
C GLY C 255 26.29 7.45 -18.56
N LYS C 256 25.08 7.16 -19.04
CA LYS C 256 24.84 5.95 -19.81
C LYS C 256 24.82 6.23 -21.31
N THR C 257 25.51 5.39 -22.07
CA THR C 257 25.45 5.45 -23.52
C THR C 257 24.41 4.49 -24.06
N GLY C 258 23.93 4.78 -25.27
CA GLY C 258 23.07 3.85 -25.98
C GLY C 258 23.72 3.52 -27.31
N THR C 259 23.21 2.49 -27.99
CA THR C 259 23.68 2.19 -29.32
C THR C 259 22.51 2.10 -30.31
N ILE C 260 22.78 2.42 -31.56
CA ILE C 260 21.84 2.17 -32.63
C ILE C 260 22.53 1.43 -33.76
N VAL C 261 22.05 0.23 -34.08
CA VAL C 261 22.55 -0.51 -35.22
C VAL C 261 21.58 -0.26 -36.37
N TYR C 262 22.10 0.15 -37.52
CA TYR C 262 21.23 0.60 -38.60
C TYR C 262 21.77 0.33 -40.00
N GLN C 263 20.89 0.46 -40.97
CA GLN C 263 21.25 0.35 -42.38
C GLN C 263 20.84 1.64 -43.11
N ARG C 264 20.12 1.49 -44.22
CA ARG C 264 19.73 2.64 -45.03
C ARG C 264 18.42 3.25 -44.56
N GLY C 265 18.35 4.59 -44.58
CA GLY C 265 17.15 5.30 -44.19
C GLY C 265 17.16 5.81 -42.77
N ILE C 266 18.27 5.59 -42.08
CA ILE C 266 18.41 5.97 -40.68
C ILE C 266 18.19 7.47 -40.43
N LEU C 267 17.44 7.78 -39.39
CA LEU C 267 17.33 9.16 -38.90
C LEU C 267 18.17 9.28 -37.63
N LEU C 268 19.41 9.74 -37.80
CA LEU C 268 20.34 9.85 -36.69
C LEU C 268 19.89 10.92 -35.70
N PRO C 269 20.03 10.64 -34.40
CA PRO C 269 19.72 11.65 -33.39
C PRO C 269 20.65 12.86 -33.49
N GLN C 270 20.10 14.05 -33.25
CA GLN C 270 20.90 15.26 -33.22
C GLN C 270 20.72 15.95 -31.88
N LYS C 271 19.76 16.86 -31.81
CA LYS C 271 19.44 17.49 -30.54
C LYS C 271 18.70 16.50 -29.66
N VAL C 272 19.13 16.38 -28.41
CA VAL C 272 18.49 15.46 -27.48
C VAL C 272 17.91 16.22 -26.30
N TRP C 273 16.94 15.61 -25.64
CA TRP C 273 16.34 16.23 -24.47
C TRP C 273 17.17 15.97 -23.22
N CYS C 274 17.36 17.02 -22.44
CA CYS C 274 17.98 16.89 -21.12
C CYS C 274 16.97 17.28 -20.07
N ALA C 275 16.72 16.37 -19.13
CA ALA C 275 15.62 16.53 -18.20
C ALA C 275 16.03 16.11 -16.79
N SER C 276 15.52 16.85 -15.80
CA SER C 276 15.83 16.56 -14.41
C SER C 276 14.65 16.90 -13.50
N GLY C 277 14.71 16.42 -12.26
CA GLY C 277 13.64 16.64 -11.30
C GLY C 277 12.39 15.87 -11.65
N ARG C 278 11.41 15.90 -10.77
CA ARG C 278 10.12 15.28 -11.06
C ARG C 278 8.99 16.29 -11.03
N SER C 279 8.11 16.21 -12.02
CA SER C 279 6.88 16.98 -12.00
C SER C 279 5.75 16.06 -11.57
N LYS C 280 4.86 16.57 -10.72
CA LYS C 280 3.72 15.77 -10.28
C LYS C 280 2.61 15.85 -11.32
N VAL C 281 2.20 14.70 -11.83
CA VAL C 281 1.32 14.63 -12.98
C VAL C 281 -0.02 14.00 -12.66
N ILE C 282 -1.10 14.63 -13.12
CA ILE C 282 -2.41 14.02 -13.11
C ILE C 282 -3.11 14.28 -14.44
N LYS C 283 -4.11 13.47 -14.77
CA LYS C 283 -4.91 13.73 -15.96
C LYS C 283 -5.81 14.93 -15.74
N GLY C 284 -5.96 15.74 -16.79
CA GLY C 284 -6.82 16.91 -16.74
C GLY C 284 -7.11 17.39 -18.15
N SER C 285 -7.72 18.57 -18.25
CA SER C 285 -8.03 19.14 -19.55
C SER C 285 -7.64 20.61 -19.61
N LEU C 286 -7.57 21.13 -20.82
CA LEU C 286 -7.18 22.52 -21.03
C LEU C 286 -8.36 23.32 -21.55
N PRO C 287 -8.37 24.65 -21.30
CA PRO C 287 -7.34 25.43 -20.59
C PRO C 287 -7.50 25.39 -19.08
N LEU C 288 -6.44 25.74 -18.37
CA LEU C 288 -6.50 25.90 -16.92
C LEU C 288 -7.14 27.24 -16.59
N ILE C 289 -8.32 27.19 -15.97
CA ILE C 289 -9.07 28.40 -15.69
C ILE C 289 -9.06 28.76 -14.21
N GLY C 290 -8.34 29.84 -13.89
CA GLY C 290 -8.31 30.37 -12.55
C GLY C 290 -7.35 29.64 -11.63
N GLU C 291 -7.66 29.64 -10.34
CA GLU C 291 -6.78 29.07 -9.33
C GLU C 291 -7.57 28.16 -8.40
N ALA C 292 -6.93 27.13 -7.87
CA ALA C 292 -7.60 26.19 -6.96
C ALA C 292 -6.64 25.63 -5.92
N ASP C 293 -7.18 25.24 -4.78
CA ASP C 293 -6.41 24.61 -3.71
C ASP C 293 -5.93 23.24 -4.18
N CYS C 294 -6.72 22.62 -5.03
CA CYS C 294 -6.58 21.21 -5.33
C CYS C 294 -6.99 20.89 -6.77
N LEU C 295 -6.21 20.04 -7.42
CA LEU C 295 -6.58 19.54 -8.74
C LEU C 295 -6.93 18.08 -8.63
N HIS C 296 -8.11 17.72 -9.14
CA HIS C 296 -8.67 16.39 -8.96
C HIS C 296 -9.09 15.83 -10.31
N GLU C 297 -8.68 14.60 -10.60
CA GLU C 297 -8.86 14.04 -11.95
C GLU C 297 -10.33 13.93 -12.36
N LYS C 298 -11.23 13.80 -11.39
CA LYS C 298 -12.66 13.71 -11.68
C LYS C 298 -13.36 15.06 -11.57
N TYR C 299 -12.97 15.87 -10.58
CA TYR C 299 -13.71 17.09 -10.27
C TYR C 299 -13.00 18.36 -10.75
N GLY C 300 -11.80 18.20 -11.29
CA GLY C 300 -11.03 19.34 -11.76
C GLY C 300 -10.55 20.18 -10.60
N GLY C 301 -10.54 21.50 -10.79
CA GLY C 301 -10.14 22.40 -9.73
C GLY C 301 -11.21 22.49 -8.65
N LEU C 302 -10.78 22.41 -7.40
CA LEU C 302 -11.69 22.58 -6.27
C LEU C 302 -10.96 23.19 -5.08
N ASN C 303 -11.69 23.96 -4.28
CA ASN C 303 -11.13 24.54 -3.08
C ASN C 303 -11.53 23.73 -1.86
N LYS C 304 -10.70 23.76 -0.82
CA LYS C 304 -10.91 22.92 0.34
C LYS C 304 -11.71 23.64 1.43
N SER C 305 -12.83 23.03 1.81
CA SER C 305 -13.64 23.53 2.92
C SER C 305 -13.68 22.48 4.03
N LYS C 306 -14.57 21.50 3.87
CA LYS C 306 -14.61 20.35 4.77
C LYS C 306 -13.29 19.58 4.70
N PRO C 307 -12.90 18.94 5.81
CA PRO C 307 -11.64 18.19 5.82
C PRO C 307 -11.70 16.91 4.99
N TYR C 308 -12.90 16.40 4.75
CA TYR C 308 -13.06 15.16 4.01
C TYR C 308 -14.05 15.35 2.86
N TYR C 309 -14.10 14.41 1.93
CA TYR C 309 -15.12 14.45 0.89
C TYR C 309 -15.62 13.06 0.52
N THR C 310 -16.85 13.00 0.01
CA THR C 310 -17.43 11.76 -0.48
C THR C 310 -17.59 11.85 -1.99
N GLY C 311 -17.70 10.71 -2.65
CA GLY C 311 -17.88 10.68 -4.08
C GLY C 311 -16.82 9.85 -4.78
N GLU C 312 -16.41 10.29 -5.96
CA GLU C 312 -15.48 9.53 -6.79
C GLU C 312 -14.03 9.79 -6.39
N HIS C 313 -13.39 8.80 -5.78
CA HIS C 313 -11.98 8.92 -5.46
C HIS C 313 -11.15 8.87 -6.75
N ALA C 314 -10.14 9.72 -6.82
CA ALA C 314 -9.24 9.74 -7.96
C ALA C 314 -7.95 10.44 -7.56
N LYS C 315 -6.94 10.36 -8.42
CA LYS C 315 -5.70 11.07 -8.19
C LYS C 315 -5.95 12.56 -8.02
N ALA C 316 -5.27 13.16 -7.05
CA ALA C 316 -5.44 14.58 -6.77
C ALA C 316 -4.18 15.16 -6.14
N ILE C 317 -3.85 16.40 -6.51
CA ILE C 317 -2.67 17.06 -5.97
C ILE C 317 -3.01 18.45 -5.42
N GLY C 318 -2.29 18.84 -4.36
CA GLY C 318 -2.48 20.14 -3.76
C GLY C 318 -3.10 20.03 -2.38
N ASN C 319 -3.78 21.09 -1.96
CA ASN C 319 -4.44 21.12 -0.66
C ASN C 319 -5.84 20.52 -0.77
N CYS C 320 -5.92 19.20 -0.64
CA CYS C 320 -7.13 18.46 -0.96
C CYS C 320 -7.83 17.89 0.27
N PRO C 321 -9.16 17.74 0.20
CA PRO C 321 -9.89 16.98 1.23
C PRO C 321 -9.60 15.49 1.10
N ILE C 322 -9.66 14.75 2.21
CA ILE C 322 -9.37 13.32 2.17
C ILE C 322 -10.65 12.51 1.93
N TRP C 323 -10.57 11.58 0.98
CA TRP C 323 -11.72 10.75 0.61
C TRP C 323 -12.14 9.79 1.72
N VAL C 324 -13.45 9.68 1.93
CA VAL C 324 -14.01 8.70 2.87
C VAL C 324 -15.21 7.97 2.25
N LYS C 325 -15.48 6.77 2.74
CA LYS C 325 -16.56 5.94 2.20
C LYS C 325 -17.96 6.50 2.46
N THR C 326 -18.14 7.19 3.58
CA THR C 326 -19.47 7.63 4.00
C THR C 326 -19.45 9.09 4.46
N PRO C 327 -20.62 9.77 4.37
CA PRO C 327 -20.68 11.17 4.82
C PRO C 327 -20.64 11.28 6.34
N LEU C 328 -19.43 11.34 6.90
CA LEU C 328 -19.24 11.38 8.34
C LEU C 328 -19.73 12.68 8.98
N LYS C 329 -20.34 12.54 10.15
CA LYS C 329 -20.77 13.68 10.95
C LYS C 329 -20.12 13.64 12.33
N LEU C 330 -19.78 14.81 12.86
CA LEU C 330 -19.36 14.90 14.25
C LEU C 330 -20.54 15.33 15.10
N ALA C 331 -20.82 14.57 16.15
CA ALA C 331 -21.94 14.88 17.04
C ALA C 331 -21.73 16.24 17.70
N ASN C 332 -22.75 17.09 17.59
CA ASN C 332 -22.72 18.40 18.24
C ASN C 332 -24.06 18.68 18.91
N GLY C 333 -24.34 17.91 19.95
CA GLY C 333 -25.60 17.97 20.66
C GLY C 333 -25.72 16.79 21.59
N THR C 334 -26.95 16.40 21.90
CA THR C 334 -27.17 15.31 22.85
C THR C 334 -28.00 14.19 22.22
N LYS C 335 -27.81 12.98 22.74
CA LYS C 335 -28.60 11.83 22.30
C LYS C 335 -30.08 12.09 22.56
N TYR C 336 -30.93 11.67 21.63
CA TYR C 336 -32.36 11.94 21.72
C TYR C 336 -32.99 11.45 23.01
N ARG C 337 -33.85 12.28 23.59
CA ARG C 337 -34.65 11.90 24.75
C ARG C 337 -36.11 12.25 24.53
N PRO C 338 -37.00 11.28 24.76
CA PRO C 338 -38.45 11.54 24.78
C PRO C 338 -38.80 12.53 25.89
N PRO C 339 -39.83 13.37 25.67
CA PRO C 339 -40.24 14.33 26.72
C PRO C 339 -40.65 13.65 28.02
N ALA C 340 -40.13 14.17 29.13
CA ALA C 340 -40.38 13.56 30.45
C ALA C 340 -41.82 13.73 30.91
N LYS C 341 -42.41 12.68 31.47
CA LYS C 341 -43.78 12.77 31.97
C LYS C 341 -43.89 13.77 33.12
N LEU C 342 -44.26 15.00 32.79
CA LEU C 342 -44.46 16.04 33.80
C LEU C 342 -45.89 16.01 34.34
N GLY D 1 -26.64 7.61 29.90
CA GLY D 1 -26.21 6.35 29.32
C GLY D 1 -26.42 5.18 30.28
N PHE D 2 -25.45 4.27 30.32
CA PHE D 2 -25.56 3.10 31.18
C PHE D 2 -25.51 3.50 32.65
N PHE D 3 -24.75 4.54 32.96
CA PHE D 3 -24.63 5.03 34.33
C PHE D 3 -25.99 5.50 34.83
N GLY D 4 -26.57 6.48 34.13
CA GLY D 4 -27.88 6.99 34.45
C GLY D 4 -28.97 5.93 34.52
N ALA D 5 -28.91 4.97 33.60
CA ALA D 5 -29.88 3.89 33.56
C ALA D 5 -29.83 3.04 34.82
N ILE D 6 -28.60 2.74 35.26
CA ILE D 6 -28.40 1.96 36.49
C ILE D 6 -28.63 2.82 37.73
N ALA D 7 -28.19 4.07 37.69
CA ALA D 7 -28.24 4.95 38.85
C ALA D 7 -29.65 5.48 39.11
N GLY D 8 -30.55 5.23 38.18
CA GLY D 8 -31.92 5.72 38.31
C GLY D 8 -32.08 7.19 37.92
N PHE D 9 -31.11 7.72 37.17
CA PHE D 9 -31.27 9.06 36.60
C PHE D 9 -32.47 9.06 35.66
N LEU D 10 -33.14 10.21 35.56
CA LEU D 10 -34.28 10.35 34.67
C LEU D 10 -33.85 10.12 33.22
N GLU D 11 -34.53 9.19 32.55
CA GLU D 11 -34.17 8.81 31.19
C GLU D 11 -34.82 9.75 30.16
N GLY D 12 -35.88 10.43 30.57
CA GLY D 12 -36.53 11.40 29.71
C GLY D 12 -35.77 12.71 29.64
N GLY D 13 -36.34 13.69 28.96
CA GLY D 13 -35.71 14.98 28.83
C GLY D 13 -36.74 16.11 28.89
N TRP D 14 -36.25 17.34 28.92
CA TRP D 14 -37.11 18.50 29.13
C TRP D 14 -37.10 19.45 27.93
N GLU D 15 -38.21 19.46 27.20
CA GLU D 15 -38.39 20.34 26.05
C GLU D 15 -38.19 21.81 26.38
N GLY D 16 -38.45 22.19 27.63
CA GLY D 16 -38.33 23.58 28.04
C GLY D 16 -36.89 24.03 28.19
N MET D 17 -35.99 23.06 28.25
CA MET D 17 -34.56 23.35 28.34
C MET D 17 -34.03 23.73 26.97
N ILE D 18 -34.17 25.00 26.60
CA ILE D 18 -33.89 25.45 25.24
C ILE D 18 -32.58 26.22 25.10
N ALA D 19 -32.10 26.81 26.20
CA ALA D 19 -30.91 27.64 26.15
C ALA D 19 -29.63 26.82 26.25
N GLY D 20 -29.78 25.52 26.47
CA GLY D 20 -28.63 24.65 26.67
C GLY D 20 -28.97 23.18 26.54
N TRP D 21 -27.94 22.35 26.68
CA TRP D 21 -28.11 20.91 26.51
C TRP D 21 -28.35 20.24 27.85
N HIS D 22 -27.80 20.85 28.90
CA HIS D 22 -27.75 20.25 30.23
C HIS D 22 -28.31 21.27 31.21
N GLY D 23 -28.89 20.81 32.31
CA GLY D 23 -29.27 21.73 33.37
C GLY D 23 -30.05 21.17 34.54
N TYR D 24 -31.00 21.95 35.01
CA TYR D 24 -31.73 21.63 36.23
C TYR D 24 -33.24 21.68 36.08
N THR D 25 -33.93 20.86 36.86
CA THR D 25 -35.36 20.99 37.02
C THR D 25 -35.70 21.16 38.50
N SER D 26 -36.82 21.84 38.77
CA SER D 26 -37.28 22.02 40.13
C SER D 26 -38.72 21.57 40.26
N HIS D 27 -39.01 20.79 41.31
CA HIS D 27 -40.34 20.24 41.50
C HIS D 27 -40.90 20.61 42.88
N GLY D 28 -42.03 21.31 42.87
CA GLY D 28 -42.66 21.75 44.10
C GLY D 28 -44.11 22.14 43.89
N ALA D 29 -44.57 23.11 44.67
CA ALA D 29 -45.95 23.60 44.57
C ALA D 29 -46.16 24.36 43.26
N HIS D 30 -45.08 24.96 42.76
CA HIS D 30 -45.11 25.72 41.52
C HIS D 30 -45.34 24.82 40.30
N GLY D 31 -45.26 23.52 40.51
CA GLY D 31 -45.29 22.57 39.40
C GLY D 31 -43.88 22.11 39.11
N VAL D 32 -43.43 22.31 37.87
CA VAL D 32 -42.06 21.94 37.51
C VAL D 32 -41.39 23.05 36.71
N ALA D 33 -40.31 23.60 37.28
CA ALA D 33 -39.51 24.61 36.60
C ALA D 33 -38.30 23.97 35.92
N VAL D 34 -37.84 24.59 34.82
CA VAL D 34 -36.71 24.06 34.06
C VAL D 34 -35.72 25.16 33.70
N ALA D 35 -34.44 24.93 33.97
CA ALA D 35 -33.40 25.88 33.61
C ALA D 35 -32.17 25.19 33.05
N ALA D 36 -31.64 25.72 31.95
CA ALA D 36 -30.41 25.20 31.35
C ALA D 36 -29.17 25.79 32.01
N ASP D 37 -28.14 24.98 32.16
CA ASP D 37 -26.84 25.46 32.63
C ASP D 37 -25.94 25.79 31.45
N LEU D 38 -25.54 27.05 31.33
CA LEU D 38 -24.76 27.51 30.20
C LEU D 38 -23.31 27.08 30.30
N LYS D 39 -22.80 27.01 31.53
CA LYS D 39 -21.42 26.58 31.76
C LYS D 39 -21.20 25.15 31.27
N SER D 40 -22.14 24.27 31.60
CA SER D 40 -22.05 22.88 31.20
C SER D 40 -22.19 22.73 29.69
N THR D 41 -23.07 23.52 29.10
CA THR D 41 -23.31 23.49 27.67
C THR D 41 -22.09 24.01 26.90
N GLN D 42 -21.52 25.11 27.38
CA GLN D 42 -20.33 25.68 26.75
C GLN D 42 -19.16 24.72 26.77
N GLU D 43 -18.95 24.08 27.92
CA GLU D 43 -17.88 23.10 28.08
C GLU D 43 -18.02 21.96 27.08
N ALA D 44 -19.25 21.48 26.90
CA ALA D 44 -19.53 20.41 25.96
C ALA D 44 -19.27 20.87 24.53
N ILE D 45 -19.65 22.10 24.24
CA ILE D 45 -19.49 22.66 22.89
C ILE D 45 -18.01 22.86 22.58
N ASN D 46 -17.26 23.32 23.57
CA ASN D 46 -15.82 23.53 23.41
C ASN D 46 -15.05 22.24 23.18
N LYS D 47 -15.42 21.19 23.92
CA LYS D 47 -14.81 19.88 23.74
C LYS D 47 -15.00 19.39 22.31
N ILE D 48 -16.23 19.51 21.81
CA ILE D 48 -16.57 19.11 20.46
C ILE D 48 -15.81 19.96 19.42
N THR D 49 -15.61 21.23 19.74
CA THR D 49 -14.93 22.15 18.84
C THR D 49 -13.44 21.78 18.72
N LYS D 50 -12.82 21.48 19.86
CA LYS D 50 -11.44 21.01 19.87
C LYS D 50 -11.32 19.69 19.12
N ASN D 51 -12.34 18.84 19.26
CA ASN D 51 -12.36 17.54 18.60
C ASN D 51 -12.46 17.71 17.09
N LEU D 52 -13.17 18.75 16.66
CA LEU D 52 -13.30 19.06 15.24
C LEU D 52 -11.96 19.50 14.66
N ASN D 53 -11.24 20.34 15.41
CA ASN D 53 -9.93 20.80 14.98
C ASN D 53 -8.93 19.65 14.86
N SER D 54 -9.02 18.72 15.80
CA SER D 54 -8.14 17.56 15.84
C SER D 54 -8.33 16.67 14.62
N LEU D 55 -9.59 16.41 14.28
CA LEU D 55 -9.94 15.61 13.11
C LEU D 55 -9.52 16.30 11.81
N SER D 56 -9.50 17.64 11.85
CA SER D 56 -9.21 18.44 10.66
C SER D 56 -7.71 18.62 10.42
N GLU D 57 -6.90 18.17 11.38
CA GLU D 57 -5.45 18.32 11.31
C GLU D 57 -4.76 17.26 10.46
N LEU D 58 -5.45 16.16 10.18
CA LEU D 58 -4.87 15.04 9.44
C LEU D 58 -4.36 15.40 8.06
N GLU D 59 -3.10 15.09 7.79
CA GLU D 59 -2.55 15.22 6.45
C GLU D 59 -2.09 13.87 5.91
N VAL D 60 -2.48 13.57 4.68
CA VAL D 60 -1.98 12.37 3.99
C VAL D 60 -1.40 12.75 2.64
N LYS D 61 -0.49 11.92 2.13
CA LYS D 61 0.18 12.18 0.87
C LYS D 61 -0.81 12.21 -0.30
N ASN D 62 -0.60 13.15 -1.21
CA ASN D 62 -1.33 13.16 -2.47
C ASN D 62 -1.07 11.89 -3.28
N LEU D 63 -2.09 11.43 -4.00
CA LEU D 63 -1.90 10.38 -4.99
C LEU D 63 -1.91 10.99 -6.39
N GLN D 64 -0.77 10.91 -7.09
CA GLN D 64 -0.72 11.36 -8.47
C GLN D 64 -0.20 10.25 -9.37
N ARG D 65 0.00 10.56 -10.64
CA ARG D 65 0.47 9.57 -11.60
C ARG D 65 1.96 9.28 -11.43
N LEU D 66 2.37 8.08 -11.83
CA LEU D 66 3.78 7.77 -11.97
C LEU D 66 4.35 8.60 -13.11
N SER D 67 5.53 9.16 -12.90
CA SER D 67 6.17 9.97 -13.93
C SER D 67 6.75 9.11 -15.05
N GLY D 68 7.18 7.90 -14.70
CA GLY D 68 7.86 7.03 -15.64
C GLY D 68 6.95 6.09 -16.43
N ALA D 69 5.86 5.67 -15.83
CA ALA D 69 4.98 4.70 -16.47
C ALA D 69 4.11 5.33 -17.54
N MET D 70 4.32 4.90 -18.78
CA MET D 70 3.59 5.44 -19.93
C MET D 70 2.37 4.59 -20.27
N ASN D 71 1.27 5.26 -20.62
CA ASN D 71 0.08 4.60 -21.12
C ASN D 71 0.39 3.61 -22.25
N GLU D 72 -0.33 2.49 -22.25
CA GLU D 72 -0.17 1.40 -23.23
C GLU D 72 1.12 0.59 -23.02
N LEU D 73 2.26 1.27 -23.05
CA LEU D 73 3.54 0.61 -22.87
C LEU D 73 3.67 -0.05 -21.49
N HIS D 74 3.09 0.58 -20.48
CA HIS D 74 3.24 0.12 -19.09
C HIS D 74 1.90 -0.12 -18.41
N ASP D 75 0.93 -0.64 -19.15
CA ASP D 75 -0.42 -0.82 -18.61
C ASP D 75 -0.47 -1.78 -17.42
N GLU D 76 0.38 -2.81 -17.43
CA GLU D 76 0.43 -3.74 -16.30
C GLU D 76 0.86 -3.00 -15.03
N ILE D 77 1.91 -2.20 -15.16
CA ILE D 77 2.39 -1.38 -14.05
C ILE D 77 1.31 -0.40 -13.61
N LEU D 78 0.60 0.16 -14.59
CA LEU D 78 -0.44 1.14 -14.32
C LEU D 78 -1.63 0.53 -13.58
N GLU D 79 -1.91 -0.74 -13.85
CA GLU D 79 -2.97 -1.44 -13.13
C GLU D 79 -2.61 -1.61 -11.66
N LEU D 80 -1.34 -1.89 -11.40
CA LEU D 80 -0.85 -2.04 -10.03
C LEU D 80 -0.87 -0.68 -9.31
N ASP D 81 -0.56 0.38 -10.05
CA ASP D 81 -0.58 1.73 -9.51
C ASP D 81 -2.01 2.12 -9.13
N GLU D 82 -2.96 1.72 -9.96
CA GLU D 82 -4.37 1.93 -9.68
C GLU D 82 -4.79 1.21 -8.40
N LYS D 83 -4.29 -0.01 -8.22
CA LYS D 83 -4.61 -0.82 -7.06
C LYS D 83 -4.03 -0.18 -5.80
N VAL D 84 -2.81 0.34 -5.92
CA VAL D 84 -2.15 1.03 -4.82
C VAL D 84 -2.95 2.26 -4.36
N ASP D 85 -3.46 3.03 -5.32
CA ASP D 85 -4.27 4.20 -5.00
C ASP D 85 -5.56 3.79 -4.30
N ASP D 86 -6.19 2.75 -4.82
CA ASP D 86 -7.47 2.27 -4.32
C ASP D 86 -7.35 1.77 -2.88
N LEU D 87 -6.29 1.01 -2.60
CA LEU D 87 -6.08 0.47 -1.26
C LEU D 87 -5.72 1.55 -0.26
N ARG D 88 -4.95 2.54 -0.71
CA ARG D 88 -4.64 3.70 0.12
C ARG D 88 -5.94 4.40 0.54
N ALA D 89 -6.78 4.67 -0.46
CA ALA D 89 -8.06 5.33 -0.23
C ALA D 89 -8.91 4.53 0.76
N ASP D 90 -8.97 3.23 0.53
CA ASP D 90 -9.73 2.32 1.38
C ASP D 90 -9.22 2.32 2.82
N THR D 91 -7.92 2.24 2.99
CA THR D 91 -7.31 2.11 4.31
C THR D 91 -7.43 3.37 5.16
N ILE D 92 -7.11 4.52 4.55
CA ILE D 92 -7.15 5.80 5.25
C ILE D 92 -8.58 6.17 5.62
N SER D 93 -9.53 5.85 4.73
CA SER D 93 -10.94 6.11 4.99
C SER D 93 -11.41 5.40 6.25
N SER D 94 -11.04 4.13 6.39
CA SER D 94 -11.46 3.33 7.54
C SER D 94 -10.77 3.82 8.81
N GLN D 95 -9.57 4.35 8.66
CA GLN D 95 -8.85 4.92 9.79
C GLN D 95 -9.54 6.19 10.27
N ILE D 96 -9.99 6.99 9.31
CA ILE D 96 -10.72 8.21 9.63
C ILE D 96 -12.08 7.87 10.26
N GLU D 97 -12.73 6.83 9.73
CA GLU D 97 -14.01 6.38 10.27
C GLU D 97 -13.86 5.91 11.71
N LEU D 98 -12.71 5.30 12.01
CA LEU D 98 -12.43 4.86 13.38
C LEU D 98 -12.25 6.05 14.30
N ALA D 99 -11.53 7.07 13.82
CA ALA D 99 -11.26 8.26 14.61
C ALA D 99 -12.53 9.03 14.92
N VAL D 100 -13.43 9.11 13.94
CA VAL D 100 -14.70 9.81 14.12
C VAL D 100 -15.63 9.04 15.03
N LEU D 101 -15.60 7.72 14.93
CA LEU D 101 -16.41 6.86 15.79
C LEU D 101 -16.06 7.06 17.26
N LEU D 102 -14.77 7.05 17.56
CA LEU D 102 -14.29 7.25 18.93
C LEU D 102 -14.61 8.65 19.45
N SER D 103 -14.60 9.63 18.56
CA SER D 103 -14.93 11.00 18.94
C SER D 103 -16.39 11.09 19.36
N ASN D 104 -17.28 10.57 18.53
CA ASN D 104 -18.70 10.56 18.81
C ASN D 104 -19.03 9.69 20.02
N GLU D 105 -18.29 8.59 20.17
CA GLU D 105 -18.44 7.72 21.33
C GLU D 105 -18.17 8.51 22.62
N GLY D 106 -17.07 9.26 22.61
CA GLY D 106 -16.72 10.12 23.73
C GLY D 106 -17.78 11.17 24.00
N ILE D 107 -18.26 11.79 22.93
CA ILE D 107 -19.22 12.89 23.04
C ILE D 107 -20.56 12.43 23.64
N ILE D 108 -21.11 11.34 23.12
CA ILE D 108 -22.37 10.81 23.63
C ILE D 108 -22.28 10.31 25.07
N ASN D 109 -21.24 9.52 25.38
CA ASN D 109 -21.05 8.97 26.71
C ASN D 109 -20.80 10.01 27.80
N SER D 110 -20.29 11.17 27.42
CA SER D 110 -19.90 12.19 28.40
C SER D 110 -21.10 12.91 29.00
N GLU D 111 -22.29 12.65 28.47
CA GLU D 111 -23.52 13.29 28.95
C GLU D 111 -23.75 13.10 30.44
N ASP D 112 -23.70 11.85 30.90
CA ASP D 112 -23.94 11.54 32.31
C ASP D 112 -22.88 12.16 33.21
N GLU D 113 -21.68 12.37 32.67
CA GLU D 113 -20.60 12.98 33.42
C GLU D 113 -20.86 14.47 33.65
N HIS D 114 -21.54 15.10 32.70
CA HIS D 114 -21.97 16.48 32.86
C HIS D 114 -23.00 16.56 34.00
N LEU D 115 -23.92 15.62 34.01
CA LEU D 115 -24.95 15.56 35.05
C LEU D 115 -24.33 15.37 36.42
N LEU D 116 -23.30 14.53 36.51
CA LEU D 116 -22.61 14.28 37.76
C LEU D 116 -21.87 15.53 38.24
N ALA D 117 -21.38 16.31 37.30
CA ALA D 117 -20.68 17.56 37.62
C ALA D 117 -21.68 18.64 38.03
N LEU D 118 -22.84 18.63 37.38
CA LEU D 118 -23.90 19.58 37.70
C LEU D 118 -24.46 19.30 39.10
N GLU D 119 -24.38 18.04 39.51
CA GLU D 119 -24.76 17.65 40.86
C GLU D 119 -23.88 18.37 41.89
N ARG D 120 -22.59 18.44 41.59
CA ARG D 120 -21.63 19.04 42.50
C ARG D 120 -21.82 20.56 42.59
N LYS D 121 -22.18 21.16 41.47
CA LYS D 121 -22.49 22.58 41.43
C LYS D 121 -23.73 22.88 42.26
N LEU D 122 -24.76 22.06 42.05
CA LEU D 122 -26.02 22.20 42.77
C LEU D 122 -25.85 22.01 44.27
N LYS D 123 -25.20 20.92 44.65
CA LYS D 123 -25.00 20.56 46.05
C LYS D 123 -24.38 21.67 46.90
N LYS D 124 -23.32 22.28 46.40
CA LYS D 124 -22.61 23.31 47.16
C LYS D 124 -23.48 24.55 47.37
N MET D 125 -24.24 24.92 46.33
CA MET D 125 -25.13 26.08 46.42
C MET D 125 -26.29 25.83 47.39
N LEU D 126 -26.80 24.60 47.40
CA LEU D 126 -27.96 24.27 48.21
C LEU D 126 -27.65 24.30 49.71
N GLY D 127 -26.37 24.14 50.05
CA GLY D 127 -25.96 24.19 51.44
C GLY D 127 -26.21 22.89 52.18
N PRO D 128 -25.67 22.77 53.40
CA PRO D 128 -25.71 21.54 54.21
C PRO D 128 -27.10 21.13 54.70
N SER D 129 -28.11 21.97 54.47
CA SER D 129 -29.45 21.66 54.90
C SER D 129 -30.21 20.84 53.87
N ALA D 130 -29.65 20.75 52.66
CA ALA D 130 -30.27 19.97 51.60
C ALA D 130 -29.89 18.49 51.73
N VAL D 131 -30.76 17.62 51.25
CA VAL D 131 -30.53 16.19 51.36
C VAL D 131 -30.28 15.56 49.99
N GLU D 132 -29.14 14.90 49.85
CA GLU D 132 -28.77 14.26 48.60
C GLU D 132 -29.43 12.89 48.46
N ILE D 133 -30.23 12.72 47.42
CA ILE D 133 -30.99 11.50 47.23
C ILE D 133 -30.17 10.42 46.54
N GLY D 134 -29.39 10.79 45.53
CA GLY D 134 -28.55 9.85 44.82
C GLY D 134 -28.89 9.68 43.35
N ASN D 135 -30.14 9.95 42.99
CA ASN D 135 -30.57 9.79 41.61
C ASN D 135 -30.42 11.09 40.82
N GLY D 136 -29.58 11.98 41.32
CA GLY D 136 -29.37 13.28 40.71
C GLY D 136 -30.25 14.37 41.30
N CYS D 137 -30.99 14.02 42.35
CA CYS D 137 -31.93 14.96 42.95
C CYS D 137 -31.53 15.34 44.37
N PHE D 138 -32.00 16.51 44.80
CA PHE D 138 -31.79 17.00 46.17
C PHE D 138 -33.13 17.46 46.75
N GLU D 139 -33.37 17.15 48.02
CA GLU D 139 -34.55 17.69 48.71
C GLU D 139 -34.19 18.95 49.50
N THR D 140 -34.89 20.03 49.21
CA THR D 140 -34.64 21.31 49.86
C THR D 140 -35.68 21.64 50.94
N LYS D 141 -35.26 22.42 51.93
CA LYS D 141 -36.16 22.93 52.96
C LYS D 141 -37.00 24.07 52.41
N HIS D 142 -36.45 24.77 51.42
CA HIS D 142 -37.11 25.93 50.86
C HIS D 142 -37.83 25.61 49.56
N LYS D 143 -38.68 26.53 49.12
CA LYS D 143 -39.31 26.42 47.82
C LYS D 143 -38.30 26.90 46.78
N CYS D 144 -38.35 26.31 45.59
CA CYS D 144 -37.54 26.80 44.50
C CYS D 144 -38.33 26.80 43.19
N ASN D 145 -38.95 27.93 42.87
CA ASN D 145 -39.64 28.06 41.60
C ASN D 145 -38.67 28.55 40.53
N GLN D 146 -39.19 28.87 39.35
CA GLN D 146 -38.37 29.26 38.21
C GLN D 146 -37.40 30.41 38.51
N THR D 147 -37.83 31.37 39.33
CA THR D 147 -36.96 32.49 39.70
C THR D 147 -35.77 32.00 40.51
N CYS D 148 -36.04 31.02 41.38
CA CYS D 148 -35.01 30.39 42.19
C CYS D 148 -34.07 29.54 41.34
N LEU D 149 -34.66 28.64 40.56
CA LEU D 149 -33.92 27.77 39.64
C LEU D 149 -32.97 28.54 38.72
N ASP D 150 -33.42 29.70 38.23
CA ASP D 150 -32.58 30.53 37.36
C ASP D 150 -31.32 31.02 38.07
N ARG D 151 -31.44 31.28 39.37
CA ARG D 151 -30.30 31.74 40.15
C ARG D 151 -29.33 30.59 40.39
N ILE D 152 -29.88 29.37 40.46
CA ILE D 152 -29.06 28.17 40.58
C ILE D 152 -28.24 27.94 39.31
N ALA D 153 -28.92 27.94 38.15
CA ALA D 153 -28.25 27.76 36.87
C ALA D 153 -27.18 28.83 36.63
N ALA D 154 -27.45 30.05 37.11
CA ALA D 154 -26.51 31.15 36.93
C ALA D 154 -25.41 31.13 37.99
N GLY D 155 -25.55 30.27 38.99
CA GLY D 155 -24.54 30.16 40.03
C GLY D 155 -24.60 31.29 41.04
N THR D 156 -25.73 31.98 41.10
CA THR D 156 -25.87 33.13 42.00
C THR D 156 -26.72 32.81 43.22
N PHE D 157 -27.40 31.66 43.18
CA PHE D 157 -28.22 31.21 44.29
C PHE D 157 -27.44 31.13 45.60
N ASN D 158 -27.97 31.72 46.65
CA ASN D 158 -27.40 31.60 47.98
C ASN D 158 -28.45 31.03 48.92
N ALA D 159 -28.02 30.15 49.82
CA ALA D 159 -28.95 29.50 50.75
C ALA D 159 -29.39 30.50 51.81
N GLY D 160 -28.60 31.56 51.96
CA GLY D 160 -28.91 32.65 52.87
C GLY D 160 -30.17 33.38 52.47
N ASP D 161 -30.60 33.19 51.21
CA ASP D 161 -31.82 33.81 50.71
C ASP D 161 -33.06 33.21 51.35
N PHE D 162 -32.87 32.15 52.13
CA PHE D 162 -33.94 31.59 52.96
C PHE D 162 -33.45 31.42 54.39
N SER D 163 -32.39 32.15 54.73
CA SER D 163 -31.78 32.10 56.07
C SER D 163 -31.29 30.69 56.42
N LEU D 164 -31.00 29.89 55.40
CA LEU D 164 -30.47 28.55 55.60
C LEU D 164 -28.94 28.60 55.58
N PRO D 165 -28.28 27.62 56.21
CA PRO D 165 -26.81 27.65 56.28
C PRO D 165 -26.12 27.37 54.94
N THR D 166 -24.95 27.96 54.75
CA THR D 166 -24.19 27.78 53.53
C THR D 166 -22.81 27.17 53.76
N PHE D 167 -22.25 26.56 52.72
CA PHE D 167 -20.81 26.28 52.68
C PHE D 167 -20.03 27.53 52.29
N ASP D 168 -19.14 27.98 53.16
CA ASP D 168 -18.35 29.19 52.93
C ASP D 168 -17.29 28.98 51.85
N SER D 169 -17.09 29.98 50.99
CA SER D 169 -16.11 29.85 49.91
C SER D 169 -14.71 30.26 50.37
N ASP E 1 -26.38 -3.14 59.53
CA ASP E 1 -25.56 -3.95 58.63
C ASP E 1 -24.79 -3.09 57.64
N ARG E 2 -23.85 -3.70 56.93
CA ARG E 2 -23.10 -3.00 55.89
C ARG E 2 -23.45 -3.55 54.51
N ILE E 3 -24.01 -2.69 53.67
CA ILE E 3 -24.37 -3.07 52.32
C ILE E 3 -23.41 -2.42 51.33
N CYS E 4 -22.79 -3.23 50.48
CA CYS E 4 -21.76 -2.75 49.57
C CYS E 4 -22.03 -3.12 48.12
N THR E 5 -21.40 -2.39 47.20
CA THR E 5 -21.39 -2.78 45.81
C THR E 5 -20.26 -3.79 45.60
N GLY E 6 -20.49 -4.78 44.75
CA GLY E 6 -19.47 -5.78 44.53
C GLY E 6 -19.42 -6.36 43.13
N ILE E 7 -18.33 -7.04 42.82
CA ILE E 7 -18.14 -7.69 41.53
C ILE E 7 -17.92 -9.18 41.75
N THR E 8 -18.45 -9.99 40.84
CA THR E 8 -18.35 -11.45 40.94
C THR E 8 -16.91 -11.95 40.94
N SER E 9 -16.74 -13.21 41.29
CA SER E 9 -15.45 -13.88 41.17
C SER E 9 -15.68 -15.27 40.58
N SER E 10 -15.06 -15.52 39.43
CA SER E 10 -15.24 -16.78 38.72
C SER E 10 -13.94 -17.19 38.06
N ASN E 11 -13.90 -18.42 37.56
CA ASN E 11 -12.74 -18.90 36.82
C ASN E 11 -12.51 -18.03 35.58
N SER E 12 -11.31 -17.47 35.47
CA SER E 12 -11.01 -16.51 34.42
C SER E 12 -9.76 -16.88 33.62
N PRO E 13 -9.88 -17.88 32.73
CA PRO E 13 -8.73 -18.36 31.95
C PRO E 13 -8.44 -17.52 30.70
N HIS E 14 -9.39 -16.70 30.28
CA HIS E 14 -9.24 -15.92 29.05
C HIS E 14 -8.47 -14.62 29.31
N VAL E 15 -7.65 -14.22 28.34
CA VAL E 15 -6.81 -13.04 28.49
C VAL E 15 -7.00 -12.04 27.34
N VAL E 16 -7.13 -10.77 27.68
CA VAL E 16 -7.15 -9.69 26.69
C VAL E 16 -6.15 -8.62 27.06
N LYS E 17 -5.69 -7.86 26.06
CA LYS E 17 -4.78 -6.75 26.32
C LYS E 17 -5.55 -5.45 26.50
N THR E 18 -5.07 -4.60 27.39
CA THR E 18 -5.63 -3.27 27.56
C THR E 18 -4.54 -2.22 27.38
N ALA E 19 -4.94 -0.98 27.21
CA ALA E 19 -3.98 0.11 27.05
C ALA E 19 -3.30 0.48 28.37
N THR E 20 -4.07 0.48 29.45
CA THR E 20 -3.57 1.04 30.71
C THR E 20 -3.36 0.02 31.83
N GLN E 21 -3.73 -1.23 31.61
CA GLN E 21 -3.57 -2.25 32.64
C GLN E 21 -2.86 -3.50 32.15
N GLY E 22 -2.30 -3.43 30.93
CA GLY E 22 -1.62 -4.57 30.35
C GLY E 22 -2.58 -5.71 30.06
N GLU E 23 -2.08 -6.95 30.12
CA GLU E 23 -2.94 -8.12 29.94
C GLU E 23 -3.70 -8.43 31.23
N VAL E 24 -4.98 -8.76 31.07
CA VAL E 24 -5.83 -9.10 32.20
C VAL E 24 -6.65 -10.35 31.91
N ASN E 25 -6.89 -11.13 32.96
CA ASN E 25 -7.78 -12.28 32.88
C ASN E 25 -9.22 -11.84 32.97
N VAL E 26 -10.11 -12.55 32.28
CA VAL E 26 -11.54 -12.21 32.31
C VAL E 26 -12.40 -13.46 32.40
N THR E 27 -13.63 -13.29 32.86
CA THR E 27 -14.53 -14.42 33.09
C THR E 27 -15.08 -14.97 31.79
N GLY E 28 -15.09 -14.12 30.75
CA GLY E 28 -15.63 -14.52 29.47
C GLY E 28 -15.16 -13.63 28.33
N VAL E 29 -15.03 -14.23 27.15
CA VAL E 29 -14.67 -13.48 25.96
C VAL E 29 -15.56 -13.85 24.78
N ILE E 30 -15.67 -12.93 23.82
CA ILE E 30 -16.23 -13.26 22.53
C ILE E 30 -15.09 -13.32 21.53
N PRO E 31 -14.78 -14.54 21.04
CA PRO E 31 -13.69 -14.70 20.07
C PRO E 31 -14.05 -14.01 18.76
N LEU E 32 -13.09 -13.29 18.19
CA LEU E 32 -13.33 -12.52 16.98
C LEU E 32 -12.72 -13.20 15.76
N THR E 33 -11.98 -14.28 16.00
CA THR E 33 -11.30 -14.98 14.92
C THR E 33 -11.52 -16.48 14.93
N THR E 34 -11.29 -17.09 13.78
CA THR E 34 -11.13 -18.54 13.65
C THR E 34 -9.95 -18.78 12.74
N THR E 35 -9.41 -19.99 12.76
CA THR E 35 -8.46 -20.40 11.75
C THR E 35 -9.18 -21.30 10.75
N PRO E 36 -9.32 -20.83 9.50
CA PRO E 36 -10.03 -21.62 8.49
C PRO E 36 -9.31 -22.92 8.16
N THR E 37 -10.05 -23.88 7.63
CA THR E 37 -9.44 -25.12 7.16
C THR E 37 -9.53 -25.20 5.65
N ARG E 38 -8.51 -25.82 5.04
CA ARG E 38 -8.48 -25.97 3.59
C ARG E 38 -9.66 -26.80 3.10
N SER E 39 -10.36 -26.26 2.11
CA SER E 39 -11.52 -26.94 1.54
C SER E 39 -11.44 -26.87 0.02
N HIS E 40 -12.34 -27.59 -0.64
CA HIS E 40 -12.46 -27.48 -2.09
C HIS E 40 -12.90 -26.08 -2.46
N PHE E 41 -12.55 -25.64 -3.67
CA PHE E 41 -13.02 -24.34 -4.14
C PHE E 41 -14.48 -24.47 -4.59
N ALA E 42 -15.14 -23.33 -4.76
CA ALA E 42 -16.58 -23.33 -4.94
C ALA E 42 -17.04 -22.14 -5.76
N ASN E 43 -18.33 -22.08 -6.03
CA ASN E 43 -18.92 -20.89 -6.63
C ASN E 43 -19.04 -19.78 -5.60
N LEU E 44 -18.70 -18.57 -6.00
CA LEU E 44 -18.87 -17.41 -5.13
C LEU E 44 -20.35 -17.09 -5.08
N LYS E 45 -20.92 -17.07 -3.86
CA LYS E 45 -22.33 -16.76 -3.69
C LYS E 45 -22.67 -15.41 -4.30
N GLY E 46 -23.70 -15.40 -5.15
CA GLY E 46 -24.17 -14.17 -5.76
C GLY E 46 -23.34 -13.74 -6.95
N THR E 47 -22.45 -14.61 -7.41
CA THR E 47 -21.58 -14.28 -8.53
C THR E 47 -21.21 -15.51 -9.34
N GLN E 48 -21.58 -15.51 -10.62
CA GLN E 48 -21.21 -16.57 -11.53
C GLN E 48 -19.68 -16.67 -11.62
N THR E 49 -19.16 -17.88 -11.44
CA THR E 49 -17.73 -18.06 -11.28
C THR E 49 -17.11 -18.90 -12.38
N ARG E 50 -16.15 -18.31 -13.07
CA ARG E 50 -15.51 -18.95 -14.22
C ARG E 50 -14.38 -19.88 -13.82
N GLY E 51 -14.44 -21.11 -14.32
CA GLY E 51 -13.34 -22.06 -14.19
C GLY E 51 -12.71 -22.22 -15.54
N LYS E 52 -13.11 -23.26 -16.26
CA LYS E 52 -12.76 -23.41 -17.67
C LYS E 52 -13.34 -22.26 -18.48
N LEU E 53 -12.57 -21.76 -19.45
CA LEU E 53 -13.05 -20.73 -20.36
C LEU E 53 -14.33 -21.17 -21.07
N CYS E 54 -14.29 -22.35 -21.69
CA CYS E 54 -15.43 -22.87 -22.43
C CYS E 54 -15.96 -24.17 -21.84
N PRO E 55 -17.02 -24.07 -21.02
CA PRO E 55 -17.63 -25.22 -20.34
C PRO E 55 -18.12 -26.29 -21.32
N ASN E 56 -18.61 -25.87 -22.49
CA ASN E 56 -19.18 -26.81 -23.46
C ASN E 56 -18.14 -27.41 -24.40
N CYS E 57 -16.89 -26.98 -24.27
CA CYS E 57 -15.79 -27.55 -25.05
C CYS E 57 -15.17 -28.71 -24.27
N PHE E 58 -15.73 -29.90 -24.46
CA PHE E 58 -15.35 -31.08 -23.71
C PHE E 58 -14.01 -31.62 -24.23
N ASN E 59 -13.17 -32.12 -23.33
CA ASN E 59 -11.85 -32.65 -23.69
C ASN E 59 -10.96 -31.55 -24.26
N CYS E 60 -11.21 -30.31 -23.84
CA CYS E 60 -10.43 -29.17 -24.32
C CYS E 60 -9.82 -28.40 -23.17
N THR E 61 -8.52 -28.15 -23.22
CA THR E 61 -7.89 -27.32 -22.20
C THR E 61 -8.13 -25.86 -22.53
N ASP E 62 -7.96 -24.97 -21.57
CA ASP E 62 -8.16 -23.55 -21.81
C ASP E 62 -7.24 -23.04 -22.91
N LEU E 63 -6.02 -23.57 -22.95
CA LEU E 63 -5.07 -23.18 -23.98
C LEU E 63 -5.51 -23.71 -25.35
N ASP E 64 -6.08 -24.91 -25.39
CA ASP E 64 -6.69 -25.44 -26.60
C ASP E 64 -7.72 -24.46 -27.17
N VAL E 65 -8.62 -24.01 -26.29
CA VAL E 65 -9.69 -23.11 -26.69
C VAL E 65 -9.14 -21.77 -27.17
N ALA E 66 -8.16 -21.25 -26.44
CA ALA E 66 -7.59 -19.94 -26.74
C ALA E 66 -6.88 -19.93 -28.10
N LEU E 67 -6.31 -21.06 -28.48
CA LEU E 67 -5.63 -21.17 -29.76
C LEU E 67 -6.58 -21.52 -30.90
N GLY E 68 -7.82 -21.85 -30.54
CA GLY E 68 -8.82 -22.19 -31.54
C GLY E 68 -8.61 -23.57 -32.15
N ARG E 69 -8.15 -24.50 -31.32
CA ARG E 69 -8.03 -25.89 -31.73
C ARG E 69 -9.37 -26.38 -32.27
N PRO E 70 -9.34 -27.08 -33.41
CA PRO E 70 -10.58 -27.64 -33.99
C PRO E 70 -11.29 -28.56 -32.99
N LYS E 71 -12.62 -28.51 -33.00
CA LYS E 71 -13.49 -29.20 -32.04
C LYS E 71 -13.56 -28.45 -30.70
N CYS E 72 -12.74 -27.41 -30.56
CA CYS E 72 -12.71 -26.64 -29.32
C CYS E 72 -13.22 -25.21 -29.46
N MET E 73 -14.26 -25.02 -30.27
CA MET E 73 -14.91 -23.71 -30.36
C MET E 73 -16.26 -23.76 -29.67
N GLY E 74 -16.63 -22.67 -28.99
CA GLY E 74 -17.87 -22.61 -28.25
C GLY E 74 -18.06 -21.31 -27.50
N ASN E 75 -19.20 -21.22 -26.81
CA ASN E 75 -19.52 -20.04 -26.01
C ASN E 75 -18.57 -19.83 -24.84
N ILE E 76 -18.09 -18.60 -24.70
CA ILE E 76 -17.28 -18.23 -23.55
C ILE E 76 -18.10 -17.28 -22.68
N PRO E 77 -18.73 -17.81 -21.62
CA PRO E 77 -19.59 -17.00 -20.75
C PRO E 77 -18.83 -15.86 -20.09
N SER E 78 -19.49 -14.73 -19.94
CA SER E 78 -18.93 -13.64 -19.14
C SER E 78 -18.91 -14.02 -17.67
N ALA E 79 -17.97 -13.46 -16.93
CA ALA E 79 -17.85 -13.73 -15.49
C ALA E 79 -17.07 -12.63 -14.80
N LYS E 80 -17.59 -12.17 -13.67
CA LYS E 80 -16.94 -11.12 -12.90
C LYS E 80 -15.89 -11.71 -11.95
N VAL E 81 -15.89 -13.03 -11.83
CA VAL E 81 -14.92 -13.73 -11.01
C VAL E 81 -14.39 -14.95 -11.75
N SER E 82 -13.07 -15.11 -11.75
CA SER E 82 -12.44 -16.19 -12.48
C SER E 82 -11.38 -16.87 -11.63
N ILE E 83 -11.25 -18.18 -11.82
CA ILE E 83 -10.26 -18.96 -11.10
C ILE E 83 -9.10 -19.33 -12.02
N LEU E 84 -7.88 -18.97 -11.61
CA LEU E 84 -6.70 -19.37 -12.34
C LEU E 84 -6.24 -20.73 -11.80
N HIS E 85 -6.55 -21.79 -12.54
CA HIS E 85 -6.28 -23.15 -12.08
C HIS E 85 -5.06 -23.76 -12.75
N GLU E 86 -4.51 -23.05 -13.73
CA GLU E 86 -3.28 -23.47 -14.39
C GLU E 86 -2.26 -22.33 -14.42
N VAL E 87 -1.24 -22.40 -13.58
CA VAL E 87 -0.20 -21.38 -13.57
C VAL E 87 0.64 -21.44 -14.85
N LYS E 88 0.72 -22.62 -15.44
CA LYS E 88 1.37 -22.81 -16.73
C LYS E 88 0.54 -23.70 -17.65
N PRO E 89 -0.46 -23.10 -18.32
CA PRO E 89 -1.45 -23.80 -19.15
C PRO E 89 -0.84 -24.69 -20.23
N VAL E 90 -1.47 -25.84 -20.47
CA VAL E 90 -0.98 -26.79 -21.46
C VAL E 90 -1.99 -27.03 -22.59
N THR E 91 -1.48 -27.47 -23.73
CA THR E 91 -2.33 -27.97 -24.80
C THR E 91 -2.51 -29.48 -24.66
N SER E 92 -3.53 -30.03 -25.31
CA SER E 92 -3.78 -31.47 -25.25
C SER E 92 -4.18 -32.03 -26.60
N GLY E 93 -3.70 -31.39 -27.67
CA GLY E 93 -3.99 -31.85 -29.01
C GLY E 93 -3.37 -31.00 -30.11
N CYS E 94 -3.77 -31.30 -31.36
CA CYS E 94 -3.40 -30.50 -32.53
C CYS E 94 -1.89 -30.50 -32.81
N TYR E 95 -1.45 -29.54 -33.62
CA TYR E 95 -0.08 -29.53 -34.12
C TYR E 95 0.94 -29.18 -33.05
N PRO E 96 2.09 -29.87 -33.05
CA PRO E 96 3.12 -29.70 -32.03
C PRO E 96 3.68 -28.27 -31.96
N ILE E 97 3.53 -27.65 -30.79
CA ILE E 97 4.02 -26.30 -30.55
C ILE E 97 5.27 -26.35 -29.69
N MET E 98 6.23 -25.47 -29.96
CA MET E 98 7.35 -25.27 -29.04
C MET E 98 7.00 -24.14 -28.07
N HIS E 99 6.19 -24.48 -27.07
CA HIS E 99 5.53 -23.52 -26.19
C HIS E 99 6.43 -22.50 -25.50
N ASP E 100 7.55 -22.99 -24.94
CA ASP E 100 8.35 -22.19 -24.03
C ASP E 100 9.27 -21.21 -24.75
N ARG E 101 9.15 -21.12 -26.07
CA ARG E 101 9.94 -20.17 -26.84
C ARG E 101 9.22 -18.83 -26.97
N THR E 102 7.99 -18.77 -26.47
CA THR E 102 7.25 -17.52 -26.38
C THR E 102 6.46 -17.42 -25.09
N LYS E 103 5.64 -16.39 -24.98
CA LYS E 103 4.80 -16.15 -23.81
C LYS E 103 3.42 -16.78 -23.96
N ILE E 104 3.26 -17.57 -25.04
CA ILE E 104 1.94 -18.04 -25.47
C ILE E 104 1.14 -18.83 -24.42
N ARG E 105 1.83 -19.53 -23.52
CA ARG E 105 1.13 -20.35 -22.52
C ARG E 105 0.15 -19.54 -21.67
N GLN E 106 0.50 -18.28 -21.42
CA GLN E 106 -0.29 -17.45 -20.51
C GLN E 106 -1.49 -16.81 -21.18
N LEU E 107 -1.62 -17.01 -22.49
CA LEU E 107 -2.72 -16.44 -23.26
C LEU E 107 -4.11 -16.69 -22.65
N PRO E 108 -4.44 -17.94 -22.29
CA PRO E 108 -5.76 -18.11 -21.66
C PRO E 108 -5.88 -17.45 -20.29
N ASN E 109 -4.77 -17.31 -19.58
CA ASN E 109 -4.79 -16.64 -18.28
C ASN E 109 -4.97 -15.14 -18.46
N LEU E 110 -4.44 -14.62 -19.56
CA LEU E 110 -4.67 -13.22 -19.95
C LEU E 110 -6.14 -12.99 -20.26
N LEU E 111 -6.74 -13.91 -20.99
CA LEU E 111 -8.14 -13.81 -21.38
C LEU E 111 -9.09 -13.78 -20.18
N ARG E 112 -8.85 -14.67 -19.22
CA ARG E 112 -9.73 -14.79 -18.07
C ARG E 112 -9.68 -13.56 -17.16
N GLY E 113 -8.73 -12.66 -17.42
CA GLY E 113 -8.66 -11.41 -16.68
C GLY E 113 -9.74 -10.43 -17.13
N TYR E 114 -10.37 -10.73 -18.25
CA TYR E 114 -11.48 -9.93 -18.77
C TYR E 114 -12.83 -10.48 -18.33
N GLU E 115 -13.81 -9.61 -18.16
CA GLU E 115 -15.18 -10.06 -17.90
C GLU E 115 -15.79 -10.72 -19.13
N ASN E 116 -15.71 -10.04 -20.27
CA ASN E 116 -16.30 -10.55 -21.50
C ASN E 116 -15.25 -11.04 -22.48
N ILE E 117 -15.40 -12.27 -22.95
CA ILE E 117 -14.48 -12.86 -23.92
C ILE E 117 -15.23 -13.47 -25.09
N ARG E 118 -14.93 -13.01 -26.30
CA ARG E 118 -15.51 -13.61 -27.49
C ARG E 118 -14.53 -13.68 -28.65
N LEU E 119 -14.66 -14.71 -29.47
CA LEU E 119 -13.88 -14.83 -30.70
C LEU E 119 -14.57 -14.09 -31.85
N SER E 120 -13.79 -13.40 -32.66
CA SER E 120 -14.34 -12.70 -33.81
C SER E 120 -14.94 -13.69 -34.80
N THR E 121 -15.95 -13.25 -35.55
CA THR E 121 -16.61 -14.10 -36.54
C THR E 121 -15.96 -13.99 -37.92
N SER E 122 -15.33 -12.84 -38.18
CA SER E 122 -14.61 -12.65 -39.44
C SER E 122 -13.10 -12.80 -39.22
N ASN E 123 -12.37 -13.04 -40.31
CA ASN E 123 -10.92 -13.11 -40.25
C ASN E 123 -10.28 -11.73 -40.30
N VAL E 124 -9.22 -11.55 -39.54
CA VAL E 124 -8.60 -10.23 -39.39
C VAL E 124 -7.69 -9.94 -40.59
N ILE E 125 -7.28 -11.00 -41.28
CA ILE E 125 -6.47 -10.87 -42.49
C ILE E 125 -6.97 -11.85 -43.55
N ASN E 126 -7.12 -11.36 -44.78
CA ASN E 126 -7.48 -12.23 -45.90
C ASN E 126 -6.23 -12.88 -46.47
N THR E 127 -6.14 -14.20 -46.37
CA THR E 127 -4.97 -14.95 -46.83
C THR E 127 -4.72 -14.80 -48.32
N GLU E 128 -5.76 -14.47 -49.08
CA GLU E 128 -5.67 -14.41 -50.54
C GLU E 128 -5.14 -13.08 -51.04
N THR E 129 -5.02 -12.10 -50.15
CA THR E 129 -4.46 -10.81 -50.52
C THR E 129 -3.25 -10.45 -49.65
N ALA E 130 -2.86 -11.39 -48.80
CA ALA E 130 -1.76 -11.18 -47.87
C ALA E 130 -0.42 -11.09 -48.60
N PRO E 131 0.46 -10.18 -48.16
CA PRO E 131 1.80 -10.00 -48.73
C PRO E 131 2.59 -11.30 -48.80
N GLY E 132 3.36 -11.47 -49.86
CA GLY E 132 4.23 -12.63 -50.00
C GLY E 132 3.71 -13.63 -51.01
N GLY E 133 3.35 -13.15 -52.20
CA GLY E 133 2.83 -14.00 -53.26
C GLY E 133 1.52 -14.68 -52.90
N PRO E 134 0.98 -15.47 -53.82
CA PRO E 134 -0.28 -16.18 -53.61
C PRO E 134 -0.12 -17.39 -52.69
N TYR E 135 -1.15 -17.67 -51.89
CA TYR E 135 -1.07 -18.73 -50.89
C TYR E 135 -2.17 -19.76 -51.03
N LYS E 136 -1.91 -20.95 -50.50
CA LYS E 136 -2.95 -21.91 -50.15
C LYS E 136 -2.86 -22.15 -48.64
N VAL E 137 -3.96 -22.53 -48.02
CA VAL E 137 -3.93 -22.75 -46.57
C VAL E 137 -3.60 -24.21 -46.29
N GLY E 138 -2.68 -24.42 -45.36
CA GLY E 138 -2.27 -25.77 -45.00
C GLY E 138 -3.15 -26.31 -43.91
N THR E 139 -3.29 -27.63 -43.86
CA THR E 139 -4.04 -28.31 -42.83
C THR E 139 -3.23 -29.50 -42.36
N SER E 140 -3.69 -30.18 -41.32
CA SER E 140 -2.92 -31.27 -40.75
C SER E 140 -3.78 -32.38 -40.19
N GLY E 141 -3.22 -33.59 -40.17
CA GLY E 141 -3.88 -34.73 -39.58
C GLY E 141 -3.90 -34.62 -38.08
N SER E 142 -2.99 -33.80 -37.56
CA SER E 142 -2.93 -33.56 -36.12
C SER E 142 -4.11 -32.73 -35.63
N CYS E 143 -4.78 -32.05 -36.56
CA CYS E 143 -5.87 -31.14 -36.21
C CYS E 143 -7.20 -31.50 -36.89
N PRO E 144 -7.76 -32.68 -36.58
CA PRO E 144 -9.02 -33.09 -37.23
C PRO E 144 -10.15 -32.15 -36.83
N ASN E 145 -10.95 -31.70 -37.79
CA ASN E 145 -12.03 -30.79 -37.45
C ASN E 145 -13.29 -31.57 -37.04
N VAL E 146 -14.43 -30.90 -36.97
CA VAL E 146 -15.64 -31.51 -36.41
C VAL E 146 -16.21 -32.62 -37.30
N THR E 147 -15.77 -32.66 -38.55
CA THR E 147 -16.09 -33.78 -39.43
C THR E 147 -14.84 -34.61 -39.71
N ASN E 148 -13.85 -34.48 -38.82
CA ASN E 148 -12.62 -35.28 -38.84
C ASN E 148 -11.77 -35.08 -40.09
N GLY E 149 -12.02 -34.02 -40.84
CA GLY E 149 -11.14 -33.63 -41.92
C GLY E 149 -9.95 -32.85 -41.39
N ASN E 150 -8.87 -32.82 -42.16
CA ASN E 150 -7.67 -32.07 -41.78
C ASN E 150 -7.92 -30.58 -41.59
N GLY E 151 -7.47 -30.05 -40.47
CA GLY E 151 -7.69 -28.64 -40.17
C GLY E 151 -6.48 -27.99 -39.52
N PHE E 152 -6.74 -26.91 -38.78
CA PHE E 152 -5.69 -26.15 -38.12
C PHE E 152 -6.30 -25.21 -37.09
N PHE E 153 -5.47 -24.65 -36.21
CA PHE E 153 -5.93 -23.66 -35.25
C PHE E 153 -6.74 -22.56 -35.94
N ASN E 154 -7.99 -22.38 -35.51
CA ASN E 154 -8.88 -21.43 -36.14
C ASN E 154 -8.45 -19.97 -35.95
N THR E 155 -7.54 -19.73 -35.01
CA THR E 155 -7.03 -18.39 -34.78
C THR E 155 -5.96 -18.01 -35.80
N MET E 156 -5.49 -19.00 -36.56
CA MET E 156 -4.40 -18.79 -37.49
C MET E 156 -4.63 -19.46 -38.83
N ALA E 157 -3.86 -19.04 -39.83
CA ALA E 157 -3.87 -19.68 -41.14
C ALA E 157 -2.45 -20.08 -41.54
N TRP E 158 -2.24 -21.38 -41.65
CA TRP E 158 -0.97 -21.90 -42.14
C TRP E 158 -0.90 -21.69 -43.65
N VAL E 159 -0.32 -20.57 -44.06
CA VAL E 159 -0.26 -20.23 -45.47
C VAL E 159 0.99 -20.80 -46.12
N ILE E 160 0.78 -21.47 -47.25
CA ILE E 160 1.85 -22.12 -47.98
C ILE E 160 1.91 -21.59 -49.42
N PRO E 161 3.09 -21.13 -49.85
CA PRO E 161 3.24 -20.59 -51.21
C PRO E 161 2.81 -21.59 -52.28
N LYS E 162 2.08 -21.11 -53.28
CA LYS E 162 1.65 -21.98 -54.37
C LYS E 162 2.84 -22.50 -55.16
N ASP E 163 2.61 -23.57 -55.92
CA ASP E 163 3.67 -24.27 -56.64
C ASP E 163 4.46 -23.39 -57.60
N ASN E 164 3.86 -22.29 -58.04
CA ASN E 164 4.55 -21.32 -58.88
C ASN E 164 5.23 -20.23 -58.07
N ASN E 165 5.21 -20.38 -56.75
CA ASN E 165 5.65 -19.31 -55.87
C ASN E 165 6.60 -19.83 -54.78
N LYS E 166 7.11 -21.05 -54.98
CA LYS E 166 8.03 -21.65 -54.01
C LYS E 166 9.37 -20.93 -54.05
N ILE E 167 9.44 -19.76 -53.42
CA ILE E 167 10.66 -18.97 -53.45
C ILE E 167 10.85 -18.17 -52.17
N ALA E 168 12.10 -17.94 -51.79
CA ALA E 168 12.44 -17.10 -50.65
C ALA E 168 11.95 -15.68 -50.85
N ILE E 169 11.60 -15.02 -49.74
CA ILE E 169 11.25 -13.61 -49.78
C ILE E 169 11.95 -12.82 -48.69
N ASN E 170 12.23 -11.55 -48.99
CA ASN E 170 12.58 -10.58 -47.96
C ASN E 170 11.40 -10.41 -47.01
N PRO E 171 11.66 -9.97 -45.78
CA PRO E 171 10.56 -9.78 -44.82
C PRO E 171 9.51 -8.80 -45.32
N VAL E 172 8.26 -9.23 -45.38
CA VAL E 172 7.17 -8.37 -45.81
C VAL E 172 6.35 -7.95 -44.60
N THR E 173 5.68 -6.80 -44.70
CA THR E 173 4.95 -6.25 -43.58
C THR E 173 3.45 -6.34 -43.79
N VAL E 174 2.74 -6.82 -42.77
CA VAL E 174 1.29 -6.80 -42.79
C VAL E 174 0.76 -6.04 -41.57
N GLU E 175 -0.23 -5.19 -41.81
CA GLU E 175 -0.91 -4.50 -40.72
C GLU E 175 -2.06 -5.34 -40.22
N VAL E 176 -2.10 -5.56 -38.91
CA VAL E 176 -3.22 -6.29 -38.31
C VAL E 176 -4.22 -5.27 -37.82
N PRO E 177 -5.35 -5.12 -38.54
CA PRO E 177 -6.35 -4.12 -38.19
C PRO E 177 -7.09 -4.44 -36.89
N TYR E 178 -7.58 -3.40 -36.22
CA TYR E 178 -8.45 -3.55 -35.07
C TYR E 178 -9.88 -3.78 -35.55
N ILE E 179 -10.40 -4.98 -35.29
CA ILE E 179 -11.75 -5.33 -35.74
C ILE E 179 -12.76 -5.59 -34.63
N CYS E 180 -12.38 -5.30 -33.39
CA CYS E 180 -13.28 -5.54 -32.27
C CYS E 180 -14.23 -4.36 -32.03
N SER E 181 -15.20 -4.56 -31.16
CA SER E 181 -16.21 -3.53 -30.88
C SER E 181 -15.75 -2.57 -29.80
N GLU E 182 -16.45 -1.43 -29.71
CA GLU E 182 -16.14 -0.35 -28.76
C GLU E 182 -15.71 -0.80 -27.36
N GLY E 183 -14.50 -0.41 -26.98
CA GLY E 183 -13.99 -0.64 -25.65
C GLY E 183 -13.32 -1.99 -25.46
N GLU E 184 -13.39 -2.84 -26.47
CA GLU E 184 -12.81 -4.17 -26.35
C GLU E 184 -11.33 -4.17 -26.71
N ASP E 185 -10.56 -4.97 -25.96
CA ASP E 185 -9.18 -5.26 -26.36
C ASP E 185 -9.19 -6.33 -27.43
N GLN E 186 -8.30 -6.22 -28.39
CA GLN E 186 -8.13 -7.27 -29.37
C GLN E 186 -6.85 -8.03 -29.07
N ILE E 187 -6.97 -9.34 -28.94
CA ILE E 187 -5.79 -10.18 -28.70
C ILE E 187 -5.54 -11.04 -29.94
N THR E 188 -4.45 -10.73 -30.62
CA THR E 188 -4.13 -11.36 -31.90
C THR E 188 -3.18 -12.53 -31.75
N VAL E 189 -3.59 -13.70 -32.21
CA VAL E 189 -2.73 -14.88 -32.17
C VAL E 189 -2.11 -15.14 -33.53
N TRP E 190 -0.82 -15.45 -33.54
CA TRP E 190 -0.07 -15.65 -34.77
C TRP E 190 1.17 -16.49 -34.47
N GLY E 191 1.88 -16.89 -35.52
CA GLY E 191 3.11 -17.64 -35.34
C GLY E 191 3.81 -18.00 -36.63
N PHE E 192 4.68 -19.01 -36.56
CA PHE E 192 5.35 -19.49 -37.76
C PHE E 192 5.70 -20.98 -37.69
N HIS E 193 5.52 -21.67 -38.81
CA HIS E 193 5.86 -23.07 -38.95
C HIS E 193 7.29 -23.25 -39.44
N SER E 194 7.96 -24.29 -38.96
CA SER E 194 9.27 -24.66 -39.46
C SER E 194 9.40 -26.17 -39.58
N ASP E 195 10.42 -26.62 -40.29
CA ASP E 195 10.60 -28.05 -40.57
C ASP E 195 12.07 -28.35 -40.85
N ASP E 196 12.38 -29.60 -41.17
CA ASP E 196 13.74 -29.95 -41.57
C ASP E 196 14.03 -29.39 -42.96
N LYS E 197 15.29 -29.44 -43.39
CA LYS E 197 15.70 -28.83 -44.64
C LYS E 197 14.89 -29.30 -45.85
N THR E 198 14.59 -30.60 -45.87
CA THR E 198 13.88 -31.18 -47.00
C THR E 198 12.46 -30.64 -47.14
N GLN E 199 11.70 -30.70 -46.06
CA GLN E 199 10.32 -30.21 -46.07
C GLN E 199 10.26 -28.69 -46.27
N MET E 200 11.23 -27.99 -45.70
CA MET E 200 11.31 -26.53 -45.85
C MET E 200 11.41 -26.15 -47.32
N GLU E 201 12.30 -26.82 -48.04
CA GLU E 201 12.47 -26.60 -49.48
C GLU E 201 11.23 -27.00 -50.28
N ARG E 202 10.65 -28.15 -49.96
CA ARG E 202 9.40 -28.58 -50.59
C ARG E 202 8.27 -27.58 -50.35
N LEU E 203 8.08 -27.19 -49.10
CA LEU E 203 6.98 -26.30 -48.73
C LEU E 203 7.19 -24.84 -49.13
N TYR E 204 8.42 -24.33 -48.96
CA TYR E 204 8.62 -22.88 -49.03
C TYR E 204 9.68 -22.46 -50.04
N GLY E 205 10.47 -23.41 -50.52
CA GLY E 205 11.52 -23.12 -51.49
C GLY E 205 12.70 -22.40 -50.84
N ASP E 206 12.83 -22.57 -49.53
CA ASP E 206 13.92 -21.96 -48.77
C ASP E 206 14.13 -22.77 -47.50
N SER E 207 15.38 -23.13 -47.22
CA SER E 207 15.70 -23.92 -46.05
C SER E 207 16.58 -23.15 -45.07
N ASN E 208 16.71 -21.85 -45.31
CA ASN E 208 17.39 -20.97 -44.37
C ASN E 208 16.45 -20.61 -43.22
N PRO E 209 17.00 -20.26 -42.05
CA PRO E 209 16.14 -19.76 -40.96
C PRO E 209 15.34 -18.55 -41.39
N GLN E 210 14.05 -18.53 -41.02
CA GLN E 210 13.20 -17.40 -41.36
C GLN E 210 13.05 -16.48 -40.15
N LYS E 211 12.81 -15.20 -40.41
CA LYS E 211 12.77 -14.23 -39.33
C LYS E 211 11.43 -13.53 -39.26
N PHE E 212 10.98 -13.28 -38.02
CA PHE E 212 9.65 -12.75 -37.77
C PHE E 212 9.69 -11.68 -36.70
N THR E 213 8.97 -10.58 -36.93
CA THR E 213 8.98 -9.46 -36.02
C THR E 213 7.57 -8.86 -35.87
N SER E 214 7.15 -8.68 -34.63
CA SER E 214 5.83 -8.09 -34.37
C SER E 214 6.00 -6.78 -33.62
N SER E 215 5.07 -5.86 -33.82
CA SER E 215 5.08 -4.60 -33.09
C SER E 215 3.66 -4.14 -32.77
N ALA E 216 3.41 -3.89 -31.49
CA ALA E 216 2.11 -3.42 -31.03
C ALA E 216 2.22 -2.75 -29.67
N ASN E 217 1.56 -1.59 -29.53
CA ASN E 217 1.59 -0.81 -28.31
C ASN E 217 3.01 -0.58 -27.77
N GLY E 218 3.95 -0.33 -28.69
CA GLY E 218 5.32 -0.03 -28.32
C GLY E 218 6.16 -1.26 -28.01
N VAL E 219 5.51 -2.43 -28.00
CA VAL E 219 6.22 -3.67 -27.75
C VAL E 219 6.64 -4.36 -29.05
N THR E 220 7.96 -4.53 -29.22
CA THR E 220 8.46 -5.28 -30.36
C THR E 220 9.07 -6.60 -29.91
N THR E 221 8.78 -7.66 -30.64
CA THR E 221 9.34 -8.98 -30.37
C THR E 221 9.92 -9.56 -31.66
N HIS E 222 11.07 -10.21 -31.55
CA HIS E 222 11.75 -10.73 -32.72
C HIS E 222 12.10 -12.20 -32.56
N TYR E 223 11.79 -13.00 -33.59
CA TYR E 223 12.03 -14.43 -33.55
C TYR E 223 12.82 -14.89 -34.77
N VAL E 224 13.67 -15.90 -34.57
CA VAL E 224 14.36 -16.55 -35.67
C VAL E 224 14.07 -18.05 -35.63
N SER E 225 13.67 -18.61 -36.76
CA SER E 225 13.23 -20.00 -36.82
C SER E 225 14.40 -20.97 -36.70
N GLN E 226 14.05 -22.24 -36.45
CA GLN E 226 15.03 -23.31 -36.35
C GLN E 226 14.78 -24.34 -37.45
N ILE E 227 15.83 -24.75 -38.14
CA ILE E 227 15.71 -25.74 -39.21
C ILE E 227 16.14 -27.13 -38.73
N GLY E 228 15.15 -27.98 -38.45
CA GLY E 228 15.42 -29.34 -38.01
C GLY E 228 16.04 -29.45 -36.64
N GLY E 229 16.22 -30.68 -36.18
CA GLY E 229 16.80 -30.94 -34.87
C GLY E 229 15.92 -30.44 -33.75
N PHE E 230 14.61 -30.57 -33.94
CA PHE E 230 13.63 -30.02 -33.01
C PHE E 230 13.52 -30.78 -31.71
N PRO E 231 13.10 -30.07 -30.65
CA PRO E 231 12.70 -30.79 -29.44
C PRO E 231 11.50 -31.71 -29.72
N ASN E 232 11.34 -32.76 -28.90
CA ASN E 232 10.33 -33.80 -29.15
C ASN E 232 8.92 -33.30 -28.92
N GLN E 233 7.98 -33.81 -29.70
CA GLN E 233 6.58 -33.44 -29.57
C GLN E 233 6.01 -33.68 -28.18
N THR E 234 5.27 -32.70 -27.68
CA THR E 234 4.60 -32.81 -26.39
C THR E 234 3.31 -32.01 -26.44
N GLU E 235 2.33 -32.42 -25.63
CA GLU E 235 1.07 -31.72 -25.50
C GLU E 235 0.35 -31.55 -26.84
N ASP E 236 0.57 -32.48 -27.77
CA ASP E 236 -0.06 -32.41 -29.07
C ASP E 236 -0.96 -33.62 -29.32
N GLU E 237 -1.30 -33.87 -30.58
CA GLU E 237 -2.27 -34.91 -30.94
C GLU E 237 -1.72 -36.32 -30.83
N GLY E 238 -0.39 -36.44 -30.91
CA GLY E 238 0.26 -37.73 -30.79
C GLY E 238 0.66 -38.29 -32.14
N LEU E 239 0.17 -37.66 -33.21
CA LEU E 239 0.55 -38.05 -34.57
C LEU E 239 1.92 -37.48 -34.89
N LYS E 240 2.83 -38.34 -35.36
CA LYS E 240 4.20 -37.91 -35.61
C LYS E 240 4.30 -36.85 -36.70
N GLN E 241 5.09 -35.81 -36.42
CA GLN E 241 5.29 -34.69 -37.34
C GLN E 241 6.77 -34.31 -37.34
N SER E 242 7.26 -33.87 -38.49
CA SER E 242 8.66 -33.49 -38.62
C SER E 242 8.85 -32.02 -38.33
N GLY E 243 7.77 -31.26 -38.43
CA GLY E 243 7.81 -29.83 -38.19
C GLY E 243 7.30 -29.41 -36.82
N ARG E 244 7.58 -28.17 -36.48
CA ARG E 244 7.11 -27.56 -35.24
C ARG E 244 6.60 -26.17 -35.54
N ILE E 245 5.64 -25.70 -34.76
CA ILE E 245 5.26 -24.30 -34.87
C ILE E 245 5.60 -23.53 -33.60
N VAL E 246 5.84 -22.24 -33.77
CA VAL E 246 6.01 -21.32 -32.65
C VAL E 246 4.86 -20.34 -32.70
N VAL E 247 4.21 -20.14 -31.56
CA VAL E 247 3.02 -19.30 -31.53
C VAL E 247 3.19 -18.20 -30.49
N ASP E 248 2.66 -17.02 -30.82
CA ASP E 248 2.75 -15.87 -29.94
C ASP E 248 1.43 -15.14 -29.97
N TYR E 249 1.19 -14.25 -29.01
CA TYR E 249 0.01 -13.40 -29.08
C TYR E 249 0.39 -11.94 -29.03
N MET E 250 -0.54 -11.11 -29.48
CA MET E 250 -0.30 -9.68 -29.63
C MET E 250 -1.53 -8.91 -29.15
N VAL E 251 -1.34 -8.10 -28.11
CA VAL E 251 -2.46 -7.34 -27.56
C VAL E 251 -2.57 -6.02 -28.30
N GLN E 252 -3.78 -5.75 -28.78
CA GLN E 252 -4.06 -4.49 -29.47
C GLN E 252 -5.13 -3.71 -28.72
N LYS E 253 -4.74 -2.56 -28.16
CA LYS E 253 -5.67 -1.73 -27.42
C LYS E 253 -6.69 -1.13 -28.38
N PRO E 254 -7.82 -0.61 -27.87
CA PRO E 254 -8.90 -0.14 -28.75
C PRO E 254 -8.45 0.85 -29.82
N GLY E 255 -8.81 0.55 -31.06
CA GLY E 255 -8.46 1.39 -32.20
C GLY E 255 -7.01 1.34 -32.62
N LYS E 256 -6.24 0.45 -32.01
CA LYS E 256 -4.82 0.31 -32.33
C LYS E 256 -4.55 -0.86 -33.27
N THR E 257 -3.74 -0.60 -34.30
CA THR E 257 -3.29 -1.67 -35.18
C THR E 257 -1.93 -2.16 -34.73
N GLY E 258 -1.60 -3.40 -35.12
CA GLY E 258 -0.27 -3.94 -34.90
C GLY E 258 0.33 -4.33 -36.23
N THR E 259 1.62 -4.62 -36.24
CA THR E 259 2.24 -5.12 -37.46
C THR E 259 2.96 -6.44 -37.22
N ILE E 260 3.02 -7.25 -38.26
CA ILE E 260 3.82 -8.46 -38.25
C ILE E 260 4.72 -8.47 -39.48
N VAL E 261 6.02 -8.48 -39.26
CA VAL E 261 6.96 -8.61 -40.36
C VAL E 261 7.40 -10.07 -40.42
N TYR E 262 7.29 -10.67 -41.61
CA TYR E 262 7.48 -12.11 -41.71
C TYR E 262 8.08 -12.59 -43.03
N GLN E 263 8.53 -13.84 -43.02
CA GLN E 263 9.00 -14.50 -44.24
C GLN E 263 8.21 -15.78 -44.46
N ARG E 264 8.90 -16.90 -44.67
CA ARG E 264 8.22 -18.16 -44.99
C ARG E 264 7.85 -18.97 -43.76
N GLY E 265 6.66 -19.58 -43.79
CA GLY E 265 6.18 -20.41 -42.71
C GLY E 265 5.24 -19.68 -41.78
N ILE E 266 4.96 -18.42 -42.10
CA ILE E 266 4.14 -17.56 -41.26
C ILE E 266 2.75 -18.16 -40.98
N LEU E 267 2.32 -18.07 -39.73
CA LEU E 267 0.94 -18.40 -39.39
C LEU E 267 0.18 -17.10 -39.18
N LEU E 268 -0.49 -16.66 -40.24
CA LEU E 268 -1.22 -15.39 -40.21
C LEU E 268 -2.42 -15.48 -39.28
N PRO E 269 -2.67 -14.40 -38.52
CA PRO E 269 -3.85 -14.36 -37.66
C PRO E 269 -5.14 -14.41 -38.47
N GLN E 270 -6.14 -15.11 -37.94
CA GLN E 270 -7.45 -15.16 -38.58
C GLN E 270 -8.49 -14.65 -37.60
N LYS E 271 -9.09 -15.57 -36.85
CA LYS E 271 -10.03 -15.19 -35.81
C LYS E 271 -9.24 -14.63 -34.62
N VAL E 272 -9.69 -13.49 -34.11
CA VAL E 272 -9.02 -12.87 -32.98
C VAL E 272 -9.97 -12.79 -31.79
N TRP E 273 -9.40 -12.68 -30.60
CA TRP E 273 -10.20 -12.53 -29.40
C TRP E 273 -10.59 -11.08 -29.18
N CYS E 274 -11.85 -10.86 -28.84
CA CYS E 274 -12.31 -9.54 -28.43
C CYS E 274 -12.75 -9.61 -26.98
N ALA E 275 -12.15 -8.76 -26.15
CA ALA E 275 -12.33 -8.85 -24.72
C ALA E 275 -12.51 -7.49 -24.07
N SER E 276 -13.37 -7.42 -23.06
CA SER E 276 -13.64 -6.17 -22.37
C SER E 276 -14.00 -6.42 -20.91
N GLY E 277 -14.00 -5.35 -20.12
CA GLY E 277 -14.31 -5.44 -18.70
C GLY E 277 -13.19 -6.12 -17.92
N ARG E 278 -13.33 -6.15 -16.61
CA ARG E 278 -12.37 -6.86 -15.77
C ARG E 278 -13.02 -7.97 -14.96
N SER E 279 -12.38 -9.12 -14.94
CA SER E 279 -12.78 -10.22 -14.06
C SER E 279 -11.83 -10.26 -12.87
N LYS E 280 -12.37 -10.50 -11.69
CA LYS E 280 -11.54 -10.60 -10.50
C LYS E 280 -10.97 -12.01 -10.43
N VAL E 281 -9.64 -12.09 -10.42
CA VAL E 281 -8.96 -13.38 -10.57
C VAL E 281 -8.16 -13.76 -9.33
N ILE E 282 -8.32 -15.00 -8.89
CA ILE E 282 -7.44 -15.57 -7.88
C ILE E 282 -7.03 -16.98 -8.27
N LYS E 283 -5.94 -17.46 -7.69
CA LYS E 283 -5.49 -18.82 -7.89
C LYS E 283 -6.41 -19.81 -7.16
N GLY E 284 -6.72 -20.92 -7.83
CA GLY E 284 -7.56 -21.95 -7.24
C GLY E 284 -7.48 -23.25 -8.01
N SER E 285 -8.38 -24.19 -7.70
CA SER E 285 -8.42 -25.47 -8.39
C SER E 285 -9.84 -25.85 -8.77
N LEU E 286 -9.96 -26.81 -9.68
CA LEU E 286 -11.24 -27.29 -10.17
C LEU E 286 -11.49 -28.71 -9.69
N PRO E 287 -12.76 -29.14 -9.59
CA PRO E 287 -13.99 -28.40 -9.94
C PRO E 287 -14.48 -27.50 -8.81
N LEU E 288 -15.33 -26.53 -9.17
CA LEU E 288 -15.97 -25.69 -8.18
C LEU E 288 -17.17 -26.45 -7.59
N ILE E 289 -17.07 -26.79 -6.31
CA ILE E 289 -18.09 -27.59 -5.65
C ILE E 289 -18.93 -26.77 -4.67
N GLY E 290 -20.18 -26.55 -5.04
CA GLY E 290 -21.12 -25.87 -4.17
C GLY E 290 -20.98 -24.37 -4.20
N GLU E 291 -21.34 -23.72 -3.10
CA GLU E 291 -21.36 -22.26 -3.03
C GLU E 291 -20.68 -21.78 -1.75
N ALA E 292 -20.05 -20.62 -1.80
CA ALA E 292 -19.37 -20.07 -0.63
C ALA E 292 -19.39 -18.55 -0.61
N ASP E 293 -19.32 -17.98 0.60
CA ASP E 293 -19.27 -16.53 0.77
C ASP E 293 -17.97 -15.97 0.21
N CYS E 294 -16.92 -16.77 0.29
CA CYS E 294 -15.56 -16.28 0.09
C CYS E 294 -14.68 -17.33 -0.55
N LEU E 295 -13.89 -16.93 -1.54
CA LEU E 295 -12.89 -17.81 -2.12
C LEU E 295 -11.51 -17.32 -1.71
N HIS E 296 -10.71 -18.22 -1.18
CA HIS E 296 -9.43 -17.88 -0.56
C HIS E 296 -8.37 -18.80 -1.17
N GLU E 297 -7.26 -18.22 -1.60
CA GLU E 297 -6.26 -18.97 -2.37
C GLU E 297 -5.66 -20.13 -1.58
N LYS E 298 -5.65 -20.02 -0.26
CA LYS E 298 -5.12 -21.08 0.59
C LYS E 298 -6.19 -22.04 1.08
N TYR E 299 -7.36 -21.51 1.41
CA TYR E 299 -8.39 -22.30 2.09
C TYR E 299 -9.54 -22.68 1.16
N GLY E 300 -9.51 -22.19 -0.07
CA GLY E 300 -10.56 -22.46 -1.02
C GLY E 300 -11.84 -21.74 -0.65
N GLY E 301 -12.98 -22.39 -0.86
CA GLY E 301 -14.25 -21.82 -0.48
C GLY E 301 -14.45 -21.83 1.01
N LEU E 302 -14.93 -20.73 1.57
CA LEU E 302 -15.25 -20.67 2.99
C LEU E 302 -16.41 -19.71 3.23
N ASN E 303 -17.19 -20.01 4.25
CA ASN E 303 -18.30 -19.15 4.64
C ASN E 303 -17.88 -18.26 5.80
N LYS E 304 -18.50 -17.09 5.90
CA LYS E 304 -18.08 -16.10 6.89
C LYS E 304 -18.88 -16.21 8.18
N SER E 305 -18.17 -16.40 9.29
CA SER E 305 -18.78 -16.38 10.62
C SER E 305 -18.18 -15.25 11.44
N LYS E 306 -17.02 -15.52 12.05
CA LYS E 306 -16.27 -14.48 12.76
C LYS E 306 -15.85 -13.37 11.80
N PRO E 307 -15.74 -12.13 12.31
CA PRO E 307 -15.38 -10.99 11.46
C PRO E 307 -13.92 -11.02 11.00
N TYR E 308 -13.06 -11.72 11.74
CA TYR E 308 -11.64 -11.78 11.41
C TYR E 308 -11.20 -13.23 11.34
N TYR E 309 -10.01 -13.47 10.78
CA TYR E 309 -9.46 -14.81 10.80
C TYR E 309 -7.94 -14.78 11.00
N THR E 310 -7.40 -15.86 11.56
CA THR E 310 -5.97 -16.01 11.72
C THR E 310 -5.47 -17.13 10.81
N GLY E 311 -4.18 -17.11 10.51
CA GLY E 311 -3.60 -18.13 9.66
C GLY E 311 -2.87 -17.53 8.48
N GLU E 312 -2.98 -18.20 7.33
CA GLU E 312 -2.24 -17.82 6.14
C GLU E 312 -2.97 -16.74 5.34
N HIS E 313 -2.44 -15.53 5.34
CA HIS E 313 -3.02 -14.48 4.51
C HIS E 313 -2.73 -14.77 3.05
N ALA E 314 -3.74 -14.55 2.21
CA ALA E 314 -3.60 -14.73 0.78
C ALA E 314 -4.71 -13.96 0.08
N LYS E 315 -4.60 -13.86 -1.24
CA LYS E 315 -5.66 -13.23 -2.02
C LYS E 315 -7.01 -13.91 -1.79
N ALA E 316 -8.06 -13.11 -1.66
CA ALA E 316 -9.39 -13.63 -1.42
C ALA E 316 -10.44 -12.67 -1.96
N ILE E 317 -11.51 -13.23 -2.52
CA ILE E 317 -12.59 -12.41 -3.07
C ILE E 317 -13.95 -12.84 -2.53
N GLY E 318 -14.85 -11.87 -2.37
CA GLY E 318 -16.19 -12.14 -1.91
C GLY E 318 -16.43 -11.58 -0.52
N ASN E 319 -17.38 -12.16 0.19
CA ASN E 319 -17.72 -11.74 1.55
C ASN E 319 -16.81 -12.46 2.54
N CYS E 320 -15.63 -11.89 2.76
CA CYS E 320 -14.55 -12.59 3.47
C CYS E 320 -14.26 -12.00 4.85
N PRO E 321 -13.77 -12.83 5.77
CA PRO E 321 -13.24 -12.31 7.04
C PRO E 321 -11.91 -11.59 6.80
N ILE E 322 -11.60 -10.61 7.64
CA ILE E 322 -10.37 -9.84 7.48
C ILE E 322 -9.22 -10.45 8.28
N TRP E 323 -8.08 -10.63 7.62
CA TRP E 323 -6.91 -11.24 8.25
C TRP E 323 -6.32 -10.38 9.37
N VAL E 324 -5.96 -11.03 10.48
CA VAL E 324 -5.26 -10.36 11.58
C VAL E 324 -4.08 -11.19 12.07
N LYS E 325 -3.10 -10.54 12.66
CA LYS E 325 -1.88 -11.22 13.13
C LYS E 325 -2.12 -12.18 14.30
N THR E 326 -3.10 -11.87 15.15
CA THR E 326 -3.30 -12.63 16.38
C THR E 326 -4.78 -12.97 16.60
N PRO E 327 -5.05 -14.05 17.35
CA PRO E 327 -6.45 -14.41 17.63
C PRO E 327 -7.08 -13.45 18.63
N LEU E 328 -7.65 -12.37 18.12
CA LEU E 328 -8.24 -11.33 18.94
C LEU E 328 -9.51 -11.78 19.67
N LYS E 329 -9.66 -11.35 20.91
CA LYS E 329 -10.88 -11.59 21.68
C LYS E 329 -11.52 -10.29 22.12
N LEU E 330 -12.85 -10.27 22.13
CA LEU E 330 -13.58 -9.17 22.74
C LEU E 330 -13.99 -9.59 24.15
N ALA E 331 -13.64 -8.78 25.14
CA ALA E 331 -14.00 -9.07 26.52
C ALA E 331 -15.50 -9.13 26.70
N ASN E 332 -15.98 -10.22 27.30
CA ASN E 332 -17.39 -10.36 27.63
C ASN E 332 -17.53 -10.93 29.04
N GLY E 333 -17.13 -10.12 30.01
CA GLY E 333 -17.12 -10.51 31.41
C GLY E 333 -16.35 -9.49 32.21
N THR E 334 -15.81 -9.91 33.35
CA THR E 334 -15.10 -9.00 34.23
C THR E 334 -13.67 -9.45 34.49
N LYS E 335 -12.81 -8.49 34.80
CA LYS E 335 -11.42 -8.77 35.15
C LYS E 335 -11.38 -9.70 36.37
N TYR E 336 -10.43 -10.63 36.37
CA TYR E 336 -10.33 -11.62 37.44
C TYR E 336 -10.22 -11.00 38.82
N ARG E 337 -10.97 -11.57 39.77
CA ARG E 337 -10.87 -11.19 41.16
C ARG E 337 -10.72 -12.42 42.05
N PRO E 338 -9.73 -12.40 42.96
CA PRO E 338 -9.64 -13.46 43.96
C PRO E 338 -10.87 -13.47 44.85
N PRO E 339 -11.27 -14.65 45.34
CA PRO E 339 -12.44 -14.76 46.23
C PRO E 339 -12.25 -13.90 47.49
N ALA E 340 -13.29 -13.16 47.86
CA ALA E 340 -13.20 -12.22 48.96
C ALA E 340 -13.02 -12.94 50.29
N LYS E 341 -12.09 -12.45 51.08
CA LYS E 341 -11.79 -13.02 52.38
C LYS E 341 -12.98 -12.92 53.36
N GLY F 1 -10.61 -0.77 39.02
CA GLY F 1 -9.36 -0.30 38.45
C GLY F 1 -8.64 0.68 39.36
N PHE F 2 -8.07 1.73 38.76
CA PHE F 2 -7.32 2.73 39.52
C PHE F 2 -8.22 3.53 40.47
N PHE F 3 -9.46 3.76 40.05
CA PHE F 3 -10.41 4.49 40.88
C PHE F 3 -10.68 3.73 42.17
N GLY F 4 -11.16 2.49 42.02
CA GLY F 4 -11.40 1.62 43.15
C GLY F 4 -10.20 1.41 44.04
N ALA F 5 -9.02 1.31 43.43
CA ALA F 5 -7.79 1.10 44.17
C ALA F 5 -7.48 2.28 45.09
N ILE F 6 -7.69 3.49 44.57
CA ILE F 6 -7.50 4.70 45.37
C ILE F 6 -8.66 4.92 46.33
N ALA F 7 -9.88 4.63 45.86
CA ALA F 7 -11.08 4.90 46.64
C ALA F 7 -11.29 3.89 47.76
N GLY F 8 -10.48 2.83 47.77
CA GLY F 8 -10.62 1.81 48.79
C GLY F 8 -11.73 0.80 48.56
N PHE F 9 -12.18 0.69 47.30
CA PHE F 9 -13.15 -0.34 46.94
C PHE F 9 -12.57 -1.73 47.19
N LEU F 10 -13.43 -2.69 47.53
CA LEU F 10 -12.98 -4.07 47.75
C LEU F 10 -12.38 -4.63 46.47
N GLU F 11 -11.15 -5.11 46.57
CA GLU F 11 -10.41 -5.60 45.40
C GLU F 11 -10.73 -7.06 45.11
N GLY F 12 -11.25 -7.78 46.10
CA GLY F 12 -11.67 -9.15 45.91
C GLY F 12 -13.01 -9.25 45.20
N GLY F 13 -13.53 -10.47 45.08
CA GLY F 13 -14.81 -10.68 44.43
C GLY F 13 -15.59 -11.79 45.10
N TRP F 14 -16.83 -11.97 44.67
CA TRP F 14 -17.73 -12.89 45.34
C TRP F 14 -18.17 -14.05 44.44
N GLU F 15 -17.65 -15.24 44.76
CA GLU F 15 -17.99 -16.46 44.04
C GLU F 15 -19.49 -16.75 44.03
N GLY F 16 -20.19 -16.27 45.05
CA GLY F 16 -21.62 -16.50 45.16
C GLY F 16 -22.41 -15.66 44.19
N MET F 17 -21.76 -14.62 43.65
CA MET F 17 -22.39 -13.78 42.65
C MET F 17 -22.34 -14.46 41.28
N ILE F 18 -23.30 -15.34 41.03
CA ILE F 18 -23.26 -16.18 39.84
C ILE F 18 -24.27 -15.73 38.77
N ALA F 19 -25.29 -15.02 39.21
CA ALA F 19 -26.38 -14.63 38.31
C ALA F 19 -26.05 -13.35 37.55
N GLY F 20 -24.91 -12.74 37.87
CA GLY F 20 -24.53 -11.49 37.26
C GLY F 20 -23.08 -11.12 37.50
N TRP F 21 -22.65 -10.02 36.90
CA TRP F 21 -21.25 -9.59 36.99
C TRP F 21 -21.09 -8.59 38.11
N HIS F 22 -22.16 -7.85 38.37
CA HIS F 22 -22.12 -6.72 39.29
C HIS F 22 -23.25 -6.91 40.27
N GLY F 23 -23.09 -6.42 41.49
CA GLY F 23 -24.21 -6.39 42.42
C GLY F 23 -23.89 -5.94 43.82
N TYR F 24 -24.51 -6.59 44.79
CA TYR F 24 -24.44 -6.16 46.18
C TYR F 24 -24.06 -7.29 47.12
N THR F 25 -23.40 -6.92 48.21
CA THR F 25 -23.23 -7.82 49.33
C THR F 25 -23.76 -7.16 50.59
N SER F 26 -24.22 -7.97 51.54
CA SER F 26 -24.71 -7.46 52.81
C SER F 26 -23.95 -8.17 53.93
N HIS F 27 -23.47 -7.40 54.89
CA HIS F 27 -22.68 -7.97 55.96
C HIS F 27 -23.28 -7.65 57.32
N GLY F 28 -23.64 -8.70 58.07
CA GLY F 28 -24.26 -8.53 59.36
C GLY F 28 -24.23 -9.80 60.20
N ALA F 29 -25.24 -9.97 61.04
CA ALA F 29 -25.35 -11.15 61.88
C ALA F 29 -25.64 -12.40 61.06
N HIS F 30 -26.31 -12.20 59.94
CA HIS F 30 -26.65 -13.29 59.04
C HIS F 30 -25.40 -13.88 58.37
N GLY F 31 -24.27 -13.19 58.54
CA GLY F 31 -23.06 -13.52 57.84
C GLY F 31 -22.86 -12.59 56.67
N VAL F 32 -22.76 -13.15 55.47
CA VAL F 32 -22.62 -12.34 54.27
C VAL F 32 -23.58 -12.79 53.19
N ALA F 33 -24.51 -11.91 52.83
CA ALA F 33 -25.44 -12.20 51.75
C ALA F 33 -24.91 -11.61 50.46
N VAL F 34 -25.21 -12.25 49.34
CA VAL F 34 -24.72 -11.80 48.04
C VAL F 34 -25.84 -11.84 47.00
N ALA F 35 -26.01 -10.74 46.28
CA ALA F 35 -27.00 -10.67 45.22
C ALA F 35 -26.43 -9.93 44.01
N ALA F 36 -26.67 -10.49 42.82
CA ALA F 36 -26.24 -9.86 41.58
C ALA F 36 -27.29 -8.86 41.11
N ASP F 37 -26.84 -7.74 40.54
CA ASP F 37 -27.75 -6.79 39.93
C ASP F 37 -27.89 -7.09 38.44
N LEU F 38 -29.12 -7.41 38.02
CA LEU F 38 -29.36 -7.83 36.65
C LEU F 38 -29.35 -6.65 35.68
N LYS F 39 -29.83 -5.50 36.14
CA LYS F 39 -29.85 -4.30 35.31
C LYS F 39 -28.44 -3.88 34.92
N SER F 40 -27.54 -3.88 35.89
CA SER F 40 -26.15 -3.49 35.65
C SER F 40 -25.43 -4.49 34.74
N THR F 41 -25.72 -5.77 34.92
CA THR F 41 -25.11 -6.82 34.11
C THR F 41 -25.61 -6.74 32.67
N GLN F 42 -26.90 -6.54 32.49
CA GLN F 42 -27.50 -6.41 31.17
C GLN F 42 -26.91 -5.21 30.41
N GLU F 43 -26.79 -4.09 31.11
CA GLU F 43 -26.23 -2.88 30.52
C GLU F 43 -24.81 -3.12 30.01
N ALA F 44 -24.02 -3.82 30.81
CA ALA F 44 -22.64 -4.15 30.44
C ALA F 44 -22.62 -5.10 29.23
N ILE F 45 -23.53 -6.06 29.22
CA ILE F 45 -23.60 -7.04 28.14
C ILE F 45 -24.04 -6.38 26.83
N ASN F 46 -25.01 -5.47 26.92
CA ASN F 46 -25.49 -4.75 25.75
C ASN F 46 -24.42 -3.85 25.13
N LYS F 47 -23.65 -3.17 25.97
CA LYS F 47 -22.54 -2.35 25.49
C LYS F 47 -21.54 -3.19 24.71
N ILE F 48 -21.18 -4.35 25.25
CA ILE F 48 -20.26 -5.27 24.60
C ILE F 48 -20.84 -5.79 23.29
N THR F 49 -22.15 -6.00 23.26
CA THR F 49 -22.81 -6.51 22.06
C THR F 49 -22.78 -5.47 20.94
N LYS F 50 -23.08 -4.23 21.29
CA LYS F 50 -22.99 -3.12 20.34
C LYS F 50 -21.56 -2.94 19.86
N ASN F 51 -20.62 -3.15 20.77
CA ASN F 51 -19.20 -3.03 20.45
C ASN F 51 -18.78 -4.11 19.46
N LEU F 52 -19.40 -5.28 19.59
CA LEU F 52 -19.16 -6.39 18.68
C LEU F 52 -19.68 -6.07 17.29
N ASN F 53 -20.87 -5.48 17.22
CA ASN F 53 -21.46 -5.10 15.95
C ASN F 53 -20.63 -4.05 15.25
N SER F 54 -20.10 -3.10 16.01
CA SER F 54 -19.29 -2.02 15.48
C SER F 54 -18.01 -2.56 14.85
N LEU F 55 -17.34 -3.46 15.56
CA LEU F 55 -16.12 -4.08 15.07
C LEU F 55 -16.38 -4.94 13.84
N SER F 56 -17.60 -5.47 13.75
CA SER F 56 -17.96 -6.38 12.66
C SER F 56 -18.40 -5.63 11.41
N GLU F 57 -18.56 -4.31 11.54
CA GLU F 57 -19.03 -3.49 10.42
C GLU F 57 -17.91 -3.10 9.45
N LEU F 58 -16.66 -3.24 9.88
CA LEU F 58 -15.52 -2.87 9.04
C LEU F 58 -15.48 -3.66 7.74
N GLU F 59 -15.44 -2.95 6.62
CA GLU F 59 -15.23 -3.57 5.32
C GLU F 59 -13.98 -3.04 4.65
N VAL F 60 -13.16 -3.95 4.12
CA VAL F 60 -12.00 -3.56 3.33
C VAL F 60 -12.04 -4.24 1.96
N LYS F 61 -11.38 -3.62 0.99
CA LYS F 61 -11.36 -4.13 -0.38
C LYS F 61 -10.72 -5.50 -0.48
N ASN F 62 -11.27 -6.36 -1.32
CA ASN F 62 -10.64 -7.63 -1.64
C ASN F 62 -9.26 -7.43 -2.25
N LEU F 63 -8.34 -8.33 -1.93
CA LEU F 63 -7.07 -8.42 -2.63
C LEU F 63 -7.12 -9.59 -3.61
N GLN F 64 -7.06 -9.28 -4.90
CA GLN F 64 -7.00 -10.32 -5.91
C GLN F 64 -5.80 -10.10 -6.83
N ARG F 65 -5.69 -10.93 -7.86
CA ARG F 65 -4.59 -10.86 -8.79
C ARG F 65 -4.75 -9.69 -9.74
N LEU F 66 -3.63 -9.19 -10.25
CA LEU F 66 -3.66 -8.26 -11.37
C LEU F 66 -4.15 -9.03 -12.60
N SER F 67 -5.05 -8.40 -13.36
CA SER F 67 -5.59 -9.06 -14.55
C SER F 67 -4.59 -9.07 -15.69
N GLY F 68 -3.73 -8.04 -15.73
CA GLY F 68 -2.81 -7.86 -16.82
C GLY F 68 -1.45 -8.54 -16.65
N ALA F 69 -0.98 -8.62 -15.41
CA ALA F 69 0.35 -9.16 -15.14
C ALA F 69 0.38 -10.68 -15.25
N MET F 70 1.13 -11.17 -16.22
CA MET F 70 1.25 -12.60 -16.48
C MET F 70 2.42 -13.24 -15.75
N ASN F 71 2.21 -14.44 -15.25
CA ASN F 71 3.27 -15.26 -14.66
C ASN F 71 4.48 -15.38 -15.59
N GLU F 72 5.67 -15.38 -15.01
CA GLU F 72 6.95 -15.47 -15.72
C GLU F 72 7.29 -14.18 -16.47
N LEU F 73 6.41 -13.75 -17.37
CA LEU F 73 6.64 -12.54 -18.15
C LEU F 73 6.72 -11.26 -17.29
N HIS F 74 5.92 -11.21 -16.22
CA HIS F 74 5.81 -10.00 -15.41
C HIS F 74 6.11 -10.25 -13.94
N ASP F 75 7.09 -11.12 -13.66
CA ASP F 75 7.39 -11.52 -12.30
C ASP F 75 7.85 -10.36 -11.40
N GLU F 76 8.55 -9.40 -11.98
CA GLU F 76 8.98 -8.23 -11.21
C GLU F 76 7.78 -7.44 -10.70
N ILE F 77 6.82 -7.20 -11.58
CA ILE F 77 5.58 -6.53 -11.21
C ILE F 77 4.84 -7.35 -10.16
N LEU F 78 4.82 -8.67 -10.36
CA LEU F 78 4.12 -9.59 -9.49
C LEU F 78 4.73 -9.64 -8.09
N GLU F 79 6.04 -9.46 -8.00
CA GLU F 79 6.69 -9.39 -6.70
C GLU F 79 6.24 -8.16 -5.93
N LEU F 80 6.09 -7.05 -6.65
CA LEU F 80 5.63 -5.81 -6.05
C LEU F 80 4.16 -5.92 -5.65
N ASP F 81 3.38 -6.62 -6.46
CA ASP F 81 1.96 -6.83 -6.16
C ASP F 81 1.82 -7.65 -4.87
N GLU F 82 2.71 -8.63 -4.73
CA GLU F 82 2.78 -9.44 -3.52
C GLU F 82 3.11 -8.57 -2.32
N LYS F 83 4.03 -7.63 -2.51
CA LYS F 83 4.45 -6.73 -1.44
C LYS F 83 3.32 -5.80 -1.02
N VAL F 84 2.57 -5.31 -1.99
CA VAL F 84 1.41 -4.45 -1.74
C VAL F 84 0.36 -5.18 -0.91
N ASP F 85 0.12 -6.44 -1.24
CA ASP F 85 -0.84 -7.26 -0.50
C ASP F 85 -0.39 -7.47 0.94
N ASP F 86 0.90 -7.77 1.12
CA ASP F 86 1.44 -8.04 2.44
C ASP F 86 1.35 -6.82 3.35
N LEU F 87 1.68 -5.65 2.79
CA LEU F 87 1.64 -4.40 3.54
C LEU F 87 0.21 -3.98 3.88
N ARG F 88 -0.73 -4.22 2.97
CA ARG F 88 -2.15 -3.97 3.22
C ARG F 88 -2.60 -4.82 4.41
N ALA F 89 -2.29 -6.10 4.34
CA ALA F 89 -2.66 -7.04 5.40
C ALA F 89 -2.07 -6.60 6.73
N ASP F 90 -0.79 -6.23 6.70
CA ASP F 90 -0.08 -5.79 7.90
C ASP F 90 -0.70 -4.55 8.52
N THR F 91 -1.03 -3.57 7.68
CA THR F 91 -1.52 -2.28 8.14
C THR F 91 -2.95 -2.36 8.71
N ILE F 92 -3.83 -3.04 7.99
CA ILE F 92 -5.23 -3.16 8.43
C ILE F 92 -5.30 -4.01 9.70
N SER F 93 -4.46 -5.04 9.78
CA SER F 93 -4.40 -5.88 10.96
C SER F 93 -4.05 -5.07 12.19
N SER F 94 -3.06 -4.18 12.06
CA SER F 94 -2.61 -3.36 13.17
C SER F 94 -3.66 -2.31 13.54
N GLN F 95 -4.44 -1.88 12.54
CA GLN F 95 -5.53 -0.95 12.78
C GLN F 95 -6.66 -1.63 13.55
N ILE F 96 -6.94 -2.88 13.18
CA ILE F 96 -7.99 -3.65 13.83
C ILE F 96 -7.61 -3.97 15.28
N GLU F 97 -6.34 -4.28 15.49
CA GLU F 97 -5.82 -4.58 16.82
C GLU F 97 -5.97 -3.37 17.74
N LEU F 98 -5.78 -2.19 17.18
CA LEU F 98 -5.95 -0.94 17.92
C LEU F 98 -7.41 -0.74 18.28
N ALA F 99 -8.29 -1.02 17.32
CA ALA F 99 -9.73 -0.86 17.53
C ALA F 99 -10.24 -1.80 18.62
N VAL F 100 -9.71 -3.02 18.61
CA VAL F 100 -10.10 -4.03 19.59
C VAL F 100 -9.52 -3.69 20.97
N LEU F 101 -8.30 -3.17 20.99
CA LEU F 101 -7.65 -2.76 22.22
C LEU F 101 -8.44 -1.68 22.95
N LEU F 102 -8.84 -0.65 22.20
CA LEU F 102 -9.62 0.45 22.79
C LEU F 102 -10.98 -0.03 23.27
N SER F 103 -11.52 -1.02 22.59
CA SER F 103 -12.80 -1.62 22.98
C SER F 103 -12.66 -2.33 24.33
N ASN F 104 -11.64 -3.18 24.42
CA ASN F 104 -11.36 -3.92 25.64
C ASN F 104 -10.99 -2.97 26.77
N GLU F 105 -10.28 -1.90 26.41
CA GLU F 105 -9.92 -0.86 27.36
C GLU F 105 -11.18 -0.27 28.00
N GLY F 106 -12.16 0.07 27.16
CA GLY F 106 -13.43 0.58 27.62
C GLY F 106 -14.20 -0.37 28.52
N ILE F 107 -14.26 -1.63 28.13
CA ILE F 107 -15.06 -2.63 28.85
C ILE F 107 -14.50 -2.88 30.25
N ILE F 108 -13.19 -3.07 30.34
CA ILE F 108 -12.53 -3.29 31.63
C ILE F 108 -12.64 -2.06 32.53
N ASN F 109 -12.39 -0.89 31.96
CA ASN F 109 -12.43 0.37 32.71
C ASN F 109 -13.81 0.74 33.26
N SER F 110 -14.86 0.28 32.58
CA SER F 110 -16.23 0.67 32.94
C SER F 110 -16.74 -0.04 34.19
N GLU F 111 -15.97 -1.01 34.68
CA GLU F 111 -16.36 -1.80 35.85
C GLU F 111 -16.62 -0.91 37.06
N ASP F 112 -15.65 -0.07 37.40
CA ASP F 112 -15.78 0.80 38.56
C ASP F 112 -16.91 1.80 38.37
N GLU F 113 -17.21 2.14 37.12
CA GLU F 113 -18.29 3.06 36.83
C GLU F 113 -19.64 2.39 37.06
N HIS F 114 -19.70 1.07 36.85
CA HIS F 114 -20.88 0.30 37.19
C HIS F 114 -21.09 0.28 38.70
N LEU F 115 -20.01 0.09 39.45
CA LEU F 115 -20.07 0.08 40.91
C LEU F 115 -20.54 1.45 41.44
N LEU F 116 -20.05 2.51 40.80
CA LEU F 116 -20.43 3.87 41.19
C LEU F 116 -21.90 4.13 40.91
N ALA F 117 -22.42 3.51 39.85
CA ALA F 117 -23.83 3.67 39.50
C ALA F 117 -24.71 2.85 40.43
N LEU F 118 -24.21 1.69 40.85
CA LEU F 118 -24.92 0.84 41.78
C LEU F 118 -25.02 1.49 43.16
N GLU F 119 -24.05 2.36 43.45
CA GLU F 119 -24.08 3.16 44.67
C GLU F 119 -25.33 4.03 44.72
N ARG F 120 -25.64 4.65 43.59
CA ARG F 120 -26.77 5.57 43.51
C ARG F 120 -28.10 4.84 43.60
N LYS F 121 -28.15 3.63 43.03
CA LYS F 121 -29.34 2.78 43.12
C LYS F 121 -29.55 2.36 44.57
N LEU F 122 -28.47 1.92 45.20
CA LEU F 122 -28.50 1.47 46.59
C LEU F 122 -28.91 2.61 47.53
N LYS F 123 -28.22 3.74 47.39
CA LYS F 123 -28.43 4.91 48.25
C LYS F 123 -29.89 5.36 48.32
N LYS F 124 -30.55 5.45 47.16
CA LYS F 124 -31.93 5.93 47.11
C LYS F 124 -32.88 4.97 47.82
N MET F 125 -32.66 3.68 47.63
CA MET F 125 -33.50 2.67 48.26
C MET F 125 -33.31 2.63 49.79
N LEU F 126 -32.08 2.80 50.24
CA LEU F 126 -31.77 2.70 51.66
C LEU F 126 -32.36 3.83 52.49
N GLY F 127 -32.64 4.96 51.85
CA GLY F 127 -33.23 6.09 52.53
C GLY F 127 -32.22 6.90 53.32
N PRO F 128 -32.64 8.07 53.82
CA PRO F 128 -31.77 9.05 54.49
C PRO F 128 -31.22 8.60 55.84
N SER F 129 -31.65 7.45 56.36
CA SER F 129 -31.14 6.99 57.65
C SER F 129 -29.86 6.17 57.50
N ALA F 130 -29.54 5.79 56.27
CA ALA F 130 -28.31 5.04 56.00
C ALA F 130 -27.14 6.00 55.88
N VAL F 131 -25.94 5.53 56.19
CA VAL F 131 -24.75 6.37 56.17
C VAL F 131 -23.77 5.94 55.07
N GLU F 132 -23.45 6.88 54.19
CA GLU F 132 -22.56 6.63 53.07
C GLU F 132 -21.10 6.74 53.51
N ILE F 133 -20.35 5.65 53.35
CA ILE F 133 -18.96 5.61 53.82
C ILE F 133 -17.99 6.18 52.79
N GLY F 134 -18.21 5.88 51.52
CA GLY F 134 -17.34 6.37 50.46
C GLY F 134 -16.64 5.26 49.71
N ASN F 135 -16.48 4.12 50.37
CA ASN F 135 -15.76 2.99 49.77
C ASN F 135 -16.69 2.04 49.03
N GLY F 136 -17.89 2.54 48.69
CA GLY F 136 -18.88 1.73 48.02
C GLY F 136 -19.83 1.06 48.99
N CYS F 137 -19.67 1.35 50.28
CA CYS F 137 -20.47 0.71 51.31
C CYS F 137 -21.39 1.70 52.02
N PHE F 138 -22.47 1.17 52.58
CA PHE F 138 -23.40 1.96 53.39
C PHE F 138 -23.64 1.24 54.71
N GLU F 139 -23.70 2.00 55.80
CA GLU F 139 -24.07 1.43 57.08
C GLU F 139 -25.56 1.64 57.32
N THR F 140 -26.28 0.56 57.55
CA THR F 140 -27.72 0.64 57.79
C THR F 140 -28.06 0.52 59.27
N LYS F 141 -29.18 1.12 59.65
CA LYS F 141 -29.67 1.01 61.01
C LYS F 141 -30.35 -0.35 61.25
N HIS F 142 -30.88 -0.93 60.19
CA HIS F 142 -31.61 -2.19 60.28
C HIS F 142 -30.75 -3.37 59.84
N LYS F 143 -31.22 -4.58 60.12
CA LYS F 143 -30.58 -5.78 59.60
C LYS F 143 -31.03 -6.01 58.15
N CYS F 144 -30.14 -6.55 57.34
CA CYS F 144 -30.48 -6.94 55.97
C CYS F 144 -29.87 -8.29 55.61
N ASN F 145 -30.65 -9.37 55.74
CA ASN F 145 -30.15 -10.68 55.34
C ASN F 145 -30.41 -10.91 53.86
N GLN F 146 -30.17 -12.13 53.38
CA GLN F 146 -30.33 -12.47 51.97
C GLN F 146 -31.71 -12.15 51.40
N THR F 147 -32.75 -12.34 52.20
CA THR F 147 -34.11 -12.03 51.75
C THR F 147 -34.23 -10.54 51.48
N CYS F 148 -33.58 -9.76 52.33
CA CYS F 148 -33.55 -8.30 52.18
C CYS F 148 -32.72 -7.88 50.97
N LEU F 149 -31.48 -8.36 50.91
CA LEU F 149 -30.60 -8.06 49.78
C LEU F 149 -31.21 -8.37 48.42
N ASP F 150 -31.96 -9.45 48.32
CA ASP F 150 -32.62 -9.80 47.07
C ASP F 150 -33.63 -8.73 46.68
N ARG F 151 -34.25 -8.11 47.68
CA ARG F 151 -35.22 -7.06 47.44
C ARG F 151 -34.53 -5.77 46.97
N ILE F 152 -33.30 -5.57 47.46
CA ILE F 152 -32.49 -4.44 47.01
C ILE F 152 -32.10 -4.62 45.55
N ALA F 153 -31.53 -5.77 45.23
CA ALA F 153 -31.15 -6.09 43.86
C ALA F 153 -32.33 -6.04 42.91
N ALA F 154 -33.51 -6.43 43.41
CA ALA F 154 -34.72 -6.44 42.59
C ALA F 154 -35.38 -5.06 42.54
N GLY F 155 -34.89 -4.12 43.34
CA GLY F 155 -35.42 -2.77 43.36
C GLY F 155 -36.75 -2.60 44.08
N THR F 156 -37.09 -3.55 44.94
CA THR F 156 -38.38 -3.51 45.64
C THR F 156 -38.22 -3.09 47.11
N PHE F 157 -36.98 -3.05 47.58
CA PHE F 157 -36.68 -2.69 48.95
C PHE F 157 -37.30 -1.35 49.35
N ASN F 158 -38.03 -1.35 50.46
CA ASN F 158 -38.58 -0.13 51.03
C ASN F 158 -38.10 0.04 52.47
N ALA F 159 -37.74 1.27 52.84
CA ALA F 159 -37.21 1.52 54.18
C ALA F 159 -38.32 1.53 55.22
N GLY F 160 -39.56 1.77 54.77
CA GLY F 160 -40.71 1.73 55.65
C GLY F 160 -40.97 0.36 56.22
N ASP F 161 -40.43 -0.67 55.55
CA ASP F 161 -40.56 -2.05 56.00
C ASP F 161 -39.69 -2.31 57.24
N PHE F 162 -38.92 -1.31 57.63
CA PHE F 162 -38.17 -1.34 58.88
C PHE F 162 -38.49 -0.10 59.70
N SER F 163 -39.60 0.53 59.34
CA SER F 163 -40.08 1.76 59.98
C SER F 163 -39.05 2.88 59.89
N LEU F 164 -38.14 2.76 58.92
CA LEU F 164 -37.13 3.79 58.67
C LEU F 164 -37.61 4.75 57.58
N PRO F 165 -37.07 5.98 57.58
CA PRO F 165 -37.52 6.97 56.59
C PRO F 165 -37.06 6.67 55.17
N THR F 166 -37.86 7.12 54.21
CA THR F 166 -37.56 6.97 52.80
C THR F 166 -37.40 8.35 52.20
N PHE F 167 -36.76 8.44 51.04
CA PHE F 167 -36.90 9.65 50.26
C PHE F 167 -38.30 9.60 49.66
N ASP F 168 -39.12 10.57 50.03
CA ASP F 168 -40.52 10.61 49.62
C ASP F 168 -40.68 10.87 48.13
#